data_9PYW
#
_entry.id   9PYW
#
loop_
_entity.id
_entity.type
_entity.pdbx_description
1 polymer 'RNA-directed RNA polymerase nsp12'
2 polymer 'Non-structural protein 8'
3 polymer 'Non-structural protein 7'
4 polymer 'Primer RNA'
5 polymer 'Template RNA'
6 non-polymer 'ZINC ION'
7 non-polymer 'MAGNESIUM ION'
#
loop_
_entity_poly.entity_id
_entity_poly.type
_entity_poly.pdbx_seq_one_letter_code
_entity_poly.pdbx_strand_id
1 'polypeptide(L)'
;MGSADAQSFLNRVCGVSAARLTPCGTGTSTDVVYRAFDIYNDKVAGFAKFLKTNCCRFQEKDEDDNLIDSYFVVKRHTFS
NYQHEETIYNLLKDCPAVAKHDFFKFRIDGDMVPHISRQRLTKYTMADLVYALRHFDEGNCDTLKEILVTYNCCDDDYFN
KKDWYDFVENPDILRVYANLGERVRQALLKTVQFCDAMRNAGIVGVLTLDNQDLNGNWYDFGDFIQTTPGSGVPVVDSYY
SLLMPILTLTRALTAESHVDTDLTKPYIKWDLLKYDFTEERLKLFDRYFKYWDQTYHPNCVNCLDDRCILHCANFNVLFS
TVFPPTSFGPLVRKIFVDGVPFVVSTGYHFRELGVVHNQDVNLHSSRLSFKELLVYAADPAMHAASGNLLLDKRTTCFSV
AALTNNVAFQTVKPGNFNKDFYDFAVSKGFFKEGSSVELKHFFFAQDGNAAISDYDYYRYNLPTMCDIRQLLFVVEVVDK
YFDCYDGGCINANQVIVNNLDKSAGFPFNKWGKARLYYDSMSYEDQDALFAYTKRNVIPTITQMNLKYAISAKNRARTVA
GVSICSTMTNRQFHQKLLKSIAATRGATVVIGTSKFYGGWHNMLKTVYSDVENPHLMGWDYPKCDRAMPNMLRIMASLVL
ARKHTTCCSLSHRFYRLANECAQVLSEMVMCGGSLYVKPGGTSSGDATTAYANSVFNICQAVTANVNALLSTDGNKIADK
YVRNLQHRLYECLYRNRDVDTDFVNEFYAYLRKHFSMMILSDDAVVCFNSTYASQGLVASIKNFKSVLYYQNNVFMSEAK
CWTETDLTKGPHEFCSQHTMLVKQGDDYVYLPYPDPSRILGAGCFVDDIVKTDGTLMIERFVSLAIDAYPLTKHPNQEYA
DVFHLYLQYIRKLHDELTGHMLDMYSVMLTNDNTSRYWEPEFYEAMYTPHTVLQENLYFQGSWSHPQFEKGGSGSSWSHP
QFEK
;
A
2 'polypeptide(L)'
;GAIASEFSSLPSYAAFATAQEAYEQAVANGDSEVVLKKLKKSLNVAKSEFDRDAAMQRKLEKMADQAMTQMYKQARSEDK
RAKVTSAMQTMLFTMLRKLDNDALNNIINNARDGCVPLNIIPLTTAAKLMVVIPDYNTYKNTCDGTTFTYASALWEIQQV
VDADSKIVQLSEISMDNSPNLAWPLIVTALRANSAVKLQ
;
B,D
3 'polypeptide(L)'
;GSKMSDVKCTSVVLLSVLQQLRVESSSKLWAQCVQLHNDILLAKDTTEAFEKMVSLLSVLLSMQGAVDINKLCEEMLDNR
ATLQ
;
C
4 'polyribonucleotide' CAUUCUCCUAAGAAGCUAUUAAAAUCACA(UAR) P
5 'polyribonucleotide' UUUUCCCAAUGUGAUUUUAAUAGCUUCUUAGGAGAAUG T
#
# COMPACT_ATOMS: atom_id res chain seq x y z
N ALA A 4 -25.22 37.75 52.03
CA ALA A 4 -24.76 37.61 53.43
C ALA A 4 -24.26 36.19 53.74
N ASP A 5 -25.14 35.18 53.80
CA ASP A 5 -24.81 33.84 54.32
C ASP A 5 -23.72 33.06 53.55
N ALA A 6 -23.45 33.42 52.29
CA ALA A 6 -22.36 32.83 51.51
C ALA A 6 -20.97 33.06 52.12
N GLN A 7 -20.76 34.16 52.88
CA GLN A 7 -19.46 34.48 53.47
C GLN A 7 -19.07 33.53 54.61
N SER A 8 -19.98 33.24 55.54
CA SER A 8 -19.71 32.29 56.63
C SER A 8 -19.55 30.85 56.10
N PHE A 9 -20.29 30.48 55.04
CA PHE A 9 -20.05 29.22 54.33
C PHE A 9 -18.66 29.19 53.68
N LEU A 10 -18.28 30.22 52.92
CA LEU A 10 -16.96 30.33 52.29
C LEU A 10 -15.82 30.25 53.32
N ASN A 11 -15.91 30.96 54.45
CA ASN A 11 -14.92 30.86 55.51
C ASN A 11 -14.84 29.46 56.13
N ARG A 12 -15.94 28.71 56.26
CA ARG A 12 -15.88 27.30 56.72
C ARG A 12 -15.29 26.38 55.65
N VAL A 13 -15.48 26.66 54.37
CA VAL A 13 -14.83 25.90 53.28
C VAL A 13 -13.32 26.13 53.23
N CYS A 14 -12.81 27.33 53.57
CA CYS A 14 -11.39 27.54 53.83
C CYS A 14 -10.93 26.71 55.06
N GLY A 15 -11.65 26.83 56.17
CA GLY A 15 -11.42 26.05 57.39
C GLY A 15 -10.02 26.23 57.99
N VAL A 16 -9.44 25.13 58.47
CA VAL A 16 -8.09 25.08 59.09
C VAL A 16 -6.98 25.38 58.08
N SER A 17 -7.20 25.11 56.80
CA SER A 17 -6.18 25.21 55.75
C SER A 17 -5.77 26.65 55.42
N ALA A 18 -4.52 26.86 55.00
CA ALA A 18 -4.07 28.11 54.39
C ALA A 18 -4.49 28.12 52.91
N ALA A 19 -5.54 28.87 52.58
CA ALA A 19 -6.09 29.00 51.23
C ALA A 19 -6.74 30.38 51.05
N ARG A 20 -6.94 30.84 49.80
CA ARG A 20 -7.52 32.16 49.49
C ARG A 20 -8.57 32.00 48.39
N LEU A 21 -9.74 31.47 48.75
CA LEU A 21 -10.76 31.03 47.81
C LEU A 21 -11.59 32.17 47.21
N THR A 22 -11.89 32.06 45.91
CA THR A 22 -12.97 32.78 45.22
C THR A 22 -14.05 31.79 44.77
N PRO A 23 -15.36 32.08 44.94
CA PRO A 23 -16.42 31.19 44.48
C PRO A 23 -16.48 31.13 42.94
N CYS A 24 -16.76 29.94 42.40
CA CYS A 24 -16.84 29.68 40.96
C CYS A 24 -18.28 29.86 40.40
N GLY A 25 -19.25 30.24 41.24
CA GLY A 25 -20.65 30.43 40.89
C GLY A 25 -21.42 31.21 41.97
N THR A 26 -22.74 31.01 42.07
CA THR A 26 -23.60 31.61 43.11
C THR A 26 -23.22 31.13 44.52
N GLY A 27 -23.48 31.93 45.55
CA GLY A 27 -22.84 31.78 46.87
C GLY A 27 -23.16 30.50 47.65
N THR A 28 -24.40 29.99 47.59
CA THR A 28 -24.87 28.86 48.40
C THR A 28 -25.44 27.69 47.58
N SER A 29 -26.00 27.95 46.39
CA SER A 29 -26.47 26.91 45.46
C SER A 29 -25.31 26.25 44.70
N THR A 30 -25.56 25.08 44.10
CA THR A 30 -24.53 24.28 43.40
C THR A 30 -24.15 24.87 42.04
N ASP A 31 -22.95 24.56 41.56
CA ASP A 31 -22.53 24.78 40.18
C ASP A 31 -23.02 23.61 39.29
N VAL A 32 -23.04 23.76 37.96
CA VAL A 32 -23.43 22.70 37.02
C VAL A 32 -22.42 22.60 35.88
N VAL A 33 -21.90 21.39 35.61
CA VAL A 33 -20.81 21.14 34.65
C VAL A 33 -21.04 19.88 33.82
N TYR A 34 -20.51 19.85 32.60
CA TYR A 34 -20.63 18.72 31.67
C TYR A 34 -19.29 17.96 31.64
N ARG A 35 -19.26 16.67 31.99
CA ARG A 35 -18.03 15.90 32.29
C ARG A 35 -18.14 14.44 31.86
N ALA A 36 -17.02 13.76 31.58
CA ALA A 36 -17.02 12.37 31.14
C ALA A 36 -16.95 11.38 32.33
N PHE A 37 -17.75 10.31 32.28
CA PHE A 37 -17.87 9.30 33.35
C PHE A 37 -17.83 7.88 32.81
N ASP A 38 -17.04 6.99 33.42
CA ASP A 38 -17.15 5.54 33.26
C ASP A 38 -18.22 5.03 34.24
N ILE A 39 -19.39 4.62 33.76
CA ILE A 39 -20.57 4.32 34.59
C ILE A 39 -21.12 2.93 34.32
N TYR A 40 -21.51 2.22 35.36
CA TYR A 40 -22.18 0.93 35.33
C TYR A 40 -23.08 0.80 36.55
N ASN A 41 -24.36 0.53 36.35
CA ASN A 41 -25.43 0.71 37.32
C ASN A 41 -26.63 -0.17 36.94
N ASP A 42 -27.62 -0.35 37.81
CA ASP A 42 -28.88 -1.03 37.46
C ASP A 42 -29.63 -0.36 36.28
N LYS A 43 -29.52 0.96 36.12
CA LYS A 43 -30.25 1.76 35.12
C LYS A 43 -29.52 1.98 33.78
N VAL A 44 -28.19 2.02 33.78
CA VAL A 44 -27.36 2.53 32.68
C VAL A 44 -25.97 1.90 32.68
N ALA A 45 -25.29 1.85 31.53
CA ALA A 45 -23.86 1.56 31.46
C ALA A 45 -23.22 2.26 30.25
N GLY A 46 -21.97 2.68 30.34
CA GLY A 46 -21.25 3.32 29.24
C GLY A 46 -20.08 4.21 29.66
N PHE A 47 -19.47 4.87 28.68
CA PHE A 47 -18.40 5.86 28.87
C PHE A 47 -18.74 7.13 28.09
N ALA A 48 -19.48 8.03 28.72
CA ALA A 48 -20.19 9.14 28.07
C ALA A 48 -20.09 10.44 28.86
N LYS A 49 -20.46 11.57 28.24
CA LYS A 49 -20.59 12.85 28.94
C LYS A 49 -21.96 13.01 29.58
N PHE A 50 -21.98 13.39 30.85
CA PHE A 50 -23.17 13.65 31.65
C PHE A 50 -23.06 15.00 32.35
N LEU A 51 -24.18 15.64 32.66
CA LEU A 51 -24.25 16.78 33.57
C LEU A 51 -24.05 16.35 35.03
N LYS A 52 -23.20 17.07 35.77
CA LYS A 52 -23.00 16.93 37.22
C LYS A 52 -23.57 18.14 37.95
N THR A 53 -24.38 17.92 38.98
CA THR A 53 -25.20 18.95 39.64
C THR A 53 -25.04 19.02 41.17
N ASN A 54 -24.34 18.07 41.79
CA ASN A 54 -24.23 17.91 43.25
C ASN A 54 -23.34 18.96 43.94
N CYS A 55 -22.39 19.56 43.22
CA CYS A 55 -21.21 20.21 43.79
C CYS A 55 -21.23 21.74 43.67
N CYS A 56 -20.83 22.46 44.71
CA CYS A 56 -20.42 23.87 44.64
C CYS A 56 -18.89 23.99 44.71
N ARG A 57 -18.32 24.80 43.81
CA ARG A 57 -16.87 24.85 43.53
C ARG A 57 -16.29 26.21 43.90
N PHE A 58 -15.07 26.20 44.43
CA PHE A 58 -14.29 27.38 44.75
C PHE A 58 -12.87 27.22 44.19
N GLN A 59 -12.18 28.30 43.86
CA GLN A 59 -10.83 28.25 43.28
C GLN A 59 -9.85 29.09 44.10
N GLU A 60 -8.62 28.62 44.31
CA GLU A 60 -7.60 29.41 44.99
C GLU A 60 -7.00 30.54 44.15
N LYS A 61 -6.81 31.68 44.79
CA LYS A 61 -5.76 32.64 44.44
C LYS A 61 -4.46 32.30 45.18
N ASP A 62 -3.33 32.59 44.57
CA ASP A 62 -2.04 32.57 45.25
C ASP A 62 -1.86 33.77 46.22
N GLU A 63 -0.72 33.82 46.90
CA GLU A 63 -0.42 34.88 47.88
C GLU A 63 0.02 36.22 47.26
N ASP A 64 -0.14 36.41 45.94
CA ASP A 64 -0.06 37.71 45.27
C ASP A 64 -1.21 37.95 44.27
N ASP A 65 -2.42 37.53 44.67
CA ASP A 65 -3.71 37.91 44.09
C ASP A 65 -3.99 37.43 42.65
N ASN A 66 -3.40 36.31 42.22
CA ASN A 66 -3.65 35.69 40.90
C ASN A 66 -4.20 34.26 41.02
N LEU A 67 -5.15 33.88 40.15
CA LEU A 67 -5.78 32.55 40.19
C LEU A 67 -4.84 31.42 39.73
N ILE A 68 -4.98 30.25 40.34
CA ILE A 68 -4.17 29.05 40.05
C ILE A 68 -5.06 27.81 39.87
N ASP A 69 -4.50 26.76 39.26
CA ASP A 69 -5.17 25.46 39.05
C ASP A 69 -5.26 24.64 40.35
N SER A 70 -6.13 25.06 41.26
CA SER A 70 -6.46 24.36 42.50
C SER A 70 -7.86 24.73 42.94
N TYR A 71 -8.76 23.76 42.96
CA TYR A 71 -10.17 23.92 43.29
C TYR A 71 -10.53 23.18 44.58
N PHE A 72 -11.41 23.76 45.37
CA PHE A 72 -12.06 23.10 46.50
C PHE A 72 -13.48 22.74 46.05
N VAL A 73 -13.85 21.46 46.11
CA VAL A 73 -15.14 20.96 45.62
C VAL A 73 -15.96 20.49 46.80
N VAL A 74 -17.14 21.06 47.00
CA VAL A 74 -17.99 20.79 48.18
C VAL A 74 -19.32 20.17 47.74
N LYS A 75 -19.79 19.11 48.40
CA LYS A 75 -21.08 18.47 48.06
C LYS A 75 -21.89 18.04 49.30
N ARG A 76 -23.19 17.84 49.10
CA ARG A 76 -24.21 17.57 50.13
C ARG A 76 -24.70 16.11 50.08
N HIS A 77 -25.01 15.54 51.23
CA HIS A 77 -25.23 14.09 51.41
C HIS A 77 -26.50 13.76 52.20
N THR A 78 -26.97 12.51 52.05
CA THR A 78 -27.78 11.83 53.07
C THR A 78 -26.89 11.44 54.25
N PHE A 79 -27.34 11.60 55.50
CA PHE A 79 -26.47 11.42 56.68
C PHE A 79 -25.85 10.03 56.80
N SER A 80 -26.56 8.97 56.37
CA SER A 80 -26.00 7.61 56.28
C SER A 80 -24.82 7.49 55.31
N ASN A 81 -24.84 8.21 54.18
CA ASN A 81 -23.75 8.21 53.20
C ASN A 81 -22.56 9.02 53.69
N TYR A 82 -22.79 10.15 54.37
CA TYR A 82 -21.76 10.95 55.03
C TYR A 82 -21.01 10.13 56.09
N GLN A 83 -21.71 9.37 56.95
CA GLN A 83 -21.07 8.47 57.92
C GLN A 83 -20.25 7.36 57.25
N HIS A 84 -20.74 6.79 56.15
CA HIS A 84 -20.02 5.73 55.44
C HIS A 84 -18.74 6.23 54.76
N GLU A 85 -18.80 7.34 54.03
CA GLU A 85 -17.60 7.88 53.36
C GLU A 85 -16.57 8.37 54.39
N GLU A 86 -16.97 8.93 55.53
CA GLU A 86 -16.04 9.25 56.62
C GLU A 86 -15.40 7.99 57.24
N THR A 87 -16.17 6.91 57.40
CA THR A 87 -15.64 5.63 57.93
C THR A 87 -14.59 5.01 57.01
N ILE A 88 -14.80 5.00 55.70
CA ILE A 88 -13.81 4.49 54.74
C ILE A 88 -12.62 5.45 54.58
N TYR A 89 -12.83 6.76 54.59
CA TYR A 89 -11.74 7.73 54.52
C TYR A 89 -10.74 7.55 55.68
N ASN A 90 -11.22 7.38 56.91
CA ASN A 90 -10.34 7.23 58.08
C ASN A 90 -9.46 5.96 58.06
N LEU A 91 -9.72 4.98 57.19
CA LEU A 91 -8.80 3.87 56.93
C LEU A 91 -7.70 4.24 55.91
N LEU A 92 -8.03 4.96 54.82
CA LEU A 92 -7.03 5.30 53.76
C LEU A 92 -6.33 6.64 54.05
N LYS A 93 -6.71 7.34 55.10
CA LYS A 93 -6.20 8.65 55.55
C LYS A 93 -4.69 8.83 55.48
N ASP A 94 -3.92 7.78 55.78
CA ASP A 94 -2.45 7.80 55.79
C ASP A 94 -1.80 7.72 54.40
N CYS A 95 -2.55 7.34 53.36
CA CYS A 95 -2.02 7.11 52.02
C CYS A 95 -1.68 8.44 51.29
N PRO A 96 -0.51 8.57 50.64
CA PRO A 96 -0.17 9.77 49.86
C PRO A 96 -0.93 9.90 48.53
N ALA A 97 -1.61 8.86 48.05
CA ALA A 97 -2.42 8.87 46.82
C ALA A 97 -3.86 9.39 47.01
N VAL A 98 -4.27 9.79 48.22
CA VAL A 98 -5.65 10.19 48.55
C VAL A 98 -5.76 11.70 48.69
N ALA A 99 -6.74 12.33 48.04
CA ALA A 99 -7.00 13.77 48.19
C ALA A 99 -7.49 14.08 49.61
N LYS A 100 -7.08 15.22 50.20
CA LYS A 100 -7.53 15.61 51.54
C LYS A 100 -9.01 15.96 51.56
N HIS A 101 -9.74 15.43 52.54
CA HIS A 101 -11.17 15.64 52.74
C HIS A 101 -11.43 16.37 54.07
N ASP A 102 -12.49 17.17 54.15
CA ASP A 102 -13.04 17.67 55.41
C ASP A 102 -14.56 17.43 55.46
N PHE A 103 -15.06 16.94 56.60
CA PHE A 103 -16.46 16.57 56.81
C PHE A 103 -17.09 17.52 57.84
N PHE A 104 -18.19 18.20 57.50
CA PHE A 104 -18.82 19.18 58.40
C PHE A 104 -20.34 19.33 58.17
N LYS A 105 -21.05 19.80 59.20
CA LYS A 105 -22.48 20.15 59.14
C LYS A 105 -22.67 21.67 59.17
N PHE A 106 -23.52 22.18 58.29
CA PHE A 106 -23.80 23.61 58.11
C PHE A 106 -25.28 23.81 57.70
N ARG A 107 -25.84 25.00 57.89
CA ARG A 107 -27.28 25.25 57.68
C ARG A 107 -27.58 25.88 56.31
N ILE A 108 -28.61 25.37 55.64
CA ILE A 108 -29.20 25.94 54.43
C ILE A 108 -30.73 25.92 54.53
N ASP A 109 -31.40 26.95 54.02
CA ASP A 109 -32.87 27.12 54.07
C ASP A 109 -33.49 26.93 55.48
N GLY A 110 -32.72 27.26 56.53
CA GLY A 110 -33.14 27.16 57.93
C GLY A 110 -32.94 25.80 58.62
N ASP A 111 -32.27 24.83 57.98
CA ASP A 111 -32.06 23.47 58.54
C ASP A 111 -30.63 22.93 58.29
N MET A 112 -30.17 22.00 59.12
CA MET A 112 -28.83 21.40 59.08
C MET A 112 -28.66 20.41 57.92
N VAL A 113 -27.55 20.50 57.18
CA VAL A 113 -27.19 19.55 56.10
C VAL A 113 -25.73 19.11 56.23
N PRO A 114 -25.43 17.79 56.12
CA PRO A 114 -24.05 17.31 56.10
C PRO A 114 -23.38 17.55 54.74
N HIS A 115 -22.21 18.18 54.77
CA HIS A 115 -21.38 18.52 53.61
C HIS A 115 -20.02 17.82 53.72
N ILE A 116 -19.38 17.55 52.58
CA ILE A 116 -17.95 17.23 52.55
C ILE A 116 -17.23 18.16 51.58
N SER A 117 -15.99 18.52 51.89
CA SER A 117 -15.12 19.37 51.08
C SER A 117 -13.87 18.59 50.67
N ARG A 118 -13.54 18.60 49.38
CA ARG A 118 -12.36 17.95 48.82
C ARG A 118 -11.39 19.02 48.34
N GLN A 119 -10.14 18.94 48.78
CA GLN A 119 -9.20 20.06 48.71
C GLN A 119 -8.15 19.88 47.61
N ARG A 120 -7.90 20.94 46.84
CA ARG A 120 -6.81 21.05 45.86
C ARG A 120 -6.88 20.04 44.71
N LEU A 121 -8.07 19.89 44.14
CA LEU A 121 -8.29 19.12 42.91
C LEU A 121 -8.00 19.98 41.66
N THR A 122 -7.60 19.36 40.55
CA THR A 122 -7.50 20.02 39.22
C THR A 122 -8.88 20.29 38.62
N LYS A 123 -9.00 21.15 37.61
CA LYS A 123 -10.28 21.41 36.90
C LYS A 123 -10.88 20.17 36.24
N TYR A 124 -10.04 19.30 35.70
CA TYR A 124 -10.38 18.10 34.94
C TYR A 124 -9.79 16.83 35.58
N THR A 125 -10.41 15.67 35.30
CA THR A 125 -10.03 14.35 35.82
C THR A 125 -9.29 13.52 34.77
N MET A 126 -8.80 12.33 35.12
CA MET A 126 -8.22 11.44 34.11
C MET A 126 -9.25 11.01 33.04
N ALA A 127 -10.53 10.89 33.40
CA ALA A 127 -11.60 10.53 32.45
C ALA A 127 -11.83 11.58 31.38
N ASP A 128 -11.63 12.86 31.67
CA ASP A 128 -11.76 13.93 30.68
C ASP A 128 -10.63 13.90 29.65
N LEU A 129 -9.40 13.61 30.07
CA LEU A 129 -8.27 13.41 29.16
C LEU A 129 -8.48 12.18 28.25
N VAL A 130 -8.91 11.06 28.83
CA VAL A 130 -9.16 9.82 28.09
C VAL A 130 -10.35 9.96 27.12
N TYR A 131 -11.46 10.62 27.51
CA TYR A 131 -12.58 10.88 26.60
C TYR A 131 -12.19 11.86 25.49
N ALA A 132 -11.49 12.95 25.80
CA ALA A 132 -11.12 13.97 24.82
C ALA A 132 -10.21 13.47 23.69
N LEU A 133 -9.33 12.50 23.96
CA LEU A 133 -8.47 11.88 22.96
C LEU A 133 -9.12 10.68 22.25
N ARG A 134 -9.99 9.91 22.90
CA ARG A 134 -10.68 8.75 22.27
C ARG A 134 -11.92 9.12 21.47
N HIS A 135 -12.59 10.24 21.77
CA HIS A 135 -13.76 10.77 21.07
C HIS A 135 -13.48 12.13 20.43
N PHE A 136 -12.41 12.21 19.65
CA PHE A 136 -11.93 13.44 19.02
C PHE A 136 -12.85 13.96 17.90
N ASP A 137 -13.02 15.28 17.82
CA ASP A 137 -13.68 16.03 16.74
C ASP A 137 -13.10 17.44 16.67
N GLU A 138 -12.54 17.88 15.53
CA GLU A 138 -11.73 19.12 15.49
C GLU A 138 -12.53 20.42 15.62
N GLY A 139 -13.86 20.36 15.48
CA GLY A 139 -14.77 21.48 15.70
C GLY A 139 -15.27 21.63 17.15
N ASN A 140 -14.84 20.77 18.08
CA ASN A 140 -15.32 20.73 19.46
C ASN A 140 -14.19 20.45 20.49
N CYS A 141 -12.97 20.88 20.19
CA CYS A 141 -11.74 20.61 20.93
C CYS A 141 -11.51 21.37 22.25
N ASP A 142 -12.47 22.14 22.78
CA ASP A 142 -12.16 23.11 23.85
C ASP A 142 -11.59 22.52 25.15
N THR A 143 -11.98 21.31 25.55
CA THR A 143 -11.40 20.64 26.74
C THR A 143 -9.95 20.19 26.48
N LEU A 144 -9.63 19.67 25.30
CA LEU A 144 -8.26 19.25 24.97
C LEU A 144 -7.32 20.45 24.88
N LYS A 145 -7.76 21.54 24.23
CA LYS A 145 -6.99 22.80 24.16
C LYS A 145 -6.69 23.35 25.55
N GLU A 146 -7.67 23.35 26.45
CA GLU A 146 -7.48 23.86 27.81
C GLU A 146 -6.55 23.00 28.68
N ILE A 147 -6.56 21.67 28.50
CA ILE A 147 -5.59 20.77 29.14
C ILE A 147 -4.17 21.01 28.61
N LEU A 148 -3.94 21.11 27.30
CA LEU A 148 -2.60 21.35 26.75
C LEU A 148 -2.00 22.70 27.17
N VAL A 149 -2.81 23.75 27.27
CA VAL A 149 -2.36 25.06 27.76
C VAL A 149 -2.13 25.09 29.28
N THR A 150 -2.97 24.44 30.08
CA THR A 150 -2.85 24.46 31.56
C THR A 150 -1.56 23.80 32.05
N TYR A 151 -1.10 22.74 31.39
CA TYR A 151 0.10 21.96 31.76
C TYR A 151 1.32 22.30 30.91
N ASN A 152 1.35 23.46 30.27
CA ASN A 152 2.47 24.02 29.50
C ASN A 152 2.97 23.13 28.34
N CYS A 153 2.10 22.33 27.70
CA CYS A 153 2.49 21.54 26.53
C CYS A 153 2.78 22.40 25.28
N CYS A 154 2.04 23.49 25.11
CA CYS A 154 2.21 24.50 24.06
C CYS A 154 1.58 25.84 24.45
N ASP A 155 1.93 26.93 23.75
CA ASP A 155 1.25 28.23 23.88
C ASP A 155 -0.14 28.23 23.24
N ASP A 156 -1.03 29.12 23.67
CA ASP A 156 -2.38 29.27 23.11
C ASP A 156 -2.38 29.70 21.62
N ASP A 157 -1.26 30.24 21.13
CA ASP A 157 -1.03 30.57 19.72
C ASP A 157 -0.82 29.34 18.83
N TYR A 158 -0.55 28.16 19.38
CA TYR A 158 -0.30 26.95 18.58
C TYR A 158 -1.52 26.54 17.75
N PHE A 159 -2.73 26.75 18.29
CA PHE A 159 -3.99 26.35 17.65
C PHE A 159 -4.43 27.27 16.50
N ASN A 160 -3.68 28.33 16.20
CA ASN A 160 -3.90 29.20 15.04
C ASN A 160 -3.24 28.69 13.75
N LYS A 161 -2.46 27.60 13.81
CA LYS A 161 -1.92 26.90 12.63
C LYS A 161 -3.03 26.24 11.82
N LYS A 162 -2.84 26.08 10.50
CA LYS A 162 -3.59 25.11 9.70
C LYS A 162 -3.23 23.70 10.15
N ASP A 163 -4.21 22.82 10.27
CA ASP A 163 -4.03 21.39 10.54
C ASP A 163 -3.18 21.09 11.79
N TRP A 164 -3.33 21.89 12.85
CA TRP A 164 -2.43 21.73 14.03
C TRP A 164 -2.53 20.35 14.68
N TYR A 165 -3.42 19.48 14.20
CA TYR A 165 -3.64 18.17 14.87
C TYR A 165 -3.31 17.02 13.91
N ASP A 166 -3.25 17.30 12.62
CA ASP A 166 -3.03 16.22 11.60
C ASP A 166 -1.69 15.53 11.84
N PHE A 167 -1.70 14.28 12.34
CA PHE A 167 -0.45 13.54 12.48
C PHE A 167 0.43 13.50 11.22
N VAL A 168 -0.16 13.64 10.03
CA VAL A 168 0.53 13.51 8.74
C VAL A 168 1.02 14.86 8.22
N GLU A 169 0.22 15.92 8.36
CA GLU A 169 0.56 17.28 7.93
C GLU A 169 1.27 18.13 9.01
N ASN A 170 1.13 17.80 10.30
CA ASN A 170 1.81 18.45 11.41
C ASN A 170 2.39 17.42 12.39
N PRO A 171 3.46 16.68 12.04
CA PRO A 171 4.03 15.66 12.90
C PRO A 171 4.61 16.20 14.22
N ASP A 172 4.80 17.52 14.34
CA ASP A 172 5.14 18.19 15.59
C ASP A 172 4.07 18.02 16.69
N ILE A 173 2.81 17.66 16.39
CA ILE A 173 1.81 17.40 17.42
C ILE A 173 2.21 16.24 18.34
N LEU A 174 3.02 15.29 17.84
CA LEU A 174 3.51 14.17 18.64
C LEU A 174 4.44 14.64 19.76
N ARG A 175 5.20 15.72 19.56
CA ARG A 175 6.00 16.37 20.60
C ARG A 175 5.12 17.06 21.63
N VAL A 176 4.02 17.70 21.21
CA VAL A 176 3.07 18.39 22.10
C VAL A 176 2.29 17.40 22.95
N TYR A 177 1.81 16.28 22.40
CA TYR A 177 1.19 15.21 23.18
C TYR A 177 2.17 14.48 24.11
N ALA A 178 3.44 14.32 23.72
CA ALA A 178 4.45 13.70 24.60
C ALA A 178 4.81 14.53 25.84
N ASN A 179 4.45 15.83 25.91
CA ASN A 179 4.64 16.66 27.10
C ASN A 179 3.63 16.31 28.23
N LEU A 180 2.55 15.60 27.94
CA LEU A 180 1.65 15.01 28.95
C LEU A 180 2.21 13.70 29.55
N GLY A 181 3.34 13.21 29.06
CA GLY A 181 3.87 11.88 29.36
C GLY A 181 4.13 11.61 30.84
N GLU A 182 4.93 12.40 31.54
CA GLU A 182 5.19 12.10 32.95
C GLU A 182 4.01 12.47 33.88
N ARG A 183 3.14 13.41 33.49
CA ARG A 183 1.88 13.65 34.20
C ARG A 183 0.97 12.43 34.20
N VAL A 184 0.99 11.62 33.14
CA VAL A 184 0.30 10.32 33.07
C VAL A 184 1.06 9.22 33.84
N ARG A 185 2.39 9.15 33.75
CA ARG A 185 3.22 8.16 34.49
C ARG A 185 3.11 8.29 36.01
N GLN A 186 3.01 9.50 36.55
CA GLN A 186 2.79 9.73 37.98
C GLN A 186 1.38 9.33 38.46
N ALA A 187 0.36 9.38 37.61
CA ALA A 187 -0.96 8.83 37.90
C ALA A 187 -0.98 7.29 37.94
N LEU A 188 -0.23 6.61 37.05
CA LEU A 188 -0.07 5.15 37.11
C LEU A 188 0.61 4.70 38.41
N LEU A 189 1.67 5.37 38.86
CA LEU A 189 2.34 5.06 40.13
C LEU A 189 1.45 5.28 41.35
N LYS A 190 0.68 6.37 41.42
CA LYS A 190 -0.29 6.59 42.51
C LYS A 190 -1.44 5.58 42.52
N THR A 191 -1.84 5.03 41.37
CA THR A 191 -2.83 3.94 41.33
C THR A 191 -2.33 2.70 42.09
N VAL A 192 -1.06 2.34 41.93
CA VAL A 192 -0.47 1.16 42.59
C VAL A 192 -0.31 1.40 44.09
N GLN A 193 0.05 2.60 44.54
CA GLN A 193 0.02 2.96 45.95
C GLN A 193 -1.39 2.90 46.56
N PHE A 194 -2.42 3.34 45.85
CA PHE A 194 -3.79 3.29 46.33
C PHE A 194 -4.32 1.84 46.42
N CYS A 195 -4.02 0.99 45.45
CA CYS A 195 -4.35 -0.43 45.50
C CYS A 195 -3.70 -1.16 46.68
N ASP A 196 -2.42 -0.87 46.98
CA ASP A 196 -1.75 -1.36 48.19
C ASP A 196 -2.47 -0.91 49.46
N ALA A 197 -2.92 0.35 49.54
CA ALA A 197 -3.65 0.86 50.68
C ALA A 197 -5.02 0.19 50.85
N MET A 198 -5.80 0.03 49.78
CA MET A 198 -7.07 -0.72 49.84
C MET A 198 -6.88 -2.16 50.30
N ARG A 199 -5.85 -2.87 49.84
CA ARG A 199 -5.62 -4.26 50.22
C ARG A 199 -5.25 -4.40 51.70
N ASN A 200 -4.28 -3.62 52.18
CA ASN A 200 -3.85 -3.68 53.58
C ASN A 200 -4.83 -3.04 54.58
N ALA A 201 -5.81 -2.26 54.12
CA ALA A 201 -6.91 -1.77 54.94
C ALA A 201 -8.13 -2.72 54.96
N GLY A 202 -8.18 -3.72 54.09
CA GLY A 202 -9.33 -4.62 53.95
C GLY A 202 -10.53 -4.01 53.24
N ILE A 203 -10.32 -3.23 52.17
CA ILE A 203 -11.39 -2.53 51.43
C ILE A 203 -11.64 -3.18 50.07
N VAL A 204 -12.90 -3.33 49.67
CA VAL A 204 -13.32 -3.88 48.38
C VAL A 204 -14.07 -2.82 47.58
N GLY A 205 -13.70 -2.61 46.31
CA GLY A 205 -14.42 -1.66 45.45
C GLY A 205 -13.82 -1.46 44.06
N VAL A 206 -14.67 -1.09 43.11
CA VAL A 206 -14.30 -0.78 41.72
C VAL A 206 -13.76 0.64 41.65
N LEU A 207 -12.57 0.83 41.04
CA LEU A 207 -11.98 2.14 40.84
C LEU A 207 -11.97 2.53 39.36
N THR A 208 -12.36 3.77 39.05
CA THR A 208 -12.68 4.27 37.71
C THR A 208 -12.02 5.63 37.46
N LEU A 209 -11.78 5.97 36.19
CA LEU A 209 -10.99 7.14 35.77
C LEU A 209 -11.53 8.49 36.26
N ASP A 210 -12.84 8.63 36.48
CA ASP A 210 -13.48 9.88 36.89
C ASP A 210 -13.26 10.24 38.37
N ASN A 211 -12.80 9.28 39.18
CA ASN A 211 -12.52 9.48 40.60
C ASN A 211 -11.04 9.78 40.89
N GLN A 212 -10.26 10.16 39.87
CA GLN A 212 -8.86 10.56 39.99
C GLN A 212 -8.57 11.87 39.25
N ASP A 213 -7.94 12.84 39.89
CA ASP A 213 -7.60 14.13 39.26
C ASP A 213 -6.32 14.07 38.40
N LEU A 214 -5.95 15.15 37.70
CA LEU A 214 -4.74 15.19 36.85
C LEU A 214 -3.42 15.45 37.62
N ASN A 215 -3.44 15.49 38.96
CA ASN A 215 -2.26 15.27 39.81
C ASN A 215 -2.17 13.82 40.34
N GLY A 216 -3.14 12.97 40.01
CA GLY A 216 -3.19 11.56 40.36
C GLY A 216 -3.83 11.22 41.71
N ASN A 217 -4.47 12.16 42.41
CA ASN A 217 -5.07 11.91 43.73
C ASN A 217 -6.50 11.37 43.62
N TRP A 218 -6.86 10.39 44.46
CA TRP A 218 -8.16 9.69 44.49
C TRP A 218 -9.18 10.24 45.49
N TYR A 219 -10.48 10.08 45.21
CA TYR A 219 -11.63 10.44 46.07
C TYR A 219 -12.89 9.58 45.76
N ASP A 220 -14.07 9.96 46.25
CA ASP A 220 -15.36 9.20 46.13
C ASP A 220 -15.35 7.76 46.69
N PHE A 221 -15.02 7.63 47.98
CA PHE A 221 -15.01 6.36 48.71
C PHE A 221 -16.39 5.86 49.16
N GLY A 222 -17.49 6.51 48.75
CA GLY A 222 -18.84 6.14 49.17
C GLY A 222 -19.36 4.81 48.62
N ASP A 223 -18.81 4.31 47.51
CA ASP A 223 -19.20 3.05 46.87
C ASP A 223 -18.55 1.80 47.49
N PHE A 224 -17.44 1.96 48.23
CA PHE A 224 -16.61 0.87 48.72
C PHE A 224 -17.20 0.18 49.96
N ILE A 225 -16.73 -1.02 50.29
CA ILE A 225 -17.18 -1.81 51.46
C ILE A 225 -16.00 -2.44 52.22
N GLN A 226 -16.19 -2.77 53.50
CA GLN A 226 -15.16 -3.36 54.37
C GLN A 226 -15.16 -4.90 54.37
N THR A 227 -13.98 -5.46 54.58
CA THR A 227 -13.61 -6.89 54.62
C THR A 227 -12.51 -7.09 55.66
N THR A 228 -12.10 -8.33 55.98
CA THR A 228 -10.95 -8.60 56.87
C THR A 228 -9.68 -7.83 56.44
N PRO A 229 -8.95 -7.15 57.36
CA PRO A 229 -7.84 -6.25 57.01
C PRO A 229 -6.70 -6.77 56.14
N GLY A 230 -6.48 -8.07 56.02
CA GLY A 230 -5.47 -8.62 55.11
C GLY A 230 -5.92 -8.78 53.65
N SER A 231 -7.21 -8.58 53.35
CA SER A 231 -7.90 -9.23 52.23
C SER A 231 -8.67 -8.27 51.31
N GLY A 232 -8.30 -6.99 51.23
CA GLY A 232 -8.96 -6.06 50.32
C GLY A 232 -8.73 -6.38 48.84
N VAL A 233 -9.59 -5.87 47.96
CA VAL A 233 -9.59 -6.16 46.51
C VAL A 233 -9.97 -4.91 45.71
N PRO A 234 -9.01 -4.20 45.08
CA PRO A 234 -9.29 -3.22 44.05
C PRO A 234 -9.63 -3.91 42.73
N VAL A 235 -10.68 -3.45 42.04
CA VAL A 235 -11.10 -3.99 40.72
C VAL A 235 -10.80 -2.96 39.63
N VAL A 236 -10.05 -3.35 38.59
CA VAL A 236 -9.31 -2.40 37.72
C VAL A 236 -9.43 -2.63 36.20
N ASP A 237 -10.26 -3.57 35.73
CA ASP A 237 -10.39 -3.89 34.30
C ASP A 237 -10.78 -2.68 33.44
N SER A 238 -11.81 -1.91 33.78
CA SER A 238 -12.22 -0.74 32.98
C SER A 238 -11.24 0.43 33.07
N TYR A 239 -10.58 0.64 34.22
CA TYR A 239 -9.58 1.68 34.44
C TYR A 239 -8.37 1.53 33.50
N TYR A 240 -7.65 0.41 33.57
CA TYR A 240 -6.46 0.22 32.76
C TYR A 240 -6.79 0.10 31.28
N SER A 241 -7.89 -0.57 30.90
CA SER A 241 -8.21 -0.79 29.48
C SER A 241 -8.66 0.47 28.75
N LEU A 242 -9.43 1.37 29.38
CA LEU A 242 -9.79 2.63 28.74
C LEU A 242 -8.58 3.55 28.58
N LEU A 243 -7.66 3.52 29.56
CA LEU A 243 -6.43 4.30 29.57
C LEU A 243 -5.38 3.81 28.57
N MET A 244 -5.30 2.51 28.27
CA MET A 244 -4.23 1.89 27.45
C MET A 244 -3.80 2.65 26.19
N PRO A 245 -4.69 3.05 25.26
CA PRO A 245 -4.23 3.74 24.05
C PRO A 245 -3.63 5.15 24.29
N ILE A 246 -3.86 5.76 25.45
CA ILE A 246 -3.26 7.05 25.82
C ILE A 246 -1.81 6.87 26.29
N LEU A 247 -1.40 5.67 26.74
CA LEU A 247 -0.06 5.40 27.25
C LEU A 247 1.03 5.43 26.18
N THR A 248 0.73 5.00 24.95
CA THR A 248 1.67 5.14 23.82
C THR A 248 1.55 6.49 23.13
N LEU A 249 0.35 7.08 23.02
CA LEU A 249 0.13 8.37 22.35
C LEU A 249 0.84 9.53 23.06
N THR A 250 0.81 9.56 24.38
CA THR A 250 1.55 10.52 25.24
C THR A 250 2.95 10.04 25.61
N ARG A 251 3.45 8.93 25.04
CA ARG A 251 4.74 8.28 25.36
C ARG A 251 5.06 8.26 26.86
N ALA A 252 4.19 7.64 27.68
CA ALA A 252 4.25 7.77 29.14
C ALA A 252 5.51 7.17 29.77
N LEU A 253 5.99 6.02 29.30
CA LEU A 253 7.18 5.35 29.85
C LEU A 253 8.51 5.88 29.31
N THR A 254 8.55 7.05 28.65
CA THR A 254 9.79 7.63 28.10
C THR A 254 10.89 7.86 29.15
N ALA A 255 10.50 8.03 30.43
CA ALA A 255 11.42 8.18 31.55
C ALA A 255 12.12 6.89 31.99
N GLU A 256 11.62 5.75 31.51
CA GLU A 256 12.22 4.43 31.88
C GLU A 256 13.51 4.23 31.07
N SER A 257 13.95 5.26 30.34
CA SER A 257 15.18 5.15 29.51
C SER A 257 16.25 6.12 30.02
N HIS A 258 16.28 6.37 31.33
CA HIS A 258 17.25 7.34 31.90
C HIS A 258 17.85 6.79 33.19
N VAL A 259 19.05 7.26 33.56
CA VAL A 259 19.70 6.81 34.83
C VAL A 259 18.72 7.08 35.99
N ASP A 260 18.44 6.07 36.80
CA ASP A 260 17.48 6.21 37.94
C ASP A 260 16.17 6.79 37.40
N THR A 261 15.73 6.33 36.22
CA THR A 261 14.48 6.82 35.60
C THR A 261 14.26 8.29 35.95
N ASP A 262 15.27 9.12 35.71
CA ASP A 262 15.14 10.59 36.01
C ASP A 262 15.41 11.36 34.71
N LEU A 263 14.41 12.05 34.19
CA LEU A 263 14.60 12.73 32.89
C LEU A 263 15.78 13.72 32.86
N THR A 264 16.30 14.14 34.02
CA THR A 264 17.45 15.05 34.09
C THR A 264 18.80 14.34 33.98
N LYS A 265 18.85 13.01 34.13
CA LYS A 265 20.05 12.16 34.04
C LYS A 265 20.24 11.61 32.62
N PRO A 266 21.43 11.08 32.23
CA PRO A 266 21.65 10.54 30.90
C PRO A 266 20.89 9.22 30.65
N TYR A 267 20.91 8.73 29.41
CA TYR A 267 20.35 7.44 29.03
C TYR A 267 21.11 6.27 29.64
N ILE A 268 20.45 5.13 29.87
CA ILE A 268 21.12 3.87 30.21
C ILE A 268 21.93 3.40 28.99
N LYS A 269 23.21 3.08 29.19
CA LYS A 269 24.07 2.45 28.18
C LYS A 269 23.93 0.93 28.29
N TRP A 270 23.02 0.35 27.50
CA TRP A 270 22.78 -1.10 27.49
C TRP A 270 23.96 -1.86 26.89
N ASP A 271 24.23 -3.07 27.36
CA ASP A 271 25.25 -3.97 26.80
C ASP A 271 24.89 -4.32 25.35
N LEU A 272 25.82 -4.11 24.40
CA LEU A 272 25.52 -4.17 22.97
C LEU A 272 25.12 -5.57 22.49
N LEU A 273 25.66 -6.63 23.11
CA LEU A 273 25.41 -8.03 22.73
C LEU A 273 24.12 -8.62 23.31
N LYS A 274 23.43 -7.94 24.24
CA LYS A 274 22.23 -8.44 24.93
C LYS A 274 21.00 -8.38 24.04
N TYR A 275 20.20 -9.46 24.04
CA TYR A 275 18.92 -9.54 23.34
C TYR A 275 17.76 -10.04 24.22
N ASP A 276 17.99 -10.74 25.33
CA ASP A 276 16.92 -11.31 26.16
C ASP A 276 16.59 -10.37 27.33
N PHE A 277 15.53 -9.57 27.18
CA PHE A 277 15.06 -8.61 28.17
C PHE A 277 13.90 -9.14 29.06
N THR A 278 13.78 -10.46 29.24
CA THR A 278 12.66 -11.09 29.96
C THR A 278 12.52 -10.61 31.41
N GLU A 279 13.62 -10.45 32.15
CA GLU A 279 13.55 -9.97 33.54
C GLU A 279 13.21 -8.48 33.66
N GLU A 280 13.61 -7.65 32.69
CA GLU A 280 13.18 -6.25 32.60
C GLU A 280 11.69 -6.12 32.26
N ARG A 281 11.16 -6.93 31.33
CA ARG A 281 9.72 -6.95 31.02
C ARG A 281 8.86 -7.32 32.22
N LEU A 282 9.26 -8.32 33.02
CA LEU A 282 8.56 -8.69 34.25
C LEU A 282 8.68 -7.62 35.36
N LYS A 283 9.81 -6.91 35.46
CA LYS A 283 9.99 -5.78 36.36
C LYS A 283 9.14 -4.55 35.97
N LEU A 284 8.96 -4.26 34.69
CA LEU A 284 8.08 -3.21 34.19
C LEU A 284 6.60 -3.50 34.46
N PHE A 285 6.14 -4.74 34.29
CA PHE A 285 4.75 -5.10 34.57
C PHE A 285 4.37 -4.87 36.04
N ASP A 286 5.20 -5.29 36.99
CA ASP A 286 4.96 -5.07 38.43
C ASP A 286 5.06 -3.62 38.91
N ARG A 287 5.71 -2.69 38.18
CA ARG A 287 5.69 -1.27 38.54
C ARG A 287 4.35 -0.59 38.34
N TYR A 288 3.67 -0.90 37.24
CA TYR A 288 2.53 -0.12 36.73
C TYR A 288 1.20 -0.87 36.68
N PHE A 289 1.24 -2.19 36.50
CA PHE A 289 0.08 -3.07 36.29
C PHE A 289 -0.01 -4.16 37.36
N LYS A 290 0.45 -3.91 38.58
CA LYS A 290 0.55 -4.90 39.68
C LYS A 290 -0.76 -5.65 39.97
N TYR A 291 -1.90 -4.98 39.93
CA TYR A 291 -3.23 -5.54 40.24
C TYR A 291 -4.06 -5.93 39.00
N TRP A 292 -3.47 -6.07 37.81
CA TRP A 292 -4.19 -6.40 36.57
C TRP A 292 -4.90 -7.77 36.58
N ASP A 293 -4.44 -8.75 37.37
CA ASP A 293 -5.17 -10.00 37.65
C ASP A 293 -5.32 -11.04 36.50
N GLN A 294 -4.53 -10.93 35.42
CA GLN A 294 -4.43 -11.98 34.39
C GLN A 294 -2.97 -12.21 34.02
N THR A 295 -2.58 -13.46 33.79
CA THR A 295 -1.19 -13.89 33.56
C THR A 295 -0.56 -13.23 32.33
N TYR A 296 0.65 -12.69 32.49
CA TYR A 296 1.46 -12.11 31.43
C TYR A 296 2.67 -12.99 31.14
N HIS A 297 2.87 -13.36 29.87
CA HIS A 297 4.00 -14.15 29.37
C HIS A 297 4.91 -13.22 28.55
N PRO A 298 6.15 -12.92 28.97
CA PRO A 298 7.04 -12.06 28.21
C PRO A 298 7.34 -12.57 26.79
N ASN A 299 7.49 -13.89 26.64
CA ASN A 299 7.71 -14.57 25.36
C ASN A 299 6.43 -15.32 24.96
N CYS A 300 5.87 -15.04 23.79
CA CYS A 300 4.56 -15.54 23.38
C CYS A 300 4.55 -17.01 22.96
N VAL A 301 5.71 -17.65 22.83
CA VAL A 301 5.81 -19.10 22.59
C VAL A 301 5.17 -19.92 23.73
N ASN A 302 4.98 -19.32 24.90
CA ASN A 302 4.34 -19.92 26.08
C ASN A 302 2.81 -19.75 26.16
N CYS A 303 2.19 -18.98 25.26
CA CYS A 303 0.77 -18.62 25.35
C CYS A 303 -0.18 -19.80 25.06
N LEU A 304 -1.41 -19.71 25.56
CA LEU A 304 -2.38 -20.81 25.60
C LEU A 304 -3.32 -20.92 24.38
N ASP A 305 -3.60 -19.80 23.68
CA ASP A 305 -4.53 -19.69 22.57
C ASP A 305 -4.36 -18.32 21.86
N ASP A 306 -5.18 -18.01 20.85
CA ASP A 306 -4.99 -16.72 20.13
C ASP A 306 -5.31 -15.53 21.04
N ARG A 307 -6.25 -15.68 21.97
CA ARG A 307 -6.70 -14.61 22.86
C ARG A 307 -5.65 -14.29 23.91
N CYS A 308 -4.89 -15.28 24.37
CA CYS A 308 -3.69 -15.06 25.16
C CYS A 308 -2.56 -14.45 24.33
N ILE A 309 -2.35 -14.82 23.06
CA ILE A 309 -1.34 -14.16 22.22
C ILE A 309 -1.65 -12.68 22.05
N LEU A 310 -2.89 -12.29 21.71
CA LEU A 310 -3.26 -10.85 21.63
C LEU A 310 -3.16 -10.13 22.97
N HIS A 311 -3.53 -10.76 24.09
CA HIS A 311 -3.36 -10.15 25.40
C HIS A 311 -1.89 -9.86 25.71
N CYS A 312 -1.00 -10.83 25.53
CA CYS A 312 0.41 -10.66 25.90
C CYS A 312 1.20 -9.82 24.89
N ALA A 313 0.91 -9.89 23.59
CA ALA A 313 1.54 -9.05 22.58
C ALA A 313 1.21 -7.56 22.75
N ASN A 314 0.04 -7.21 23.27
CA ASN A 314 -0.34 -5.82 23.55
C ASN A 314 0.48 -5.16 24.66
N PHE A 315 0.94 -5.90 25.68
CA PHE A 315 1.88 -5.37 26.66
C PHE A 315 3.28 -5.26 26.09
N ASN A 316 3.71 -6.22 25.28
CA ASN A 316 5.02 -6.16 24.66
C ASN A 316 5.18 -4.96 23.73
N VAL A 317 4.19 -4.50 22.97
CA VAL A 317 4.35 -3.25 22.19
C VAL A 317 4.61 -2.01 23.04
N LEU A 318 4.15 -1.96 24.30
CA LEU A 318 4.45 -0.87 25.22
C LEU A 318 5.86 -0.99 25.77
N PHE A 319 6.23 -2.16 26.31
CA PHE A 319 7.54 -2.33 26.95
C PHE A 319 8.70 -2.34 25.96
N SER A 320 8.52 -2.81 24.73
CA SER A 320 9.58 -2.81 23.71
C SER A 320 10.01 -1.43 23.23
N THR A 321 9.41 -0.35 23.72
CA THR A 321 9.83 1.04 23.47
C THR A 321 10.96 1.52 24.41
N VAL A 322 11.25 0.78 25.49
CA VAL A 322 12.28 1.10 26.49
C VAL A 322 13.66 0.57 26.05
N PHE A 323 13.70 -0.54 25.33
CA PHE A 323 14.91 -1.28 24.96
C PHE A 323 15.55 -0.79 23.65
N PRO A 324 16.87 -0.99 23.43
CA PRO A 324 17.60 -0.35 22.33
C PRO A 324 17.26 -0.95 20.95
N PRO A 325 17.14 -0.15 19.86
CA PRO A 325 16.71 -0.63 18.54
C PRO A 325 17.54 -1.75 17.89
N THR A 326 18.82 -1.89 18.23
CA THR A 326 19.72 -2.93 17.69
C THR A 326 19.47 -4.31 18.29
N SER A 327 18.67 -4.41 19.34
CA SER A 327 18.31 -5.63 20.08
C SER A 327 17.34 -6.57 19.34
N PHE A 328 16.50 -6.03 18.47
CA PHE A 328 15.43 -6.75 17.76
C PHE A 328 15.89 -7.29 16.41
N GLY A 329 15.16 -8.20 15.79
CA GLY A 329 15.55 -8.81 14.51
C GLY A 329 16.26 -10.16 14.66
N PRO A 330 16.81 -10.72 13.57
CA PRO A 330 17.39 -12.06 13.58
C PRO A 330 18.48 -12.25 14.62
N LEU A 331 18.55 -13.42 15.24
CA LEU A 331 19.63 -13.81 16.15
C LEU A 331 20.52 -14.81 15.43
N VAL A 332 21.83 -14.60 15.35
CA VAL A 332 22.71 -15.43 14.52
C VAL A 332 23.75 -16.16 15.34
N ARG A 333 24.19 -17.30 14.81
CA ARG A 333 25.09 -18.26 15.45
C ARG A 333 26.09 -18.75 14.41
N LYS A 334 27.29 -19.15 14.82
CA LYS A 334 28.34 -19.68 13.96
C LYS A 334 28.27 -21.21 13.88
N ILE A 335 28.24 -21.77 12.68
CA ILE A 335 28.07 -23.22 12.41
C ILE A 335 29.08 -23.69 11.36
N PHE A 336 29.34 -24.99 11.25
CA PHE A 336 30.36 -25.53 10.34
C PHE A 336 29.76 -26.39 9.23
N VAL A 337 30.02 -26.05 7.97
CA VAL A 337 29.68 -26.89 6.80
C VAL A 337 30.97 -27.42 6.20
N ASP A 338 31.17 -28.74 6.20
CA ASP A 338 32.39 -29.41 5.74
C ASP A 338 33.69 -28.77 6.31
N GLY A 339 33.63 -28.32 7.56
CA GLY A 339 34.70 -27.61 8.26
C GLY A 339 34.78 -26.09 8.07
N VAL A 340 34.14 -25.46 7.07
CA VAL A 340 34.16 -23.99 6.92
C VAL A 340 33.03 -23.29 7.72
N PRO A 341 33.30 -22.15 8.38
CA PRO A 341 32.33 -21.50 9.26
C PRO A 341 31.33 -20.58 8.54
N PHE A 342 30.05 -20.94 8.58
CA PHE A 342 28.93 -20.07 8.18
C PHE A 342 28.41 -19.26 9.38
N VAL A 343 27.77 -18.11 9.13
CA VAL A 343 26.96 -17.37 10.11
C VAL A 343 25.50 -17.41 9.67
N VAL A 344 24.60 -17.99 10.46
CA VAL A 344 23.20 -18.21 10.06
C VAL A 344 22.22 -17.82 11.16
N SER A 345 20.99 -17.47 10.79
CA SER A 345 19.92 -17.17 11.75
C SER A 345 19.45 -18.42 12.48
N THR A 346 19.40 -18.37 13.81
CA THR A 346 18.93 -19.46 14.68
C THR A 346 17.88 -18.99 15.70
N GLY A 347 17.09 -18.00 15.35
CA GLY A 347 16.04 -17.43 16.18
C GLY A 347 15.62 -16.06 15.68
N TYR A 348 14.78 -15.36 16.45
CA TYR A 348 14.39 -13.98 16.20
C TYR A 348 14.01 -13.30 17.52
N HIS A 349 14.19 -11.99 17.66
CA HIS A 349 13.64 -11.22 18.77
C HIS A 349 12.62 -10.21 18.23
N PHE A 350 11.35 -10.41 18.55
CA PHE A 350 10.23 -9.61 18.04
C PHE A 350 9.82 -8.52 19.04
N ARG A 351 9.40 -7.35 18.55
CA ARG A 351 8.84 -6.31 19.42
C ARG A 351 7.52 -6.71 20.08
N GLU A 352 6.69 -7.52 19.42
CA GLU A 352 5.43 -8.07 19.92
C GLU A 352 5.58 -9.45 20.57
N LEU A 353 6.13 -10.44 19.87
CA LEU A 353 6.11 -11.84 20.30
C LEU A 353 7.25 -12.25 21.27
N GLY A 354 8.20 -11.38 21.60
CA GLY A 354 9.36 -11.69 22.45
C GLY A 354 10.46 -12.50 21.74
N VAL A 355 11.31 -13.20 22.48
CA VAL A 355 12.39 -14.05 21.93
C VAL A 355 11.85 -15.40 21.47
N VAL A 356 12.27 -15.88 20.30
CA VAL A 356 11.97 -17.20 19.74
C VAL A 356 13.26 -17.88 19.27
N HIS A 357 13.44 -19.16 19.54
CA HIS A 357 14.58 -19.96 19.07
C HIS A 357 14.14 -21.10 18.15
N ASN A 358 14.93 -21.42 17.13
CA ASN A 358 14.65 -22.50 16.18
C ASN A 358 14.89 -23.87 16.82
N GLN A 359 14.05 -24.86 16.50
CA GLN A 359 14.12 -26.19 17.10
C GLN A 359 15.10 -27.13 16.38
N ASP A 360 15.33 -26.96 15.09
CA ASP A 360 16.15 -27.83 14.23
C ASP A 360 17.53 -27.25 13.88
N VAL A 361 18.25 -26.68 14.86
CA VAL A 361 19.63 -26.21 14.71
C VAL A 361 20.62 -27.39 14.73
N ASN A 362 21.48 -27.51 13.72
CA ASN A 362 22.62 -28.45 13.68
C ASN A 362 23.94 -27.68 13.53
N LEU A 363 24.91 -27.91 14.44
CA LEU A 363 26.17 -27.17 14.47
C LEU A 363 27.23 -27.66 13.47
N HIS A 364 27.15 -28.93 13.03
CA HIS A 364 28.05 -29.51 12.04
C HIS A 364 27.27 -30.26 10.94
N SER A 365 27.62 -30.04 9.67
CA SER A 365 27.01 -30.70 8.50
C SER A 365 28.06 -31.08 7.45
N SER A 366 27.84 -32.18 6.72
CA SER A 366 28.74 -32.64 5.65
C SER A 366 28.45 -32.04 4.28
N ARG A 367 27.17 -31.85 3.93
CA ARG A 367 26.67 -31.29 2.66
C ARG A 367 25.34 -30.56 2.85
N LEU A 368 24.98 -29.67 1.92
CA LEU A 368 23.70 -28.96 1.88
C LEU A 368 22.84 -29.47 0.70
N SER A 369 21.61 -29.87 0.96
CA SER A 369 20.60 -30.18 -0.07
C SER A 369 20.11 -28.91 -0.79
N PHE A 370 19.29 -29.05 -1.82
CA PHE A 370 18.68 -27.89 -2.47
C PHE A 370 17.85 -27.06 -1.48
N LYS A 371 17.14 -27.71 -0.55
CA LYS A 371 16.32 -27.01 0.46
C LYS A 371 17.15 -26.19 1.43
N GLU A 372 18.32 -26.66 1.86
CA GLU A 372 19.18 -25.91 2.77
C GLU A 372 19.92 -24.76 2.08
N LEU A 373 20.27 -24.90 0.80
CA LEU A 373 20.79 -23.79 0.01
C LEU A 373 19.73 -22.68 -0.17
N LEU A 374 18.45 -23.01 -0.37
CA LEU A 374 17.39 -22.01 -0.36
C LEU A 374 17.25 -21.30 0.99
N VAL A 375 17.22 -22.04 2.11
CA VAL A 375 17.11 -21.42 3.43
C VAL A 375 18.30 -20.49 3.73
N TYR A 376 19.54 -20.93 3.49
CA TYR A 376 20.71 -20.09 3.75
C TYR A 376 20.91 -18.94 2.75
N ALA A 377 20.44 -19.05 1.51
CA ALA A 377 20.45 -17.94 0.55
C ALA A 377 19.31 -16.94 0.76
N ALA A 378 18.18 -17.31 1.37
CA ALA A 378 17.09 -16.38 1.68
C ALA A 378 17.35 -15.55 2.95
N ASP A 379 17.93 -16.18 3.98
CA ASP A 379 18.30 -15.60 5.27
C ASP A 379 19.23 -14.37 5.14
N PRO A 380 18.91 -13.18 5.73
CA PRO A 380 19.75 -11.99 5.63
C PRO A 380 21.10 -12.09 6.34
N ALA A 381 21.36 -13.11 7.17
CA ALA A 381 22.57 -13.21 7.98
C ALA A 381 23.87 -13.13 7.18
N MET A 382 24.03 -13.91 6.09
CA MET A 382 25.25 -13.91 5.28
C MET A 382 25.41 -12.63 4.46
N HIS A 383 24.31 -12.04 3.99
CA HIS A 383 24.31 -10.79 3.23
C HIS A 383 24.70 -9.60 4.09
N ALA A 384 24.10 -9.45 5.28
CA ALA A 384 24.38 -8.34 6.18
C ALA A 384 25.73 -8.47 6.90
N ALA A 385 26.22 -9.68 7.19
CA ALA A 385 27.53 -9.86 7.83
C ALA A 385 28.71 -9.59 6.88
N SER A 386 28.56 -9.84 5.58
CA SER A 386 29.60 -9.58 4.57
C SER A 386 29.53 -8.20 3.89
N GLY A 387 28.43 -7.44 4.04
CA GLY A 387 28.26 -6.08 3.51
C GLY A 387 28.93 -4.98 4.35
N ASN A 388 29.06 -3.78 3.79
CA ASN A 388 29.65 -2.61 4.45
C ASN A 388 28.70 -1.97 5.45
N LEU A 389 29.21 -1.22 6.43
CA LEU A 389 28.36 -0.43 7.33
C LEU A 389 27.75 0.76 6.56
N LEU A 390 26.53 1.16 6.89
CA LEU A 390 25.83 2.25 6.21
C LEU A 390 25.29 3.27 7.22
N LEU A 391 25.53 4.55 6.95
CA LEU A 391 24.93 5.70 7.63
C LEU A 391 24.20 6.57 6.59
N ASP A 392 22.94 6.26 6.33
CA ASP A 392 22.15 6.94 5.30
C ASP A 392 21.31 8.06 5.93
N LYS A 393 21.73 9.32 5.77
CA LYS A 393 21.06 10.48 6.37
C LYS A 393 19.81 10.97 5.61
N ARG A 394 19.40 10.30 4.52
CA ARG A 394 18.21 10.67 3.74
C ARG A 394 16.88 10.21 4.36
N THR A 395 16.92 9.34 5.37
CA THR A 395 15.73 8.74 6.03
C THR A 395 15.88 8.69 7.55
N THR A 396 14.80 8.52 8.29
CA THR A 396 14.84 8.23 9.75
C THR A 396 14.75 6.74 10.08
N CYS A 397 14.44 5.87 9.11
CA CYS A 397 14.41 4.42 9.29
C CYS A 397 15.81 3.84 9.53
N PHE A 398 15.91 2.79 10.34
CA PHE A 398 17.19 2.18 10.71
C PHE A 398 17.80 1.41 9.53
N SER A 399 19.02 1.75 9.14
CA SER A 399 19.76 1.17 8.02
C SER A 399 20.78 0.16 8.52
N VAL A 400 20.83 -1.03 7.93
CA VAL A 400 21.67 -2.15 8.42
C VAL A 400 23.05 -2.15 7.75
N ALA A 401 23.09 -2.28 6.42
CA ALA A 401 24.32 -2.48 5.65
C ALA A 401 24.13 -2.12 4.18
N ALA A 402 25.23 -1.85 3.49
CA ALA A 402 25.27 -1.68 2.05
C ALA A 402 25.89 -2.93 1.40
N LEU A 403 25.20 -3.55 0.44
CA LEU A 403 25.67 -4.81 -0.16
C LEU A 403 26.68 -4.63 -1.29
N THR A 404 26.87 -3.39 -1.76
CA THR A 404 27.76 -2.99 -2.87
C THR A 404 28.49 -1.69 -2.56
N ASN A 405 29.59 -1.40 -3.26
CA ASN A 405 30.38 -0.17 -3.09
C ASN A 405 29.70 1.10 -3.67
N ASN A 406 28.66 0.95 -4.50
CA ASN A 406 27.92 2.05 -5.12
C ASN A 406 26.45 2.02 -4.72
N VAL A 407 25.83 3.19 -4.56
CA VAL A 407 24.39 3.35 -4.32
C VAL A 407 23.65 3.40 -5.67
N ALA A 408 22.52 2.69 -5.80
CA ALA A 408 21.71 2.72 -7.02
C ALA A 408 20.60 3.77 -6.93
N PHE A 409 20.52 4.65 -7.92
CA PHE A 409 19.49 5.67 -8.05
C PHE A 409 18.60 5.33 -9.25
N GLN A 410 17.32 5.02 -9.02
CA GLN A 410 16.39 4.59 -10.08
C GLN A 410 15.38 5.67 -10.43
N THR A 411 15.33 6.05 -11.71
CA THR A 411 14.41 7.01 -12.33
C THR A 411 13.15 6.32 -12.87
N VAL A 412 12.10 7.07 -13.20
CA VAL A 412 10.94 6.61 -13.98
C VAL A 412 10.75 7.54 -15.17
N LYS A 413 10.54 6.98 -16.36
CA LYS A 413 10.46 7.70 -17.64
C LYS A 413 9.01 8.07 -18.03
N PRO A 414 8.79 9.03 -18.94
CA PRO A 414 7.46 9.38 -19.41
C PRO A 414 6.78 8.28 -20.25
N GLY A 415 5.49 8.42 -20.54
CA GLY A 415 4.73 7.49 -21.38
C GLY A 415 4.88 7.83 -22.86
N ASN A 416 4.76 6.86 -23.75
CA ASN A 416 4.83 7.09 -25.20
C ASN A 416 3.50 7.66 -25.70
N PHE A 417 3.52 8.59 -26.64
CA PHE A 417 2.33 9.29 -27.14
C PHE A 417 1.81 8.65 -28.43
N ASN A 418 0.59 8.12 -28.38
CA ASN A 418 -0.13 7.51 -29.50
C ASN A 418 -0.78 8.60 -30.37
N LYS A 419 0.02 9.34 -31.14
CA LYS A 419 -0.43 10.54 -31.86
C LYS A 419 -1.59 10.30 -32.82
N ASP A 420 -1.63 9.17 -33.52
CA ASP A 420 -2.71 8.89 -34.47
C ASP A 420 -4.10 8.80 -33.82
N PHE A 421 -4.21 8.33 -32.57
CA PHE A 421 -5.49 8.32 -31.84
C PHE A 421 -5.88 9.72 -31.36
N TYR A 422 -4.93 10.53 -30.88
CA TYR A 422 -5.20 11.91 -30.51
C TYR A 422 -5.62 12.78 -31.70
N ASP A 423 -4.95 12.68 -32.85
CA ASP A 423 -5.37 13.33 -34.09
C ASP A 423 -6.76 12.88 -34.55
N PHE A 424 -7.11 11.59 -34.40
CA PHE A 424 -8.46 11.10 -34.68
C PHE A 424 -9.49 11.68 -33.70
N ALA A 425 -9.25 11.64 -32.40
CA ALA A 425 -10.16 12.19 -31.38
C ALA A 425 -10.42 13.68 -31.57
N VAL A 426 -9.39 14.50 -31.83
CA VAL A 426 -9.55 15.93 -32.12
C VAL A 426 -10.37 16.18 -33.38
N SER A 427 -10.30 15.34 -34.41
CA SER A 427 -11.15 15.48 -35.61
C SER A 427 -12.64 15.24 -35.33
N LYS A 428 -12.99 14.44 -34.30
CA LYS A 428 -14.36 14.19 -33.83
C LYS A 428 -14.86 15.23 -32.81
N GLY A 429 -14.10 16.28 -32.53
CA GLY A 429 -14.49 17.38 -31.65
C GLY A 429 -14.18 17.19 -30.16
N PHE A 430 -13.37 16.20 -29.78
CA PHE A 430 -12.86 16.10 -28.41
C PHE A 430 -11.80 17.18 -28.10
N PHE A 431 -11.48 17.33 -26.81
CA PHE A 431 -10.40 18.20 -26.34
C PHE A 431 -10.57 19.66 -26.77
N LYS A 432 -11.82 20.11 -26.86
CA LYS A 432 -12.24 21.49 -27.13
C LYS A 432 -12.13 22.33 -25.87
N GLU A 433 -11.91 23.64 -25.98
CA GLU A 433 -11.81 24.54 -24.83
C GLU A 433 -13.16 24.66 -24.10
N GLY A 434 -13.18 24.41 -22.78
CA GLY A 434 -14.40 24.39 -21.98
C GLY A 434 -15.21 23.09 -22.02
N SER A 435 -14.70 22.02 -22.64
CA SER A 435 -15.30 20.67 -22.64
C SER A 435 -15.41 20.10 -21.21
N SER A 436 -16.47 19.33 -20.94
CA SER A 436 -16.62 18.62 -19.65
C SER A 436 -15.74 17.37 -19.56
N VAL A 437 -15.26 16.86 -20.70
CA VAL A 437 -14.30 15.73 -20.79
C VAL A 437 -12.94 16.25 -21.24
N GLU A 438 -11.89 15.90 -20.52
CA GLU A 438 -10.51 16.37 -20.72
C GLU A 438 -9.49 15.36 -20.20
N LEU A 439 -8.22 15.47 -20.60
CA LEU A 439 -7.14 14.61 -20.12
C LEU A 439 -6.71 15.01 -18.69
N LYS A 440 -6.82 14.07 -17.75
CA LYS A 440 -6.38 14.19 -16.34
C LYS A 440 -5.47 13.04 -15.88
N HIS A 441 -5.39 11.94 -16.63
CA HIS A 441 -4.57 10.76 -16.33
C HIS A 441 -3.37 10.71 -17.28
N PHE A 442 -2.16 10.65 -16.73
CA PHE A 442 -0.88 10.69 -17.45
C PHE A 442 0.13 9.71 -16.83
N PHE A 443 1.27 9.52 -17.48
CA PHE A 443 2.46 8.89 -16.88
C PHE A 443 3.39 10.00 -16.37
N PHE A 444 3.68 10.02 -15.06
CA PHE A 444 4.51 11.06 -14.43
C PHE A 444 5.94 10.54 -14.24
N ALA A 445 6.93 11.30 -14.71
CA ALA A 445 8.34 10.94 -14.60
C ALA A 445 8.87 11.16 -13.18
N GLN A 446 9.94 10.47 -12.78
CA GLN A 446 10.55 10.57 -11.45
C GLN A 446 12.07 10.63 -11.54
N ASP A 447 12.72 11.45 -10.72
CA ASP A 447 14.17 11.56 -10.59
C ASP A 447 14.75 10.49 -9.64
N GLY A 448 16.07 10.36 -9.56
CA GLY A 448 16.73 9.28 -8.83
C GLY A 448 16.45 9.22 -7.31
N ASN A 449 15.99 10.31 -6.73
CA ASN A 449 15.62 10.39 -5.30
C ASN A 449 14.25 9.75 -4.96
N ALA A 450 13.48 9.26 -5.94
CA ALA A 450 12.09 8.84 -5.73
C ALA A 450 11.92 7.56 -4.90
N ALA A 451 12.76 6.54 -5.09
CA ALA A 451 12.61 5.25 -4.41
C ALA A 451 12.73 5.38 -2.88
N ILE A 452 13.75 6.12 -2.41
CA ILE A 452 14.00 6.37 -0.99
C ILE A 452 13.09 7.46 -0.40
N SER A 453 12.64 8.42 -1.20
CA SER A 453 11.62 9.40 -0.79
C SER A 453 10.28 8.73 -0.50
N ASP A 454 9.88 7.73 -1.29
CA ASP A 454 8.66 6.93 -1.02
C ASP A 454 8.84 5.94 0.13
N TYR A 455 10.04 5.38 0.33
CA TYR A 455 10.31 4.48 1.47
C TYR A 455 10.23 5.20 2.82
N ASP A 456 10.62 6.47 2.91
CA ASP A 456 10.59 7.24 4.15
C ASP A 456 9.18 7.43 4.73
N TYR A 457 8.10 7.24 3.97
CA TYR A 457 6.73 7.29 4.51
C TYR A 457 6.41 6.22 5.55
N TYR A 458 7.28 5.22 5.69
CA TYR A 458 7.06 4.20 6.75
C TYR A 458 7.25 4.89 8.10
N ARG A 459 7.39 6.22 8.08
CA ARG A 459 7.58 7.05 9.30
C ARG A 459 6.21 7.28 9.96
N TYR A 460 5.13 6.97 9.25
CA TYR A 460 3.75 7.16 9.78
C TYR A 460 3.38 5.95 10.62
N ASN A 461 4.25 4.93 10.65
CA ASN A 461 3.97 3.79 11.52
C ASN A 461 4.54 4.04 12.92
N LEU A 462 3.66 4.16 13.92
CA LEU A 462 4.00 4.47 15.30
C LEU A 462 3.50 3.36 16.24
N PRO A 463 4.25 2.97 17.28
CA PRO A 463 3.86 1.89 18.17
C PRO A 463 2.56 2.23 18.90
N THR A 464 1.52 1.42 18.69
CA THR A 464 0.17 1.67 19.18
C THR A 464 -0.26 0.53 20.09
N MET A 465 -0.61 0.82 21.34
CA MET A 465 -1.17 -0.12 22.29
C MET A 465 -2.70 -0.03 22.23
N CYS A 466 -3.40 -1.15 22.16
CA CYS A 466 -4.85 -1.18 22.05
C CYS A 466 -5.53 -1.24 23.43
N ASP A 467 -6.80 -0.83 23.51
CA ASP A 467 -7.70 -1.30 24.55
C ASP A 467 -7.93 -2.80 24.31
N ILE A 468 -7.40 -3.65 25.17
CA ILE A 468 -7.44 -5.10 24.96
C ILE A 468 -8.79 -5.70 25.31
N ARG A 469 -9.49 -5.14 26.29
CA ARG A 469 -10.84 -5.67 26.63
C ARG A 469 -11.81 -5.39 25.47
N GLN A 470 -11.68 -4.25 24.78
CA GLN A 470 -12.40 -4.00 23.54
C GLN A 470 -11.93 -4.90 22.38
N LEU A 471 -10.63 -4.97 22.09
CA LEU A 471 -10.11 -5.73 20.96
C LEU A 471 -10.46 -7.23 21.03
N LEU A 472 -10.48 -7.81 22.23
CA LEU A 472 -10.86 -9.21 22.46
C LEU A 472 -12.37 -9.49 22.33
N PHE A 473 -13.24 -8.49 22.32
CA PHE A 473 -14.64 -8.66 21.91
C PHE A 473 -14.80 -8.44 20.41
N VAL A 474 -14.19 -7.40 19.86
CA VAL A 474 -14.25 -7.10 18.42
C VAL A 474 -13.71 -8.26 17.59
N VAL A 475 -12.62 -8.93 17.98
CA VAL A 475 -12.09 -10.09 17.24
C VAL A 475 -13.07 -11.27 17.18
N GLU A 476 -13.99 -11.43 18.14
CA GLU A 476 -14.99 -12.51 18.13
C GLU A 476 -16.23 -12.15 17.30
N VAL A 477 -16.57 -10.87 17.13
CA VAL A 477 -17.61 -10.41 16.21
C VAL A 477 -17.09 -10.30 14.78
N VAL A 478 -15.82 -9.92 14.57
CA VAL A 478 -15.14 -9.95 13.27
C VAL A 478 -15.05 -11.36 12.71
N ASP A 479 -14.83 -12.37 13.55
CA ASP A 479 -14.80 -13.77 13.12
C ASP A 479 -16.17 -14.30 12.65
N LYS A 480 -17.29 -13.73 13.12
CA LYS A 480 -18.64 -14.10 12.62
C LYS A 480 -18.86 -13.76 11.15
N TYR A 481 -18.12 -12.81 10.58
CA TYR A 481 -18.13 -12.56 9.13
C TYR A 481 -17.39 -13.63 8.32
N PHE A 482 -16.67 -14.57 8.94
CA PHE A 482 -15.87 -15.61 8.28
C PHE A 482 -16.31 -17.05 8.62
N ASP A 483 -17.47 -17.27 9.24
CA ASP A 483 -18.07 -18.59 9.44
C ASP A 483 -18.56 -19.26 8.14
N CYS A 484 -18.66 -18.53 7.04
CA CYS A 484 -19.16 -19.02 5.75
C CYS A 484 -18.25 -20.03 5.03
N TYR A 485 -16.95 -20.08 5.38
CA TYR A 485 -15.86 -20.62 4.55
C TYR A 485 -15.14 -21.82 5.18
N ASP A 486 -14.63 -22.74 4.35
CA ASP A 486 -13.70 -23.80 4.77
C ASP A 486 -12.24 -23.37 4.59
N GLY A 487 -11.30 -24.08 5.22
CA GLY A 487 -9.87 -23.79 5.16
C GLY A 487 -9.01 -24.89 5.78
N GLY A 488 -7.70 -24.78 5.66
CA GLY A 488 -6.76 -25.81 6.12
C GLY A 488 -5.53 -25.93 5.23
N CYS A 489 -4.60 -26.81 5.58
CA CYS A 489 -3.38 -27.06 4.83
C CYS A 489 -3.62 -27.98 3.63
N ILE A 490 -2.74 -27.89 2.62
CA ILE A 490 -2.74 -28.72 1.42
C ILE A 490 -1.32 -29.19 1.07
N ASN A 491 -1.20 -30.25 0.27
CA ASN A 491 0.09 -30.74 -0.24
C ASN A 491 0.52 -29.94 -1.48
N ALA A 492 1.81 -29.97 -1.83
CA ALA A 492 2.32 -29.31 -3.03
C ALA A 492 1.69 -29.81 -4.35
N ASN A 493 1.06 -31.00 -4.36
CA ASN A 493 0.27 -31.52 -5.48
C ASN A 493 -0.94 -30.65 -5.83
N GLN A 494 -1.48 -29.90 -4.86
CA GLN A 494 -2.79 -29.24 -4.95
C GLN A 494 -2.71 -27.73 -5.18
N VAL A 495 -1.52 -27.13 -5.04
CA VAL A 495 -1.31 -25.67 -5.11
C VAL A 495 -1.42 -25.18 -6.56
N ILE A 496 -2.17 -24.10 -6.77
CA ILE A 496 -2.35 -23.45 -8.08
C ILE A 496 -1.60 -22.12 -8.11
N VAL A 497 -0.81 -21.88 -9.14
CA VAL A 497 0.01 -20.67 -9.33
C VAL A 497 -0.44 -19.93 -10.59
N ASN A 498 -0.83 -18.65 -10.48
CA ASN A 498 -1.51 -17.93 -11.56
C ASN A 498 -0.60 -17.64 -12.76
N ASN A 499 0.67 -17.26 -12.53
CA ASN A 499 1.65 -16.92 -13.56
C ASN A 499 3.06 -17.15 -13.01
N LEU A 500 3.83 -18.06 -13.61
CA LEU A 500 5.16 -18.43 -13.16
C LEU A 500 6.29 -17.56 -13.74
N ASP A 501 6.01 -16.70 -14.72
CA ASP A 501 6.98 -15.77 -15.31
C ASP A 501 7.01 -14.41 -14.58
N LYS A 502 7.09 -14.45 -13.25
CA LYS A 502 7.17 -13.29 -12.35
C LYS A 502 8.28 -13.46 -11.31
N SER A 503 8.76 -12.37 -10.73
CA SER A 503 10.00 -12.35 -9.94
C SER A 503 10.00 -13.28 -8.72
N ALA A 504 11.15 -13.89 -8.43
CA ALA A 504 11.41 -14.69 -7.23
C ALA A 504 11.98 -13.89 -6.03
N GLY A 505 12.16 -12.57 -6.16
CA GLY A 505 12.71 -11.70 -5.10
C GLY A 505 14.22 -11.83 -4.92
N PHE A 506 14.78 -11.18 -3.90
CA PHE A 506 16.24 -11.19 -3.65
C PHE A 506 16.65 -12.42 -2.79
N PRO A 507 17.81 -13.07 -3.04
CA PRO A 507 18.72 -12.92 -4.18
C PRO A 507 18.31 -13.71 -5.43
N PHE A 508 17.23 -14.48 -5.38
CA PHE A 508 16.85 -15.48 -6.37
C PHE A 508 16.63 -14.95 -7.78
N ASN A 509 16.30 -13.66 -7.95
CA ASN A 509 16.16 -13.00 -9.24
C ASN A 509 17.50 -12.82 -10.00
N LYS A 510 18.65 -13.14 -9.40
CA LYS A 510 19.94 -13.28 -10.10
C LYS A 510 19.97 -14.47 -11.06
N TRP A 511 19.16 -15.51 -10.81
CA TRP A 511 19.29 -16.80 -11.49
C TRP A 511 18.03 -17.27 -12.25
N GLY A 512 16.86 -16.71 -11.99
CA GLY A 512 15.64 -17.00 -12.76
C GLY A 512 14.36 -16.39 -12.20
N LYS A 513 13.25 -16.56 -12.92
CA LYS A 513 11.89 -16.23 -12.47
C LYS A 513 11.26 -17.39 -11.70
N ALA A 514 10.10 -17.20 -11.09
CA ALA A 514 9.50 -18.20 -10.19
C ALA A 514 9.37 -19.61 -10.80
N ARG A 515 9.18 -19.71 -12.12
CA ARG A 515 9.18 -20.95 -12.91
C ARG A 515 10.36 -21.87 -12.60
N LEU A 516 11.58 -21.34 -12.44
CA LEU A 516 12.79 -22.12 -12.17
C LEU A 516 12.73 -22.87 -10.84
N TYR A 517 12.16 -22.27 -9.79
CA TYR A 517 12.17 -22.84 -8.45
C TYR A 517 11.03 -23.84 -8.25
N TYR A 518 9.88 -23.64 -8.89
CA TYR A 518 8.84 -24.65 -8.98
C TYR A 518 9.22 -25.84 -9.88
N ASP A 519 9.99 -25.64 -10.95
CA ASP A 519 10.49 -26.75 -11.77
C ASP A 519 11.64 -27.53 -11.11
N SER A 520 12.53 -26.87 -10.38
CA SER A 520 13.71 -27.49 -9.77
C SER A 520 13.45 -28.28 -8.48
N MET A 521 12.39 -27.98 -7.72
CA MET A 521 12.04 -28.72 -6.51
C MET A 521 10.88 -29.70 -6.76
N SER A 522 11.10 -30.99 -6.51
CA SER A 522 10.02 -31.99 -6.51
C SER A 522 9.02 -31.72 -5.40
N TYR A 523 7.82 -32.31 -5.45
CA TYR A 523 6.81 -32.08 -4.42
C TYR A 523 7.26 -32.50 -3.02
N GLU A 524 8.18 -33.46 -2.88
CA GLU A 524 8.78 -33.82 -1.59
C GLU A 524 9.92 -32.87 -1.14
N ASP A 525 10.56 -32.10 -2.02
CA ASP A 525 11.37 -30.94 -1.61
C ASP A 525 10.47 -29.78 -1.16
N GLN A 526 9.34 -29.54 -1.84
CA GLN A 526 8.39 -28.48 -1.50
C GLN A 526 7.63 -28.75 -0.18
N ASP A 527 7.09 -29.96 0.05
CA ASP A 527 6.44 -30.31 1.31
C ASP A 527 7.41 -30.34 2.51
N ALA A 528 8.68 -30.70 2.30
CA ALA A 528 9.69 -30.69 3.36
C ALA A 528 10.17 -29.28 3.73
N LEU A 529 10.15 -28.31 2.81
CA LEU A 529 10.35 -26.90 3.14
C LEU A 529 9.16 -26.36 3.96
N PHE A 530 7.92 -26.71 3.64
CA PHE A 530 6.75 -26.25 4.41
C PHE A 530 6.73 -26.80 5.83
N ALA A 531 6.97 -28.09 6.04
CA ALA A 531 7.00 -28.72 7.35
C ALA A 531 8.17 -28.27 8.25
N TYR A 532 9.16 -27.61 7.65
CA TYR A 532 10.27 -27.04 8.46
C TYR A 532 9.78 -25.75 9.14
N THR A 533 8.97 -24.96 8.43
CA THR A 533 8.47 -23.67 8.95
C THR A 533 7.49 -23.80 10.13
N LYS A 534 6.88 -24.97 10.34
CA LYS A 534 6.07 -25.28 11.53
C LYS A 534 6.93 -25.51 12.80
N ARG A 535 8.27 -25.42 12.71
CA ARG A 535 9.23 -25.65 13.79
C ARG A 535 10.37 -24.63 13.88
N ASN A 536 10.52 -23.76 12.88
CA ASN A 536 11.66 -22.86 12.72
C ASN A 536 11.22 -21.55 12.07
N VAL A 537 11.89 -20.43 12.38
CA VAL A 537 11.64 -19.12 11.76
C VAL A 537 12.65 -18.88 10.64
N ILE A 538 12.18 -18.68 9.40
CA ILE A 538 13.02 -18.24 8.28
C ILE A 538 12.81 -16.74 8.06
N PRO A 539 13.74 -15.86 8.47
CA PRO A 539 13.71 -14.46 8.08
C PRO A 539 14.07 -14.31 6.60
N THR A 540 13.50 -13.33 5.89
CA THR A 540 13.72 -13.13 4.44
C THR A 540 13.83 -11.65 4.07
N ILE A 541 14.54 -11.35 2.98
CA ILE A 541 14.68 -10.01 2.40
C ILE A 541 13.52 -9.70 1.42
N THR A 542 13.06 -8.46 1.36
CA THR A 542 12.00 -7.97 0.44
C THR A 542 12.51 -6.85 -0.45
N GLN A 543 12.37 -6.90 -1.76
CA GLN A 543 12.68 -5.74 -2.62
C GLN A 543 11.55 -4.71 -2.61
N MET A 544 11.88 -3.42 -2.78
CA MET A 544 10.91 -2.38 -3.12
C MET A 544 11.10 -1.93 -4.57
N ASN A 545 10.04 -2.05 -5.39
CA ASN A 545 10.07 -1.75 -6.82
C ASN A 545 9.15 -0.57 -7.16
N LEU A 546 9.61 0.41 -7.95
CA LEU A 546 8.79 1.50 -8.48
C LEU A 546 7.88 1.05 -9.63
N LYS A 547 6.61 1.49 -9.67
CA LYS A 547 5.67 1.24 -10.77
C LYS A 547 5.78 2.26 -11.91
N TYR A 548 5.60 1.79 -13.14
CA TYR A 548 5.47 2.59 -14.37
C TYR A 548 4.10 2.34 -14.99
N ALA A 549 3.10 3.14 -14.61
CA ALA A 549 1.69 2.97 -14.98
C ALA A 549 0.92 4.29 -14.89
N ILE A 550 -0.22 4.40 -15.57
CA ILE A 550 -0.98 5.66 -15.70
C ILE A 550 -1.66 6.10 -14.39
N SER A 551 -1.69 7.39 -14.07
CA SER A 551 -2.21 7.91 -12.79
C SER A 551 -2.74 9.35 -12.88
N ALA A 552 -3.60 9.74 -11.93
CA ALA A 552 -4.07 11.11 -11.73
C ALA A 552 -3.15 11.97 -10.85
N LYS A 553 -2.16 11.38 -10.18
CA LYS A 553 -1.33 11.98 -9.12
C LYS A 553 0.15 11.85 -9.44
N ASN A 554 0.95 12.87 -9.14
CA ASN A 554 2.36 12.91 -9.56
C ASN A 554 3.35 12.19 -8.63
N ARG A 555 2.94 11.72 -7.45
CA ARG A 555 3.82 11.01 -6.51
C ARG A 555 4.07 9.56 -6.92
N ALA A 556 5.24 9.03 -6.59
CA ALA A 556 5.66 7.67 -6.91
C ALA A 556 4.79 6.62 -6.21
N ARG A 557 4.81 5.40 -6.74
CA ARG A 557 4.21 4.21 -6.11
C ARG A 557 5.22 3.08 -6.10
N THR A 558 5.36 2.38 -4.97
CA THR A 558 6.20 1.20 -4.85
C THR A 558 5.41 -0.02 -4.40
N VAL A 559 5.88 -1.21 -4.77
CA VAL A 559 5.32 -2.51 -4.37
C VAL A 559 6.41 -3.42 -3.83
N ALA A 560 6.04 -4.36 -2.95
CA ALA A 560 6.98 -5.21 -2.25
C ALA A 560 7.20 -6.54 -2.98
N GLY A 561 8.39 -6.80 -3.49
CA GLY A 561 8.77 -8.07 -4.11
C GLY A 561 9.22 -9.09 -3.08
N VAL A 562 8.29 -9.76 -2.42
CA VAL A 562 8.57 -10.77 -1.39
C VAL A 562 9.30 -12.00 -1.96
N SER A 563 10.19 -12.60 -1.19
CA SER A 563 11.07 -13.71 -1.60
C SER A 563 10.32 -15.03 -1.83
N ILE A 564 10.78 -15.87 -2.77
CA ILE A 564 10.08 -17.13 -3.12
C ILE A 564 9.90 -18.12 -1.96
N CYS A 565 10.83 -18.24 -1.00
CA CYS A 565 10.65 -19.08 0.19
C CYS A 565 9.47 -18.64 1.09
N SER A 566 9.15 -17.35 1.09
CA SER A 566 8.00 -16.81 1.80
C SER A 566 6.70 -17.13 1.04
N THR A 567 6.62 -16.76 -0.24
CA THR A 567 5.41 -16.98 -1.05
C THR A 567 5.06 -18.45 -1.20
N MET A 568 6.05 -19.31 -1.47
CA MET A 568 5.87 -20.73 -1.71
C MET A 568 5.26 -21.47 -0.51
N THR A 569 5.66 -21.12 0.70
CA THR A 569 5.14 -21.73 1.94
C THR A 569 3.90 -21.02 2.49
N ASN A 570 3.67 -19.73 2.22
CA ASN A 570 2.43 -19.04 2.57
C ASN A 570 1.24 -19.43 1.68
N ARG A 571 1.44 -19.70 0.37
CA ARG A 571 0.41 -20.29 -0.50
C ARG A 571 -0.09 -21.62 0.03
N GLN A 572 0.80 -22.49 0.45
CA GLN A 572 0.45 -23.82 0.93
C GLN A 572 -0.28 -23.85 2.29
N PHE A 573 -0.16 -22.80 3.11
CA PHE A 573 -0.90 -22.61 4.35
C PHE A 573 -2.27 -21.96 4.14
N HIS A 574 -2.36 -20.87 3.37
CA HIS A 574 -3.59 -20.07 3.22
C HIS A 574 -4.46 -20.40 2.00
N GLN A 575 -3.95 -20.92 0.89
CA GLN A 575 -4.67 -20.89 -0.40
C GLN A 575 -6.03 -21.59 -0.39
N LYS A 576 -6.23 -22.65 0.41
CA LYS A 576 -7.53 -23.33 0.51
C LYS A 576 -8.64 -22.42 1.06
N LEU A 577 -8.32 -21.49 1.98
CA LEU A 577 -9.27 -20.48 2.45
C LEU A 577 -9.47 -19.38 1.41
N LEU A 578 -8.40 -18.84 0.81
CA LEU A 578 -8.50 -17.73 -0.13
C LEU A 578 -9.29 -18.12 -1.38
N LYS A 579 -9.18 -19.37 -1.84
CA LYS A 579 -10.01 -19.92 -2.93
C LYS A 579 -11.49 -20.15 -2.55
N SER A 580 -11.80 -20.29 -1.26
CA SER A 580 -13.17 -20.43 -0.73
C SER A 580 -13.89 -19.09 -0.55
N ILE A 581 -13.16 -18.04 -0.17
CA ILE A 581 -13.64 -16.65 -0.15
C ILE A 581 -13.97 -16.17 -1.56
N ALA A 582 -13.14 -16.44 -2.57
CA ALA A 582 -13.39 -16.01 -3.95
C ALA A 582 -14.49 -16.80 -4.69
N ALA A 583 -14.85 -18.01 -4.24
CA ALA A 583 -15.92 -18.82 -4.82
C ALA A 583 -17.31 -18.54 -4.24
N THR A 584 -17.41 -17.90 -3.07
CA THR A 584 -18.69 -17.59 -2.40
C THR A 584 -19.38 -16.39 -3.06
N ARG A 585 -20.73 -16.35 -3.04
CA ARG A 585 -21.57 -15.24 -3.53
C ARG A 585 -22.61 -14.83 -2.48
N GLY A 586 -22.94 -13.55 -2.42
CA GLY A 586 -23.93 -13.00 -1.48
C GLY A 586 -23.42 -12.76 -0.05
N ALA A 587 -22.12 -12.76 0.19
CA ALA A 587 -21.50 -12.48 1.49
C ALA A 587 -21.00 -11.03 1.61
N THR A 588 -20.48 -10.61 2.78
CA THR A 588 -19.96 -9.25 3.00
C THR A 588 -18.71 -8.95 2.17
N VAL A 589 -17.75 -9.86 2.12
CA VAL A 589 -16.50 -9.70 1.36
C VAL A 589 -16.75 -10.09 -0.10
N VAL A 590 -16.64 -9.14 -1.03
CA VAL A 590 -16.98 -9.33 -2.46
C VAL A 590 -15.78 -9.58 -3.37
N ILE A 591 -14.61 -9.98 -2.82
CA ILE A 591 -13.50 -10.47 -3.64
C ILE A 591 -13.99 -11.66 -4.48
N GLY A 592 -13.75 -11.66 -5.78
CA GLY A 592 -14.17 -12.72 -6.70
C GLY A 592 -15.44 -12.44 -7.52
N THR A 593 -16.37 -11.61 -7.06
CA THR A 593 -17.59 -11.29 -7.83
C THR A 593 -17.27 -10.36 -9.00
N SER A 594 -17.70 -10.70 -10.23
CA SER A 594 -17.52 -9.87 -11.43
C SER A 594 -18.62 -8.81 -11.57
N LYS A 595 -18.33 -7.70 -12.25
CA LYS A 595 -19.32 -6.63 -12.56
C LYS A 595 -20.20 -6.93 -13.79
N PHE A 596 -19.74 -7.79 -14.68
CA PHE A 596 -20.40 -8.17 -15.94
C PHE A 596 -21.58 -9.11 -15.70
N TYR A 597 -22.40 -9.32 -16.73
CA TYR A 597 -23.53 -10.26 -16.74
C TYR A 597 -24.51 -10.09 -15.57
N GLY A 598 -24.78 -8.85 -15.17
CA GLY A 598 -25.70 -8.53 -14.08
C GLY A 598 -25.08 -8.58 -12.68
N GLY A 599 -23.79 -8.88 -12.54
CA GLY A 599 -23.12 -9.01 -11.25
C GLY A 599 -23.04 -7.73 -10.43
N TRP A 600 -22.99 -6.55 -11.04
CA TRP A 600 -23.01 -5.27 -10.30
C TRP A 600 -24.36 -5.00 -9.65
N HIS A 601 -25.46 -5.24 -10.37
CA HIS A 601 -26.81 -5.12 -9.86
C HIS A 601 -27.07 -6.12 -8.72
N ASN A 602 -26.57 -7.34 -8.82
CA ASN A 602 -26.69 -8.35 -7.77
C ASN A 602 -25.93 -7.96 -6.49
N MET A 603 -24.75 -7.32 -6.60
CA MET A 603 -24.03 -6.80 -5.45
C MET A 603 -24.78 -5.68 -4.74
N LEU A 604 -25.30 -4.68 -5.46
CA LEU A 604 -26.02 -3.56 -4.83
C LEU A 604 -27.33 -3.98 -4.19
N LYS A 605 -28.18 -4.80 -4.83
CA LYS A 605 -29.38 -5.31 -4.16
C LYS A 605 -29.10 -6.27 -3.00
N THR A 606 -27.87 -6.74 -2.81
CA THR A 606 -27.48 -7.52 -1.61
C THR A 606 -27.17 -6.64 -0.40
N VAL A 607 -26.51 -5.47 -0.54
CA VAL A 607 -26.32 -4.54 0.61
C VAL A 607 -27.62 -3.89 1.06
N TYR A 608 -28.52 -3.50 0.15
CA TYR A 608 -29.77 -2.85 0.51
C TYR A 608 -30.64 -3.75 1.42
N SER A 609 -30.60 -5.07 1.20
CA SER A 609 -31.10 -6.10 2.10
C SER A 609 -32.51 -5.78 2.63
N ASP A 610 -32.70 -5.79 3.95
CA ASP A 610 -33.95 -5.44 4.64
C ASP A 610 -33.73 -4.28 5.63
N VAL A 611 -32.87 -3.32 5.25
CA VAL A 611 -32.54 -2.12 6.04
C VAL A 611 -33.74 -1.17 6.05
N GLU A 612 -34.02 -0.54 7.20
CA GLU A 612 -35.13 0.41 7.38
C GLU A 612 -34.59 1.85 7.41
N ASN A 613 -35.31 2.82 6.82
CA ASN A 613 -34.85 4.21 6.65
C ASN A 613 -33.42 4.34 6.06
N PRO A 614 -33.08 3.64 4.95
CA PRO A 614 -31.70 3.46 4.51
C PRO A 614 -31.08 4.72 3.91
N HIS A 615 -29.87 5.05 4.34
CA HIS A 615 -28.92 5.91 3.62
C HIS A 615 -27.70 5.07 3.20
N LEU A 616 -26.85 5.60 2.34
CA LEU A 616 -25.57 4.99 1.96
C LEU A 616 -24.40 5.87 2.44
N MET A 617 -23.28 5.26 2.79
CA MET A 617 -22.01 5.99 2.94
C MET A 617 -20.79 5.16 2.57
N GLY A 618 -19.68 5.85 2.37
CA GLY A 618 -18.38 5.27 2.12
C GLY A 618 -17.29 6.23 2.58
N TRP A 619 -16.15 5.69 2.96
CA TRP A 619 -15.06 6.41 3.63
C TRP A 619 -13.70 6.05 3.03
N ASP A 620 -12.64 6.68 3.53
CA ASP A 620 -11.26 6.55 3.07
C ASP A 620 -10.32 6.24 4.25
N TYR A 621 -9.26 5.47 4.05
CA TYR A 621 -8.18 5.31 5.03
C TYR A 621 -6.92 6.05 4.55
N PRO A 622 -6.53 7.18 5.17
CA PRO A 622 -5.28 7.85 4.84
C PRO A 622 -4.07 6.92 5.01
N LYS A 623 -3.07 7.01 4.12
CA LYS A 623 -1.75 6.37 4.24
C LYS A 623 -1.85 4.87 4.63
N CYS A 624 -2.79 4.12 4.09
CA CYS A 624 -3.29 2.90 4.73
C CYS A 624 -2.23 1.81 4.99
N ASP A 625 -1.43 1.44 3.99
CA ASP A 625 -0.43 0.37 4.14
C ASP A 625 0.72 0.79 5.06
N ARG A 626 1.13 2.06 5.03
CA ARG A 626 2.17 2.61 5.90
C ARG A 626 1.72 2.76 7.34
N ALA A 627 0.50 3.23 7.59
CA ALA A 627 0.02 3.60 8.93
C ALA A 627 -0.58 2.45 9.76
N MET A 628 -0.96 1.30 9.17
CA MET A 628 -1.61 0.19 9.87
C MET A 628 -0.79 -0.34 11.07
N PRO A 629 -1.33 -0.38 12.30
CA PRO A 629 -0.64 -0.90 13.49
C PRO A 629 -0.27 -2.38 13.40
N ASN A 630 0.86 -2.78 13.99
CA ASN A 630 1.26 -4.17 14.09
C ASN A 630 0.24 -5.04 14.85
N MET A 631 -0.43 -4.50 15.87
CA MET A 631 -1.46 -5.23 16.61
C MET A 631 -2.68 -5.61 15.77
N LEU A 632 -3.06 -4.79 14.78
CA LEU A 632 -4.19 -5.10 13.88
C LEU A 632 -3.79 -5.98 12.70
N ARG A 633 -2.53 -5.95 12.26
CA ARG A 633 -2.02 -6.89 11.24
C ARG A 633 -1.69 -8.27 11.80
N ILE A 634 -1.30 -8.39 13.07
CA ILE A 634 -1.23 -9.68 13.80
C ILE A 634 -2.62 -10.28 13.94
N MET A 635 -3.60 -9.51 14.44
CA MET A 635 -4.99 -9.96 14.59
C MET A 635 -5.58 -10.50 13.27
N ALA A 636 -5.36 -9.84 12.14
CA ALA A 636 -5.81 -10.33 10.84
C ALA A 636 -5.24 -11.71 10.49
N SER A 637 -3.97 -11.98 10.77
CA SER A 637 -3.38 -13.31 10.54
C SER A 637 -3.90 -14.39 11.47
N LEU A 638 -4.22 -14.08 12.74
CA LEU A 638 -4.85 -15.00 13.67
C LEU A 638 -6.29 -15.35 13.26
N VAL A 639 -7.08 -14.39 12.76
CA VAL A 639 -8.45 -14.63 12.25
C VAL A 639 -8.44 -15.52 11.00
N LEU A 640 -7.50 -15.36 10.07
CA LEU A 640 -7.33 -16.28 8.94
C LEU A 640 -6.86 -17.67 9.39
N ALA A 641 -5.96 -17.77 10.37
CA ALA A 641 -5.43 -19.02 10.89
C ALA A 641 -6.43 -19.85 11.72
N ARG A 642 -7.59 -19.32 12.13
CA ARG A 642 -8.60 -20.06 12.93
C ARG A 642 -9.18 -21.29 12.26
N LYS A 643 -9.00 -21.46 10.94
CA LYS A 643 -9.42 -22.64 10.16
C LYS A 643 -8.56 -23.89 10.41
N HIS A 644 -7.41 -23.76 11.06
CA HIS A 644 -6.42 -24.83 11.22
C HIS A 644 -6.61 -25.73 12.45
N THR A 645 -7.79 -25.76 13.09
CA THR A 645 -8.03 -26.58 14.29
C THR A 645 -7.88 -28.09 14.07
N THR A 646 -8.16 -28.59 12.86
CA THR A 646 -8.09 -30.02 12.51
C THR A 646 -6.68 -30.51 12.18
N CYS A 647 -5.81 -29.68 11.59
CA CYS A 647 -4.57 -30.11 10.93
C CYS A 647 -3.26 -29.58 11.53
N CYS A 648 -3.29 -28.57 12.41
CA CYS A 648 -2.11 -27.97 13.04
C CYS A 648 -2.29 -27.91 14.56
N SER A 649 -1.28 -28.29 15.34
CA SER A 649 -1.28 -28.09 16.79
C SER A 649 -1.06 -26.63 17.17
N LEU A 650 -1.30 -26.26 18.43
CA LEU A 650 -1.05 -24.91 18.95
C LEU A 650 0.39 -24.43 18.70
N SER A 651 1.37 -25.32 18.83
CA SER A 651 2.78 -25.02 18.58
C SER A 651 3.09 -24.80 17.09
N HIS A 652 2.48 -25.56 16.18
CA HIS A 652 2.63 -25.33 14.74
C HIS A 652 2.01 -24.01 14.30
N ARG A 653 0.89 -23.61 14.89
CA ARG A 653 0.24 -22.31 14.62
C ARG A 653 0.99 -21.11 15.17
N PHE A 654 1.75 -21.24 16.27
CA PHE A 654 2.66 -20.17 16.71
C PHE A 654 3.85 -19.99 15.77
N TYR A 655 4.57 -21.05 15.39
CA TYR A 655 5.71 -20.91 14.47
C TYR A 655 5.30 -20.46 13.06
N ARG A 656 4.05 -20.75 12.67
CA ARG A 656 3.52 -20.13 11.43
C ARG A 656 3.37 -18.61 11.62
N LEU A 657 2.86 -18.17 12.77
CA LEU A 657 2.66 -16.74 13.05
C LEU A 657 4.00 -15.98 13.10
N ALA A 658 5.01 -16.55 13.76
CA ALA A 658 6.35 -15.97 13.82
C ALA A 658 7.00 -15.84 12.44
N ASN A 659 6.78 -16.81 11.53
CA ASN A 659 7.20 -16.70 10.14
C ASN A 659 6.46 -15.60 9.37
N GLU A 660 5.16 -15.41 9.50
CA GLU A 660 4.48 -14.29 8.84
C GLU A 660 4.96 -12.93 9.39
N CYS A 661 5.19 -12.80 10.70
CA CYS A 661 5.79 -11.59 11.29
C CYS A 661 7.20 -11.30 10.76
N ALA A 662 8.08 -12.31 10.75
CA ALA A 662 9.48 -12.20 10.35
C ALA A 662 9.70 -11.98 8.85
N GLN A 663 8.66 -12.12 8.02
CA GLN A 663 8.76 -12.08 6.55
C GLN A 663 7.95 -10.98 5.88
N VAL A 664 6.83 -10.52 6.46
CA VAL A 664 5.98 -9.48 5.83
C VAL A 664 5.53 -8.35 6.77
N LEU A 665 5.93 -8.37 8.05
CA LEU A 665 5.54 -7.33 9.01
C LEU A 665 6.76 -6.51 9.44
N SER A 666 7.66 -7.09 10.23
CA SER A 666 8.95 -6.51 10.60
C SER A 666 10.04 -7.31 9.90
N GLU A 667 10.83 -6.66 9.05
CA GLU A 667 11.58 -7.37 8.00
C GLU A 667 12.71 -6.48 7.46
N MET A 668 13.62 -7.04 6.68
CA MET A 668 14.65 -6.28 6.01
C MET A 668 14.28 -6.00 4.56
N VAL A 669 14.31 -4.74 4.20
CA VAL A 669 13.94 -4.24 2.89
C VAL A 669 15.19 -3.89 2.10
N MET A 670 15.30 -4.45 0.91
CA MET A 670 16.33 -4.20 -0.09
C MET A 670 15.90 -3.03 -0.96
N CYS A 671 16.48 -1.85 -0.74
CA CYS A 671 16.14 -0.63 -1.45
C CYS A 671 17.43 0.06 -1.91
N GLY A 672 17.55 0.43 -3.18
CA GLY A 672 18.75 1.10 -3.71
C GLY A 672 20.05 0.32 -3.58
N GLY A 673 20.00 -1.01 -3.44
CA GLY A 673 21.16 -1.87 -3.18
C GLY A 673 21.61 -1.97 -1.72
N SER A 674 20.82 -1.47 -0.77
CA SER A 674 21.12 -1.43 0.67
C SER A 674 19.99 -2.00 1.51
N LEU A 675 20.29 -2.51 2.70
CA LEU A 675 19.31 -3.11 3.61
C LEU A 675 18.88 -2.13 4.69
N TYR A 676 17.58 -2.00 4.91
CA TYR A 676 16.95 -1.20 5.96
C TYR A 676 15.95 -2.06 6.73
N VAL A 677 15.63 -1.72 7.98
CA VAL A 677 14.60 -2.43 8.75
C VAL A 677 13.26 -1.72 8.62
N LYS A 678 12.25 -2.41 8.07
CA LYS A 678 10.87 -1.92 7.97
C LYS A 678 10.20 -1.96 9.34
N PRO A 679 9.57 -0.87 9.82
CA PRO A 679 9.04 -0.80 11.19
C PRO A 679 7.68 -1.50 11.39
N GLY A 680 6.87 -1.67 10.36
CA GLY A 680 5.55 -2.27 10.47
C GLY A 680 4.70 -2.15 9.22
N GLY A 681 3.40 -2.39 9.36
CA GLY A 681 2.41 -2.18 8.29
C GLY A 681 2.47 -3.22 7.18
N THR A 682 1.51 -3.14 6.27
CA THR A 682 1.35 -4.10 5.18
C THR A 682 2.47 -3.98 4.14
N SER A 683 3.05 -5.10 3.73
CA SER A 683 3.89 -5.20 2.52
C SER A 683 3.03 -5.65 1.36
N SER A 684 2.49 -4.71 0.58
CA SER A 684 1.59 -5.02 -0.54
C SER A 684 2.33 -5.80 -1.63
N GLY A 685 2.01 -7.09 -1.77
CA GLY A 685 2.83 -8.10 -2.47
C GLY A 685 3.01 -9.39 -1.66
N ASP A 686 2.76 -9.33 -0.35
CA ASP A 686 2.43 -10.44 0.53
C ASP A 686 1.33 -11.33 -0.07
N ALA A 687 1.48 -12.65 -0.02
CA ALA A 687 0.54 -13.62 -0.59
C ALA A 687 -0.93 -13.49 -0.10
N THR A 688 -1.19 -12.86 1.04
CA THR A 688 -2.54 -12.67 1.61
C THR A 688 -3.01 -11.20 1.58
N THR A 689 -2.41 -10.32 0.77
CA THR A 689 -2.60 -8.85 0.77
C THR A 689 -4.07 -8.39 0.81
N ALA A 690 -4.92 -8.78 -0.15
CA ALA A 690 -6.29 -8.25 -0.26
C ALA A 690 -7.25 -8.80 0.81
N TYR A 691 -6.97 -10.00 1.32
CA TYR A 691 -7.78 -10.72 2.30
C TYR A 691 -7.49 -10.25 3.72
N ALA A 692 -6.23 -9.97 4.08
CA ALA A 692 -5.90 -9.36 5.36
C ALA A 692 -6.40 -7.91 5.47
N ASN A 693 -6.38 -7.11 4.39
CA ASN A 693 -6.99 -5.77 4.37
C ASN A 693 -8.49 -5.82 4.61
N SER A 694 -9.20 -6.83 4.09
CA SER A 694 -10.63 -6.98 4.31
C SER A 694 -11.00 -7.31 5.76
N VAL A 695 -10.18 -8.08 6.49
CA VAL A 695 -10.35 -8.33 7.93
C VAL A 695 -10.11 -7.06 8.76
N PHE A 696 -9.06 -6.29 8.48
CA PHE A 696 -8.83 -4.99 9.09
C PHE A 696 -9.97 -3.99 8.83
N ASN A 697 -10.49 -3.94 7.62
CA ASN A 697 -11.60 -3.06 7.24
C ASN A 697 -12.90 -3.40 8.00
N ILE A 698 -13.25 -4.67 8.19
CA ILE A 698 -14.37 -5.10 9.05
C ILE A 698 -14.10 -4.74 10.52
N CYS A 699 -12.89 -4.95 11.03
CA CYS A 699 -12.54 -4.64 12.42
C CYS A 699 -12.71 -3.16 12.80
N GLN A 700 -12.29 -2.23 11.95
CA GLN A 700 -12.47 -0.80 12.18
C GLN A 700 -13.94 -0.37 12.10
N ALA A 701 -14.76 -1.02 11.26
CA ALA A 701 -16.19 -0.77 11.16
C ALA A 701 -16.99 -1.38 12.32
N VAL A 702 -16.60 -2.52 12.88
CA VAL A 702 -17.19 -3.09 14.10
C VAL A 702 -16.79 -2.26 15.33
N THR A 703 -15.55 -1.79 15.41
CA THR A 703 -15.07 -0.90 16.49
C THR A 703 -15.86 0.41 16.58
N ALA A 704 -16.18 1.05 15.46
CA ALA A 704 -16.96 2.29 15.45
C ALA A 704 -18.37 2.11 16.04
N ASN A 705 -18.97 0.94 15.88
CA ASN A 705 -20.31 0.62 16.40
C ASN A 705 -20.32 0.30 17.90
N VAL A 706 -19.24 -0.24 18.45
CA VAL A 706 -19.06 -0.37 19.91
C VAL A 706 -18.93 1.02 20.55
N ASN A 707 -18.06 1.89 20.01
CA ASN A 707 -17.87 3.25 20.50
C ASN A 707 -19.11 4.16 20.36
N ALA A 708 -19.90 4.01 19.29
CA ALA A 708 -21.16 4.75 19.11
C ALA A 708 -22.21 4.39 20.17
N LEU A 709 -22.44 3.11 20.40
CA LEU A 709 -23.45 2.64 21.35
C LEU A 709 -23.03 2.86 22.82
N LEU A 710 -21.76 2.67 23.21
CA LEU A 710 -21.32 2.88 24.60
C LEU A 710 -21.14 4.34 25.02
N SER A 711 -20.95 5.27 24.09
CA SER A 711 -20.83 6.70 24.41
C SER A 711 -22.14 7.49 24.32
N THR A 712 -23.27 6.82 24.04
CA THR A 712 -24.61 7.38 24.10
C THR A 712 -25.11 7.44 25.55
N ASP A 713 -25.80 8.51 25.93
CA ASP A 713 -26.45 8.62 27.25
C ASP A 713 -27.61 7.64 27.35
N GLY A 714 -27.44 6.55 28.11
CA GLY A 714 -28.38 5.44 28.18
C GLY A 714 -29.74 5.77 28.77
N ASN A 715 -29.91 6.92 29.43
CA ASN A 715 -31.21 7.39 29.88
C ASN A 715 -32.06 8.02 28.75
N LYS A 716 -31.44 8.44 27.65
CA LYS A 716 -32.13 9.04 26.49
C LYS A 716 -32.67 8.02 25.49
N ILE A 717 -32.15 6.80 25.48
CA ILE A 717 -32.59 5.74 24.56
C ILE A 717 -34.05 5.38 24.87
N ALA A 718 -34.94 5.49 23.89
CA ALA A 718 -36.37 5.24 24.07
C ALA A 718 -36.75 3.75 23.98
N ASP A 719 -36.07 2.97 23.13
CA ASP A 719 -36.32 1.54 22.95
C ASP A 719 -35.69 0.70 24.07
N LYS A 720 -36.51 -0.01 24.85
CA LYS A 720 -36.07 -0.89 25.92
C LYS A 720 -35.20 -2.05 25.43
N TYR A 721 -35.30 -2.47 24.18
CA TYR A 721 -34.40 -3.49 23.63
C TYR A 721 -32.95 -2.98 23.52
N VAL A 722 -32.75 -1.72 23.08
CA VAL A 722 -31.41 -1.17 22.88
C VAL A 722 -30.76 -0.72 24.19
N ARG A 723 -31.52 -0.31 25.21
CA ARG A 723 -30.97 -0.14 26.58
C ARG A 723 -30.37 -1.45 27.11
N ASN A 724 -31.06 -2.58 26.92
CA ASN A 724 -30.55 -3.89 27.33
C ASN A 724 -29.35 -4.31 26.48
N LEU A 725 -29.34 -4.04 25.17
CA LEU A 725 -28.18 -4.31 24.32
C LEU A 725 -26.94 -3.52 24.77
N GLN A 726 -27.08 -2.23 25.10
CA GLN A 726 -25.99 -1.40 25.62
C GLN A 726 -25.49 -1.87 26.99
N HIS A 727 -26.41 -2.28 27.87
CA HIS A 727 -26.00 -2.81 29.19
C HIS A 727 -25.16 -4.08 29.00
N ARG A 728 -25.71 -5.08 28.29
CA ARG A 728 -24.99 -6.34 28.03
C ARG A 728 -23.65 -6.11 27.34
N LEU A 729 -23.57 -5.18 26.39
CA LEU A 729 -22.32 -4.86 25.70
C LEU A 729 -21.25 -4.40 26.68
N TYR A 730 -21.53 -3.50 27.62
CA TYR A 730 -20.54 -3.12 28.65
C TYR A 730 -20.10 -4.29 29.54
N GLU A 731 -21.02 -5.13 30.03
CA GLU A 731 -20.67 -6.32 30.82
C GLU A 731 -19.75 -7.27 30.04
N CYS A 732 -20.07 -7.59 28.79
CA CYS A 732 -19.27 -8.52 28.00
C CYS A 732 -17.90 -7.95 27.64
N LEU A 733 -17.82 -6.64 27.41
CA LEU A 733 -16.58 -5.94 27.08
C LEU A 733 -15.67 -5.88 28.31
N TYR A 734 -16.10 -5.25 29.40
CA TYR A 734 -15.24 -4.92 30.53
C TYR A 734 -15.45 -5.77 31.79
N ARG A 735 -16.43 -6.69 31.89
CA ARG A 735 -16.62 -7.45 33.16
C ARG A 735 -16.68 -8.98 33.07
N ASN A 736 -17.05 -9.58 31.95
CA ASN A 736 -16.77 -11.00 31.67
C ASN A 736 -15.34 -11.17 31.15
N ARG A 737 -14.64 -12.25 31.55
CA ARG A 737 -13.25 -12.55 31.13
C ARG A 737 -13.15 -13.70 30.12
N ASP A 738 -14.30 -14.25 29.70
CA ASP A 738 -14.44 -15.28 28.67
C ASP A 738 -15.60 -14.96 27.71
N VAL A 739 -15.60 -15.58 26.53
CA VAL A 739 -16.52 -15.25 25.44
C VAL A 739 -17.96 -15.69 25.72
N ASP A 740 -18.94 -14.82 25.48
CA ASP A 740 -20.37 -15.12 25.62
C ASP A 740 -21.02 -15.34 24.24
N THR A 741 -21.06 -16.59 23.79
CA THR A 741 -21.44 -16.97 22.43
C THR A 741 -22.83 -16.48 22.02
N ASP A 742 -23.78 -16.46 22.95
CA ASP A 742 -25.16 -16.01 22.68
C ASP A 742 -25.23 -14.49 22.46
N PHE A 743 -24.36 -13.71 23.12
CA PHE A 743 -24.31 -12.26 22.90
C PHE A 743 -23.50 -11.89 21.67
N VAL A 744 -22.40 -12.59 21.37
CA VAL A 744 -21.68 -12.40 20.11
C VAL A 744 -22.60 -12.65 18.90
N ASN A 745 -23.52 -13.62 18.99
CA ASN A 745 -24.58 -13.83 17.99
C ASN A 745 -25.67 -12.74 18.00
N GLU A 746 -26.10 -12.23 19.15
CA GLU A 746 -27.10 -11.17 19.24
C GLU A 746 -26.58 -9.83 18.70
N PHE A 747 -25.34 -9.45 19.02
CA PHE A 747 -24.75 -8.22 18.49
C PHE A 747 -24.49 -8.31 17.00
N TYR A 748 -23.99 -9.44 16.49
CA TYR A 748 -23.86 -9.68 15.05
C TYR A 748 -25.20 -9.60 14.31
N ALA A 749 -26.29 -10.15 14.85
CA ALA A 749 -27.63 -10.07 14.26
C ALA A 749 -28.20 -8.64 14.27
N TYR A 750 -27.97 -7.84 15.32
CA TYR A 750 -28.33 -6.42 15.36
C TYR A 750 -27.57 -5.62 14.30
N LEU A 751 -26.25 -5.78 14.28
CA LEU A 751 -25.36 -5.04 13.40
C LEU A 751 -25.66 -5.32 11.93
N ARG A 752 -25.86 -6.58 11.57
CA ARG A 752 -26.14 -7.01 10.19
C ARG A 752 -27.49 -6.57 9.63
N LYS A 753 -28.47 -6.23 10.47
CA LYS A 753 -29.72 -5.59 10.01
C LYS A 753 -29.60 -4.07 9.86
N HIS A 754 -29.02 -3.35 10.82
CA HIS A 754 -29.01 -1.88 10.85
C HIS A 754 -27.79 -1.23 10.19
N PHE A 755 -26.75 -1.99 9.85
CA PHE A 755 -25.48 -1.50 9.30
C PHE A 755 -24.90 -2.51 8.29
N SER A 756 -25.45 -2.55 7.09
CA SER A 756 -25.23 -3.58 6.07
C SER A 756 -24.05 -3.26 5.15
N MET A 757 -22.92 -3.96 5.29
CA MET A 757 -21.64 -3.66 4.59
C MET A 757 -21.42 -4.45 3.30
N MET A 758 -20.60 -3.92 2.41
CA MET A 758 -19.92 -4.62 1.30
C MET A 758 -18.48 -4.18 1.23
N ILE A 759 -17.52 -5.12 1.20
CA ILE A 759 -16.11 -4.87 1.48
C ILE A 759 -15.22 -5.57 0.46
N LEU A 760 -14.19 -4.86 -0.03
CA LEU A 760 -13.22 -5.37 -0.99
C LEU A 760 -11.88 -4.68 -0.75
N SER A 761 -11.00 -5.34 0.00
CA SER A 761 -9.73 -4.78 0.44
C SER A 761 -9.94 -3.46 1.18
N ASP A 762 -9.25 -2.38 0.85
CA ASP A 762 -9.36 -1.07 1.47
C ASP A 762 -10.60 -0.23 1.03
N ASP A 763 -11.51 -0.77 0.20
CA ASP A 763 -12.73 -0.08 -0.25
C ASP A 763 -14.00 -0.72 0.33
N ALA A 764 -14.96 0.11 0.76
CA ALA A 764 -16.20 -0.31 1.38
C ALA A 764 -17.39 0.58 0.99
N VAL A 765 -18.57 0.01 1.02
CA VAL A 765 -19.87 0.70 1.01
C VAL A 765 -20.69 0.18 2.17
N VAL A 766 -21.48 1.01 2.85
CA VAL A 766 -22.44 0.56 3.85
C VAL A 766 -23.80 1.20 3.63
N CYS A 767 -24.85 0.41 3.77
CA CYS A 767 -26.24 0.85 3.77
C CYS A 767 -26.75 0.74 5.20
N PHE A 768 -27.22 1.83 5.80
CA PHE A 768 -27.44 1.92 7.24
C PHE A 768 -28.76 2.59 7.60
N ASN A 769 -29.34 2.25 8.75
CA ASN A 769 -30.56 2.85 9.25
C ASN A 769 -30.28 4.28 9.73
N SER A 770 -30.69 5.27 8.98
CA SER A 770 -30.42 6.68 9.28
C SER A 770 -31.11 7.18 10.57
N THR A 771 -32.27 6.63 10.93
CA THR A 771 -32.97 7.00 12.18
C THR A 771 -32.20 6.52 13.41
N TYR A 772 -31.52 5.38 13.36
CA TYR A 772 -30.61 4.96 14.42
C TYR A 772 -29.29 5.74 14.39
N ALA A 773 -28.68 5.97 13.23
CA ALA A 773 -27.41 6.67 13.14
C ALA A 773 -27.48 8.11 13.65
N SER A 774 -28.59 8.81 13.42
CA SER A 774 -28.82 10.17 13.93
C SER A 774 -29.23 10.22 15.41
N GLN A 775 -29.68 9.12 16.01
CA GLN A 775 -29.83 8.98 17.47
C GLN A 775 -28.55 8.50 18.17
N GLY A 776 -27.55 8.02 17.43
CA GLY A 776 -26.30 7.47 17.96
C GLY A 776 -26.31 5.97 18.27
N LEU A 777 -27.29 5.20 17.80
CA LEU A 777 -27.41 3.77 18.08
C LEU A 777 -26.58 2.86 17.14
N VAL A 778 -26.04 3.42 16.05
CA VAL A 778 -25.07 2.81 15.11
C VAL A 778 -24.05 3.87 14.69
N ALA A 779 -22.94 3.47 14.08
CA ALA A 779 -21.87 4.38 13.63
C ALA A 779 -22.28 5.34 12.50
N SER A 780 -21.53 6.43 12.35
CA SER A 780 -21.64 7.45 11.31
C SER A 780 -20.25 8.05 11.04
N ILE A 781 -20.07 8.87 10.01
CA ILE A 781 -18.72 9.35 9.60
C ILE A 781 -17.97 10.05 10.74
N LYS A 782 -18.64 10.74 11.68
CA LYS A 782 -17.95 11.31 12.85
C LYS A 782 -17.33 10.26 13.76
N ASN A 783 -17.90 9.05 13.87
CA ASN A 783 -17.34 7.96 14.67
C ASN A 783 -16.15 7.29 13.97
N PHE A 784 -16.02 7.39 12.65
CA PHE A 784 -14.82 6.96 11.94
C PHE A 784 -13.64 7.93 12.11
N LYS A 785 -13.82 9.27 12.14
CA LYS A 785 -12.72 10.18 12.52
C LYS A 785 -12.05 9.75 13.82
N SER A 786 -12.85 9.51 14.86
CA SER A 786 -12.38 9.28 16.23
C SER A 786 -11.63 7.96 16.36
N VAL A 787 -12.12 6.87 15.78
CA VAL A 787 -11.44 5.57 15.80
C VAL A 787 -10.12 5.62 15.05
N LEU A 788 -10.04 6.24 13.87
CA LEU A 788 -8.78 6.36 13.14
C LEU A 788 -7.76 7.24 13.88
N TYR A 789 -8.19 8.24 14.64
CA TYR A 789 -7.29 9.11 15.40
C TYR A 789 -6.56 8.38 16.54
N TYR A 790 -7.24 7.62 17.40
CA TYR A 790 -6.58 6.91 18.51
C TYR A 790 -6.09 5.50 18.18
N GLN A 791 -6.69 4.81 17.20
CA GLN A 791 -6.37 3.42 16.85
C GLN A 791 -5.60 3.26 15.53
N ASN A 792 -5.47 4.28 14.69
CA ASN A 792 -4.74 4.19 13.42
C ASN A 792 -3.70 5.31 13.22
N ASN A 793 -3.64 6.31 14.12
CA ASN A 793 -2.75 7.46 14.07
C ASN A 793 -2.82 8.26 12.75
N VAL A 794 -4.03 8.45 12.18
CA VAL A 794 -4.26 9.37 11.05
C VAL A 794 -5.51 10.21 11.27
N PHE A 795 -5.52 11.45 10.79
CA PHE A 795 -6.72 12.29 10.79
C PHE A 795 -7.46 12.16 9.46
N MET A 796 -8.69 11.63 9.49
CA MET A 796 -9.52 11.42 8.30
C MET A 796 -10.42 12.63 8.04
N SER A 797 -10.11 13.45 7.03
CA SER A 797 -10.92 14.60 6.66
C SER A 797 -12.25 14.21 6.01
N GLU A 798 -13.39 14.75 6.46
CA GLU A 798 -14.71 14.45 5.90
C GLU A 798 -14.89 14.87 4.44
N ALA A 799 -13.97 15.65 3.88
CA ALA A 799 -14.00 16.00 2.46
C ALA A 799 -13.72 14.82 1.51
N LYS A 800 -13.14 13.71 1.99
CA LYS A 800 -12.85 12.48 1.21
C LYS A 800 -13.87 11.34 1.40
N CYS A 801 -14.77 11.47 2.36
CA CYS A 801 -15.94 10.61 2.55
C CYS A 801 -17.10 11.02 1.64
N TRP A 802 -18.13 10.20 1.55
CA TRP A 802 -19.37 10.55 0.84
C TRP A 802 -20.59 9.92 1.52
N THR A 803 -21.78 10.45 1.23
CA THR A 803 -23.05 9.85 1.61
C THR A 803 -24.12 10.13 0.57
N GLU A 804 -25.11 9.25 0.44
CA GLU A 804 -26.24 9.40 -0.48
C GLU A 804 -27.55 9.13 0.24
N THR A 805 -28.56 9.95 -0.03
CA THR A 805 -29.89 9.87 0.58
C THR A 805 -30.89 9.10 -0.28
N ASP A 806 -30.72 9.08 -1.61
CA ASP A 806 -31.63 8.40 -2.54
C ASP A 806 -30.99 7.14 -3.15
N LEU A 807 -31.49 5.95 -2.79
CA LEU A 807 -30.95 4.69 -3.29
C LEU A 807 -31.12 4.47 -4.79
N THR A 808 -32.01 5.20 -5.47
CA THR A 808 -32.17 5.13 -6.94
C THR A 808 -30.97 5.70 -7.71
N LYS A 809 -30.02 6.36 -7.02
CA LYS A 809 -28.75 6.86 -7.57
C LYS A 809 -27.54 5.95 -7.29
N GLY A 810 -27.65 4.97 -6.39
CA GLY A 810 -26.57 4.06 -6.03
C GLY A 810 -25.40 4.72 -5.28
N PRO A 811 -24.32 3.97 -4.97
CA PRO A 811 -23.15 4.53 -4.33
C PRO A 811 -22.39 5.50 -5.25
N HIS A 812 -21.84 6.58 -4.69
CA HIS A 812 -21.08 7.59 -5.44
C HIS A 812 -19.80 7.03 -6.08
N GLU A 813 -19.06 6.19 -5.38
CA GLU A 813 -18.03 5.31 -5.95
C GLU A 813 -17.94 3.99 -5.18
N PHE A 814 -17.61 2.92 -5.90
CA PHE A 814 -16.98 1.71 -5.38
C PHE A 814 -16.04 1.19 -6.47
N CYS A 815 -14.83 0.71 -6.16
CA CYS A 815 -13.84 0.28 -7.14
C CYS A 815 -13.62 1.30 -8.28
N SER A 816 -13.54 2.57 -7.90
CA SER A 816 -13.32 3.73 -8.78
C SER A 816 -14.33 3.92 -9.91
N GLN A 817 -15.51 3.33 -9.80
CA GLN A 817 -16.58 3.40 -10.79
C GLN A 817 -17.85 3.98 -10.21
N HIS A 818 -18.55 4.78 -11.01
CA HIS A 818 -19.83 5.37 -10.65
C HIS A 818 -20.98 4.44 -11.02
N THR A 819 -22.19 4.67 -10.53
CA THR A 819 -23.37 3.84 -10.79
C THR A 819 -24.50 4.64 -11.42
N MET A 820 -25.27 4.03 -12.32
CA MET A 820 -26.48 4.61 -12.90
C MET A 820 -27.60 3.58 -12.98
N LEU A 821 -28.85 3.98 -12.70
CA LEU A 821 -30.04 3.15 -12.88
C LEU A 821 -30.63 3.37 -14.27
N VAL A 822 -30.66 2.34 -15.12
CA VAL A 822 -31.08 2.41 -16.53
C VAL A 822 -32.03 1.28 -16.90
N LYS A 823 -32.95 1.53 -17.84
CA LYS A 823 -33.85 0.50 -18.38
C LYS A 823 -33.09 -0.45 -19.30
N GLN A 824 -33.31 -1.76 -19.15
CA GLN A 824 -32.67 -2.79 -19.96
C GLN A 824 -33.61 -3.98 -20.13
N GLY A 825 -34.28 -4.09 -21.27
CA GLY A 825 -35.44 -4.96 -21.45
C GLY A 825 -36.69 -4.33 -20.84
N ASP A 826 -37.51 -5.10 -20.13
CA ASP A 826 -38.75 -4.61 -19.51
C ASP A 826 -38.56 -3.95 -18.13
N ASP A 827 -37.36 -4.02 -17.54
CA ASP A 827 -37.07 -3.56 -16.17
C ASP A 827 -35.73 -2.81 -16.01
N TYR A 828 -35.55 -2.15 -14.87
CA TYR A 828 -34.42 -1.28 -14.56
C TYR A 828 -33.31 -2.02 -13.83
N VAL A 829 -32.04 -1.68 -14.12
CA VAL A 829 -30.84 -2.29 -13.53
C VAL A 829 -29.77 -1.25 -13.24
N TYR A 830 -28.87 -1.52 -12.30
CA TYR A 830 -27.68 -0.71 -12.05
C TYR A 830 -26.51 -1.13 -12.92
N LEU A 831 -25.88 -0.20 -13.65
CA LEU A 831 -24.65 -0.43 -14.42
C LEU A 831 -23.49 0.43 -13.88
N PRO A 832 -22.26 -0.08 -13.84
CA PRO A 832 -21.07 0.69 -13.48
C PRO A 832 -20.58 1.53 -14.67
N TYR A 833 -19.99 2.72 -14.46
CA TYR A 833 -19.29 3.43 -15.53
C TYR A 833 -17.96 4.07 -15.06
N PRO A 834 -16.91 4.08 -15.90
CA PRO A 834 -15.61 4.65 -15.54
C PRO A 834 -15.58 6.17 -15.65
N ASP A 835 -14.47 6.79 -15.26
CA ASP A 835 -14.20 8.19 -15.58
C ASP A 835 -13.81 8.34 -17.07
N PRO A 836 -14.48 9.14 -17.91
CA PRO A 836 -14.12 9.32 -19.32
C PRO A 836 -12.64 9.66 -19.59
N SER A 837 -12.05 10.47 -18.71
CA SER A 837 -10.63 10.89 -18.81
C SER A 837 -9.71 9.67 -18.66
N ARG A 838 -10.16 8.64 -17.96
CA ARG A 838 -9.34 7.42 -17.71
C ARG A 838 -9.22 6.63 -19.02
N ILE A 839 -10.36 6.41 -19.70
CA ILE A 839 -10.43 5.58 -20.93
C ILE A 839 -9.80 6.37 -22.09
N LEU A 840 -9.96 7.69 -22.11
CA LEU A 840 -9.27 8.48 -23.14
C LEU A 840 -7.74 8.53 -22.91
N GLY A 841 -7.28 8.68 -21.67
CA GLY A 841 -5.86 8.66 -21.34
C GLY A 841 -5.15 7.35 -21.69
N ALA A 842 -5.78 6.19 -21.50
CA ALA A 842 -5.23 4.88 -21.85
C ALA A 842 -5.16 4.62 -23.37
N GLY A 843 -5.94 5.34 -24.17
CA GLY A 843 -5.83 5.34 -25.62
C GLY A 843 -4.69 6.24 -26.11
N CYS A 844 -4.52 7.43 -25.52
CA CYS A 844 -3.47 8.38 -25.90
C CYS A 844 -2.07 8.01 -25.42
N PHE A 845 -1.89 7.42 -24.24
CA PHE A 845 -0.56 7.19 -23.65
C PHE A 845 -0.34 5.70 -23.34
N VAL A 846 0.85 5.19 -23.66
CA VAL A 846 1.19 3.76 -23.55
C VAL A 846 2.61 3.53 -23.02
N ASP A 847 2.86 2.38 -22.41
CA ASP A 847 4.11 2.02 -21.73
C ASP A 847 5.14 1.29 -22.61
N ASP A 848 4.91 1.17 -23.92
CA ASP A 848 5.82 0.54 -24.89
C ASP A 848 5.66 1.19 -26.26
N ILE A 849 6.70 1.25 -27.09
CA ILE A 849 6.63 1.96 -28.39
C ILE A 849 5.77 1.22 -29.41
N VAL A 850 5.80 -0.12 -29.46
CA VAL A 850 5.03 -0.90 -30.43
C VAL A 850 3.52 -0.81 -30.21
N LYS A 851 3.07 -0.46 -29.00
CA LYS A 851 1.65 -0.19 -28.70
C LYS A 851 1.09 1.03 -29.43
N THR A 852 1.93 1.89 -30.00
CA THR A 852 1.54 3.08 -30.76
C THR A 852 1.19 2.81 -32.24
N ASP A 853 1.30 1.57 -32.75
CA ASP A 853 0.67 1.19 -34.03
C ASP A 853 -0.62 0.42 -33.78
N GLY A 854 -1.76 1.01 -34.13
CA GLY A 854 -3.06 0.39 -33.88
C GLY A 854 -3.31 -0.89 -34.67
N THR A 855 -2.71 -1.08 -35.84
CA THR A 855 -2.94 -2.30 -36.65
C THR A 855 -2.40 -3.56 -35.98
N LEU A 856 -1.42 -3.43 -35.07
CA LEU A 856 -0.89 -4.52 -34.26
C LEU A 856 -1.74 -4.80 -33.01
N MET A 857 -2.60 -3.86 -32.60
CA MET A 857 -3.22 -3.80 -31.28
C MET A 857 -4.76 -3.63 -31.32
N ILE A 858 -5.48 -4.12 -32.33
CA ILE A 858 -6.92 -3.86 -32.46
C ILE A 858 -7.70 -4.36 -31.24
N GLU A 859 -7.37 -5.53 -30.69
CA GLU A 859 -8.06 -6.07 -29.51
C GLU A 859 -7.76 -5.32 -28.20
N ARG A 860 -6.75 -4.44 -28.19
CA ARG A 860 -6.52 -3.46 -27.11
C ARG A 860 -7.62 -2.41 -27.05
N PHE A 861 -8.17 -2.00 -28.18
CA PHE A 861 -9.28 -1.06 -28.27
C PHE A 861 -10.64 -1.75 -28.06
N VAL A 862 -10.78 -3.02 -28.41
CA VAL A 862 -11.97 -3.83 -28.07
C VAL A 862 -12.13 -3.94 -26.55
N SER A 863 -11.05 -4.20 -25.83
CA SER A 863 -11.07 -4.26 -24.36
C SER A 863 -11.44 -2.94 -23.69
N LEU A 864 -10.93 -1.79 -24.17
CA LEU A 864 -11.32 -0.47 -23.66
C LEU A 864 -12.77 -0.09 -24.01
N ALA A 865 -13.33 -0.56 -25.14
CA ALA A 865 -14.73 -0.37 -25.48
C ALA A 865 -15.70 -1.18 -24.59
N ILE A 866 -15.32 -2.36 -24.10
CA ILE A 866 -16.12 -3.12 -23.12
C ILE A 866 -16.32 -2.35 -21.81
N ASP A 867 -15.30 -1.63 -21.35
CA ASP A 867 -15.40 -0.73 -20.20
C ASP A 867 -16.08 0.61 -20.51
N ALA A 868 -15.97 1.14 -21.73
CA ALA A 868 -16.61 2.39 -22.13
C ALA A 868 -18.11 2.28 -22.40
N TYR A 869 -18.68 1.09 -22.66
CA TYR A 869 -20.06 0.97 -23.13
C TYR A 869 -21.14 1.64 -22.26
N PRO A 870 -21.16 1.49 -20.93
CA PRO A 870 -22.20 2.08 -20.09
C PRO A 870 -22.28 3.61 -20.17
N LEU A 871 -21.25 4.31 -20.67
CA LEU A 871 -21.28 5.75 -20.90
C LEU A 871 -22.32 6.15 -21.94
N THR A 872 -22.72 5.27 -22.86
CA THR A 872 -23.72 5.58 -23.91
C THR A 872 -25.10 5.95 -23.37
N LYS A 873 -25.41 5.57 -22.12
CA LYS A 873 -26.71 5.77 -21.47
C LYS A 873 -26.73 6.98 -20.53
N HIS A 874 -25.65 7.76 -20.49
CA HIS A 874 -25.49 8.91 -19.61
C HIS A 874 -26.16 10.17 -20.18
N PRO A 875 -26.79 11.05 -19.38
CA PRO A 875 -27.47 12.23 -19.89
C PRO A 875 -26.53 13.30 -20.48
N ASN A 876 -25.24 13.33 -20.12
CA ASN A 876 -24.26 14.22 -20.73
C ASN A 876 -23.77 13.67 -22.08
N GLN A 877 -24.09 14.31 -23.21
CA GLN A 877 -23.70 13.79 -24.53
C GLN A 877 -22.18 13.74 -24.73
N GLU A 878 -21.42 14.61 -24.08
CA GLU A 878 -19.96 14.59 -24.14
C GLU A 878 -19.35 13.34 -23.48
N TYR A 879 -20.08 12.62 -22.61
CA TYR A 879 -19.65 11.31 -22.10
C TYR A 879 -20.08 10.20 -23.07
N ALA A 880 -21.32 10.24 -23.55
CA ALA A 880 -21.86 9.23 -24.46
C ALA A 880 -21.12 9.13 -25.81
N ASP A 881 -20.50 10.22 -26.28
CA ASP A 881 -19.64 10.22 -27.46
C ASP A 881 -18.34 9.41 -27.31
N VAL A 882 -17.88 9.10 -26.09
CA VAL A 882 -16.61 8.39 -25.87
C VAL A 882 -16.68 6.93 -26.35
N PHE A 883 -17.80 6.23 -26.20
CA PHE A 883 -17.93 4.88 -26.74
C PHE A 883 -17.90 4.87 -28.27
N HIS A 884 -18.65 5.76 -28.93
CA HIS A 884 -18.71 5.84 -30.39
C HIS A 884 -17.37 6.23 -31.02
N LEU A 885 -16.52 7.00 -30.34
CA LEU A 885 -15.15 7.23 -30.75
C LEU A 885 -14.35 5.93 -30.86
N TYR A 886 -14.41 5.06 -29.84
CA TYR A 886 -13.70 3.79 -29.85
C TYR A 886 -14.19 2.84 -30.95
N LEU A 887 -15.50 2.75 -31.22
CA LEU A 887 -15.99 1.92 -32.32
C LEU A 887 -15.59 2.44 -33.71
N GLN A 888 -15.61 3.75 -33.93
CA GLN A 888 -15.17 4.35 -35.19
C GLN A 888 -13.66 4.18 -35.41
N TYR A 889 -12.84 4.22 -34.36
CA TYR A 889 -11.41 3.94 -34.46
C TYR A 889 -11.13 2.46 -34.78
N ILE A 890 -11.83 1.51 -34.15
CA ILE A 890 -11.69 0.08 -34.46
C ILE A 890 -11.99 -0.21 -35.93
N ARG A 891 -12.99 0.45 -36.54
CA ARG A 891 -13.26 0.35 -37.97
C ARG A 891 -12.10 0.87 -38.83
N LYS A 892 -11.58 2.08 -38.52
CA LYS A 892 -10.40 2.66 -39.20
C LYS A 892 -9.20 1.72 -39.16
N LEU A 893 -8.87 1.16 -38.01
CA LEU A 893 -7.75 0.24 -37.87
C LEU A 893 -7.88 -1.03 -38.70
N HIS A 894 -9.09 -1.58 -38.87
CA HIS A 894 -9.28 -2.78 -39.70
C HIS A 894 -9.23 -2.46 -41.21
N ASP A 895 -9.70 -1.29 -41.64
CA ASP A 895 -9.50 -0.82 -43.02
C ASP A 895 -8.01 -0.63 -43.35
N GLU A 896 -7.23 -0.03 -42.45
CA GLU A 896 -5.79 0.17 -42.64
C GLU A 896 -4.99 -1.14 -42.56
N LEU A 897 -5.31 -2.04 -41.63
CA LEU A 897 -4.71 -3.38 -41.59
C LEU A 897 -4.97 -4.15 -42.88
N THR A 898 -6.20 -4.08 -43.41
CA THR A 898 -6.57 -4.76 -44.68
C THR A 898 -5.80 -4.18 -45.86
N GLY A 899 -5.67 -2.85 -45.94
CA GLY A 899 -4.87 -2.20 -46.98
C GLY A 899 -3.38 -2.54 -46.90
N HIS A 900 -2.76 -2.44 -45.73
CA HIS A 900 -1.31 -2.73 -45.56
C HIS A 900 -1.00 -4.21 -45.79
N MET A 901 -1.89 -5.13 -45.42
CA MET A 901 -1.70 -6.56 -45.68
C MET A 901 -1.71 -6.88 -47.18
N LEU A 902 -2.65 -6.29 -47.94
CA LEU A 902 -2.70 -6.43 -49.39
C LEU A 902 -1.54 -5.73 -50.10
N ASP A 903 -1.09 -4.56 -49.65
CA ASP A 903 0.13 -3.93 -50.19
C ASP A 903 1.40 -4.75 -49.92
N MET A 904 1.47 -5.47 -48.79
CA MET A 904 2.66 -6.24 -48.41
C MET A 904 2.75 -7.63 -49.06
N TYR A 905 1.62 -8.33 -49.24
CA TYR A 905 1.60 -9.72 -49.75
C TYR A 905 0.72 -9.95 -50.98
N SER A 906 0.06 -8.92 -51.52
CA SER A 906 -0.88 -8.98 -52.65
C SER A 906 -2.11 -9.89 -52.42
N VAL A 907 -2.35 -10.33 -51.18
CA VAL A 907 -3.43 -11.23 -50.78
C VAL A 907 -4.10 -10.72 -49.50
N MET A 908 -5.43 -10.71 -49.45
CA MET A 908 -6.23 -10.33 -48.28
C MET A 908 -6.48 -11.50 -47.31
N LEU A 909 -6.81 -11.19 -46.06
CA LEU A 909 -7.30 -12.18 -45.10
C LEU A 909 -8.67 -12.74 -45.51
N THR A 910 -8.95 -14.02 -45.23
CA THR A 910 -10.31 -14.59 -45.33
C THR A 910 -11.15 -14.36 -44.06
N ASN A 911 -10.51 -14.09 -42.91
CA ASN A 911 -11.14 -13.87 -41.61
C ASN A 911 -11.70 -12.44 -41.46
N ASP A 912 -12.81 -12.12 -42.14
CA ASP A 912 -13.54 -10.85 -42.02
C ASP A 912 -14.36 -10.70 -40.71
N ASN A 913 -14.31 -11.70 -39.81
CA ASN A 913 -15.12 -11.75 -38.59
C ASN A 913 -14.82 -10.62 -37.57
N THR A 914 -13.80 -9.78 -37.79
CA THR A 914 -13.60 -8.51 -37.08
C THR A 914 -14.82 -7.59 -37.16
N SER A 915 -15.68 -7.79 -38.16
CA SER A 915 -16.89 -6.99 -38.44
C SER A 915 -17.87 -6.85 -37.27
N ARG A 916 -17.87 -7.77 -36.29
CA ARG A 916 -18.73 -7.65 -35.10
C ARG A 916 -18.21 -6.67 -34.05
N TYR A 917 -16.92 -6.30 -34.05
CA TYR A 917 -16.32 -5.46 -33.02
C TYR A 917 -16.58 -3.95 -33.20
N TRP A 918 -17.14 -3.49 -34.32
CA TRP A 918 -17.56 -2.10 -34.50
C TRP A 918 -19.08 -1.89 -34.47
N GLU A 919 -19.84 -2.81 -33.88
CA GLU A 919 -21.29 -2.73 -33.72
C GLU A 919 -21.73 -2.97 -32.26
N PRO A 920 -22.73 -2.24 -31.71
CA PRO A 920 -23.04 -2.28 -30.27
C PRO A 920 -23.48 -3.62 -29.69
N GLU A 921 -24.04 -4.55 -30.48
CA GLU A 921 -24.61 -5.79 -29.95
C GLU A 921 -23.59 -6.69 -29.23
N PHE A 922 -22.32 -6.69 -29.63
CA PHE A 922 -21.26 -7.43 -28.93
C PHE A 922 -21.00 -6.89 -27.52
N TYR A 923 -21.10 -5.57 -27.34
CA TYR A 923 -20.80 -4.88 -26.09
C TYR A 923 -22.01 -4.83 -25.14
N GLU A 924 -23.23 -4.71 -25.67
CA GLU A 924 -24.45 -4.75 -24.84
C GLU A 924 -24.59 -6.07 -24.10
N ALA A 925 -24.23 -7.18 -24.75
CA ALA A 925 -24.30 -8.52 -24.19
C ALA A 925 -23.39 -8.76 -22.97
N MET A 926 -22.43 -7.88 -22.69
CA MET A 926 -21.56 -7.97 -21.52
C MET A 926 -22.27 -7.59 -20.22
N TYR A 927 -23.44 -6.93 -20.30
CA TYR A 927 -24.13 -6.33 -19.17
C TYR A 927 -25.57 -6.85 -18.96
N THR A 928 -25.98 -7.91 -19.65
CA THR A 928 -27.28 -8.58 -19.48
C THR A 928 -27.14 -9.90 -18.73
N PRO A 929 -28.01 -10.24 -17.76
CA PRO A 929 -27.95 -11.52 -17.03
C PRO A 929 -28.23 -12.74 -17.91
N HIS A 930 -28.09 -13.95 -17.34
CA HIS A 930 -28.21 -15.27 -18.02
C HIS A 930 -27.08 -15.60 -19.02
N THR A 931 -25.96 -14.88 -18.92
CA THR A 931 -24.68 -15.07 -19.64
C THR A 931 -24.83 -15.21 -21.16
N PRO B 11 -0.26 -55.90 -42.77
CA PRO B 11 -0.90 -57.06 -43.40
C PRO B 11 -2.37 -56.81 -43.71
N SER B 12 -3.07 -55.98 -42.93
CA SER B 12 -4.44 -55.52 -43.20
C SER B 12 -4.49 -54.60 -44.43
N TYR B 13 -3.51 -53.70 -44.63
CA TYR B 13 -3.37 -52.95 -45.88
C TYR B 13 -3.18 -53.88 -47.08
N ALA B 14 -2.30 -54.89 -46.98
CA ALA B 14 -2.08 -55.86 -48.05
C ALA B 14 -3.36 -56.66 -48.39
N ALA B 15 -4.13 -57.07 -47.38
CA ALA B 15 -5.44 -57.71 -47.57
C ALA B 15 -6.45 -56.76 -48.25
N PHE B 16 -6.53 -55.51 -47.80
CA PHE B 16 -7.37 -54.47 -48.41
C PHE B 16 -7.00 -54.20 -49.89
N ALA B 17 -5.72 -54.00 -50.19
CA ALA B 17 -5.22 -53.75 -51.54
C ALA B 17 -5.47 -54.93 -52.49
N THR B 18 -5.19 -56.16 -52.05
CA THR B 18 -5.47 -57.36 -52.86
C THR B 18 -6.96 -57.62 -53.03
N ALA B 19 -7.80 -57.31 -52.05
CA ALA B 19 -9.25 -57.36 -52.18
C ALA B 19 -9.80 -56.29 -53.15
N GLN B 20 -9.22 -55.08 -53.17
CA GLN B 20 -9.56 -54.03 -54.14
C GLN B 20 -9.30 -54.52 -55.56
N GLU B 21 -8.13 -55.08 -55.86
CA GLU B 21 -7.81 -55.65 -57.18
C GLU B 21 -8.74 -56.82 -57.53
N ALA B 22 -9.05 -57.72 -56.58
CA ALA B 22 -9.94 -58.86 -56.81
C ALA B 22 -11.39 -58.45 -57.12
N TYR B 23 -11.89 -57.38 -56.50
CA TYR B 23 -13.17 -56.76 -56.85
C TYR B 23 -13.10 -55.99 -58.18
N GLU B 24 -12.08 -55.15 -58.36
CA GLU B 24 -11.93 -54.28 -59.52
C GLU B 24 -11.82 -55.05 -60.85
N GLN B 25 -11.12 -56.19 -60.87
CA GLN B 25 -11.07 -57.04 -62.08
C GLN B 25 -12.46 -57.60 -62.49
N ALA B 26 -13.36 -57.83 -61.52
CA ALA B 26 -14.75 -58.23 -61.77
C ALA B 26 -15.65 -57.04 -62.15
N VAL B 27 -15.45 -55.87 -61.54
CA VAL B 27 -16.13 -54.63 -61.95
C VAL B 27 -15.75 -54.26 -63.40
N ALA B 28 -14.48 -54.47 -63.76
CA ALA B 28 -14.02 -54.13 -65.12
C ALA B 28 -14.90 -54.84 -66.15
N ASN B 29 -15.05 -56.16 -66.04
CA ASN B 29 -15.85 -56.93 -67.02
C ASN B 29 -17.32 -56.96 -66.60
N GLY B 30 -17.61 -56.61 -65.34
CA GLY B 30 -19.01 -56.64 -64.85
C GLY B 30 -19.29 -57.93 -64.09
N ASP B 31 -18.64 -59.02 -64.48
CA ASP B 31 -18.80 -60.33 -63.76
C ASP B 31 -20.28 -60.56 -63.42
N SER B 32 -20.58 -60.86 -62.16
CA SER B 32 -21.99 -61.09 -61.73
C SER B 32 -22.18 -60.57 -60.30
N GLU B 33 -23.32 -59.93 -60.03
CA GLU B 33 -23.59 -59.38 -58.67
C GLU B 33 -23.45 -60.50 -57.64
N VAL B 34 -23.95 -61.69 -57.95
CA VAL B 34 -23.82 -62.86 -57.03
C VAL B 34 -22.39 -62.85 -56.44
N VAL B 35 -21.38 -62.90 -57.32
CA VAL B 35 -19.98 -62.88 -56.86
C VAL B 35 -19.48 -61.46 -56.55
N LEU B 36 -20.00 -60.40 -57.17
CA LEU B 36 -19.65 -59.02 -56.81
C LEU B 36 -20.04 -58.66 -55.36
N LYS B 37 -21.18 -59.12 -54.84
CA LYS B 37 -21.53 -58.88 -53.42
C LYS B 37 -20.53 -59.54 -52.46
N LYS B 38 -20.12 -60.79 -52.75
CA LYS B 38 -19.11 -61.53 -51.98
C LYS B 38 -17.76 -60.82 -52.00
N LEU B 39 -17.33 -60.35 -53.18
CA LEU B 39 -16.13 -59.53 -53.33
C LEU B 39 -16.24 -58.21 -52.55
N LYS B 40 -17.35 -57.47 -52.65
CA LYS B 40 -17.58 -56.23 -51.87
C LYS B 40 -17.48 -56.49 -50.37
N LYS B 41 -18.12 -57.54 -49.84
CA LYS B 41 -18.00 -57.91 -48.42
C LYS B 41 -16.55 -58.18 -48.01
N SER B 42 -15.80 -58.95 -48.80
CA SER B 42 -14.36 -59.18 -48.53
C SER B 42 -13.56 -57.87 -48.49
N LEU B 43 -13.81 -56.95 -49.42
CA LEU B 43 -13.17 -55.63 -49.49
C LEU B 43 -13.53 -54.76 -48.27
N ASN B 44 -14.81 -54.64 -47.92
CA ASN B 44 -15.25 -53.85 -46.77
C ASN B 44 -14.79 -54.43 -45.42
N VAL B 45 -14.77 -55.76 -45.24
CA VAL B 45 -14.22 -56.40 -44.03
C VAL B 45 -12.72 -56.09 -43.91
N ALA B 46 -11.95 -56.29 -44.99
CA ALA B 46 -10.52 -55.97 -45.00
C ALA B 46 -10.25 -54.48 -44.78
N LYS B 47 -11.03 -53.59 -45.39
CA LYS B 47 -10.95 -52.14 -45.20
C LYS B 47 -11.25 -51.73 -43.75
N SER B 48 -12.26 -52.34 -43.12
CA SER B 48 -12.60 -52.06 -41.72
C SER B 48 -11.46 -52.44 -40.77
N GLU B 49 -10.85 -53.62 -40.95
CA GLU B 49 -9.67 -54.03 -40.17
C GLU B 49 -8.43 -53.15 -40.47
N PHE B 50 -8.25 -52.74 -41.72
CA PHE B 50 -7.22 -51.76 -42.10
C PHE B 50 -7.44 -50.40 -41.44
N ASP B 51 -8.67 -49.89 -41.38
CA ASP B 51 -9.02 -48.66 -40.67
C ASP B 51 -8.78 -48.77 -39.16
N ARG B 52 -9.03 -49.93 -38.54
CA ARG B 52 -8.66 -50.18 -37.13
C ARG B 52 -7.14 -50.10 -36.91
N ASP B 53 -6.35 -50.80 -37.72
CA ASP B 53 -4.88 -50.74 -37.62
C ASP B 53 -4.31 -49.36 -37.95
N ALA B 54 -4.79 -48.69 -39.00
CA ALA B 54 -4.33 -47.37 -39.41
C ALA B 54 -4.68 -46.29 -38.37
N ALA B 55 -5.88 -46.36 -37.76
CA ALA B 55 -6.25 -45.47 -36.66
C ALA B 55 -5.34 -45.67 -35.44
N MET B 56 -5.04 -46.91 -35.04
CA MET B 56 -4.12 -47.18 -33.93
C MET B 56 -2.67 -46.79 -34.25
N GLN B 57 -2.19 -47.00 -35.48
CA GLN B 57 -0.85 -46.56 -35.88
C GLN B 57 -0.73 -45.02 -35.82
N ARG B 58 -1.70 -44.30 -36.40
CA ARG B 58 -1.77 -42.83 -36.33
C ARG B 58 -1.87 -42.30 -34.90
N LYS B 59 -2.59 -43.00 -34.01
CA LYS B 59 -2.66 -42.71 -32.57
C LYS B 59 -1.30 -42.90 -31.89
N LEU B 60 -0.61 -44.01 -32.14
CA LEU B 60 0.72 -44.29 -31.60
C LEU B 60 1.79 -43.30 -32.10
N GLU B 61 1.74 -42.89 -33.36
CA GLU B 61 2.60 -41.82 -33.90
C GLU B 61 2.36 -40.46 -33.23
N LYS B 62 1.12 -40.13 -32.84
CA LYS B 62 0.82 -38.94 -32.02
C LYS B 62 1.37 -39.08 -30.60
N MET B 63 1.23 -40.26 -29.98
CA MET B 63 1.75 -40.53 -28.63
C MET B 63 3.29 -40.55 -28.57
N ALA B 64 3.98 -40.92 -29.66
CA ALA B 64 5.45 -40.91 -29.70
C ALA B 64 6.04 -39.51 -29.51
N ASP B 65 5.43 -38.47 -30.09
CA ASP B 65 5.83 -37.07 -29.84
C ASP B 65 5.56 -36.65 -28.37
N GLN B 66 4.43 -37.06 -27.79
CA GLN B 66 4.12 -36.75 -26.40
C GLN B 66 5.13 -37.38 -25.43
N ALA B 67 5.56 -38.62 -25.68
CA ALA B 67 6.61 -39.27 -24.90
C ALA B 67 7.96 -38.54 -25.02
N MET B 68 8.45 -38.29 -26.25
CA MET B 68 9.74 -37.64 -26.47
C MET B 68 9.78 -36.19 -25.96
N THR B 69 8.73 -35.40 -26.17
CA THR B 69 8.67 -34.02 -25.64
C THR B 69 8.63 -33.99 -24.11
N GLN B 70 7.94 -34.94 -23.45
CA GLN B 70 7.99 -35.05 -21.99
C GLN B 70 9.40 -35.45 -21.49
N MET B 71 10.11 -36.33 -22.20
CA MET B 71 11.51 -36.66 -21.89
C MET B 71 12.45 -35.46 -22.06
N TYR B 72 12.27 -34.63 -23.10
CA TYR B 72 13.06 -33.39 -23.24
C TYR B 72 12.76 -32.37 -22.12
N LYS B 73 11.50 -32.26 -21.66
CA LYS B 73 11.15 -31.43 -20.50
C LYS B 73 11.83 -31.92 -19.22
N GLN B 74 11.84 -33.22 -18.95
CA GLN B 74 12.57 -33.77 -17.80
C GLN B 74 14.08 -33.54 -17.90
N ALA B 75 14.69 -33.74 -19.07
CA ALA B 75 16.13 -33.55 -19.26
C ALA B 75 16.57 -32.10 -19.04
N ARG B 76 15.81 -31.12 -19.55
CA ARG B 76 16.06 -29.68 -19.32
C ARG B 76 15.82 -29.26 -17.86
N SER B 77 14.88 -29.88 -17.16
CA SER B 77 14.59 -29.57 -15.76
C SER B 77 15.73 -30.01 -14.83
N GLU B 78 16.38 -31.15 -15.09
CA GLU B 78 17.60 -31.55 -14.38
C GLU B 78 18.82 -30.68 -14.75
N ASP B 79 18.94 -30.26 -16.01
CA ASP B 79 20.02 -29.35 -16.44
C ASP B 79 19.94 -27.99 -15.72
N LYS B 80 18.73 -27.42 -15.59
CA LYS B 80 18.52 -26.15 -14.88
C LYS B 80 18.63 -26.28 -13.34
N ARG B 81 18.17 -27.37 -12.72
CA ARG B 81 18.43 -27.65 -11.29
C ARG B 81 19.92 -27.75 -10.99
N ALA B 82 20.71 -28.40 -11.83
CA ALA B 82 22.16 -28.45 -11.67
C ALA B 82 22.82 -27.09 -11.87
N LYS B 83 22.41 -26.30 -12.87
CA LYS B 83 22.96 -24.97 -13.14
C LYS B 83 22.72 -23.96 -12.01
N VAL B 84 21.54 -23.94 -11.38
CA VAL B 84 21.27 -23.03 -10.24
C VAL B 84 21.88 -23.51 -8.92
N THR B 85 22.03 -24.81 -8.70
CA THR B 85 22.63 -25.34 -7.45
C THR B 85 24.08 -24.90 -7.28
N SER B 86 24.89 -24.94 -8.34
CA SER B 86 26.28 -24.47 -8.27
C SER B 86 26.40 -22.94 -8.22
N ALA B 87 25.41 -22.18 -8.66
CA ALA B 87 25.36 -20.73 -8.49
C ALA B 87 25.10 -20.33 -7.03
N MET B 88 24.15 -20.98 -6.33
CA MET B 88 23.91 -20.79 -4.90
C MET B 88 25.11 -21.20 -4.05
N GLN B 89 25.78 -22.32 -4.34
CA GLN B 89 27.04 -22.68 -3.68
C GLN B 89 28.16 -21.68 -3.97
N THR B 90 28.35 -21.25 -5.22
CA THR B 90 29.39 -20.27 -5.57
C THR B 90 29.19 -18.94 -4.84
N MET B 91 27.95 -18.49 -4.65
CA MET B 91 27.64 -17.28 -3.86
C MET B 91 27.98 -17.48 -2.38
N LEU B 92 27.48 -18.53 -1.73
CA LEU B 92 27.68 -18.75 -0.29
C LEU B 92 29.15 -18.95 0.07
N PHE B 93 29.90 -19.74 -0.72
CA PHE B 93 31.33 -19.97 -0.51
C PHE B 93 32.22 -18.82 -1.03
N THR B 94 31.66 -17.79 -1.66
CA THR B 94 32.34 -16.49 -1.89
C THR B 94 32.13 -15.53 -0.72
N MET B 95 30.90 -15.33 -0.24
CA MET B 95 30.60 -14.45 0.91
C MET B 95 31.37 -14.85 2.16
N LEU B 96 31.55 -16.15 2.39
CA LEU B 96 32.31 -16.72 3.51
C LEU B 96 33.77 -16.24 3.57
N ARG B 97 34.37 -15.80 2.44
CA ARG B 97 35.75 -15.28 2.39
C ARG B 97 35.87 -13.83 2.87
N LYS B 98 34.79 -13.06 2.87
CA LYS B 98 34.77 -11.63 3.25
C LYS B 98 34.74 -11.39 4.76
N LEU B 99 34.31 -12.39 5.54
CA LEU B 99 34.24 -12.33 7.01
C LEU B 99 35.65 -12.37 7.62
N ASP B 100 36.08 -11.28 8.25
CA ASP B 100 37.34 -11.26 9.01
C ASP B 100 37.15 -11.96 10.35
N ASN B 101 37.55 -13.22 10.40
CA ASN B 101 37.29 -14.10 11.55
C ASN B 101 37.94 -13.61 12.86
N ASP B 102 39.00 -12.81 12.83
CA ASP B 102 39.57 -12.21 14.04
C ASP B 102 38.60 -11.24 14.74
N ALA B 103 37.94 -10.35 13.99
CA ALA B 103 36.95 -9.42 14.55
C ALA B 103 35.61 -10.11 14.89
N LEU B 104 35.18 -11.07 14.07
CA LEU B 104 33.94 -11.82 14.28
C LEU B 104 34.02 -12.79 15.48
N ASN B 105 35.13 -13.52 15.64
CA ASN B 105 35.30 -14.41 16.79
C ASN B 105 35.33 -13.67 18.12
N ASN B 106 35.85 -12.43 18.17
CA ASN B 106 35.89 -11.66 19.41
C ASN B 106 34.49 -11.33 19.95
N ILE B 107 33.52 -10.93 19.11
CA ILE B 107 32.16 -10.65 19.59
C ILE B 107 31.39 -11.95 19.89
N ILE B 108 31.57 -13.01 19.09
CA ILE B 108 30.83 -14.27 19.28
C ILE B 108 31.31 -15.04 20.52
N ASN B 109 32.59 -14.97 20.88
CA ASN B 109 33.12 -15.55 22.11
C ASN B 109 32.70 -14.80 23.39
N ASN B 110 32.50 -13.48 23.32
CA ASN B 110 32.04 -12.66 24.46
C ASN B 110 30.56 -12.88 24.85
N ALA B 111 29.72 -13.41 23.96
CA ALA B 111 28.30 -13.59 24.20
C ALA B 111 27.95 -14.78 25.13
N ARG B 112 26.83 -14.68 25.85
CA ARG B 112 26.32 -15.67 26.83
C ARG B 112 26.14 -17.08 26.28
N ASP B 113 25.52 -17.18 25.11
CA ASP B 113 25.08 -18.45 24.49
C ASP B 113 25.80 -18.76 23.16
N GLY B 114 26.84 -18.01 22.82
CA GLY B 114 27.46 -18.04 21.48
C GLY B 114 26.58 -17.44 20.38
N CYS B 115 25.61 -16.60 20.77
CA CYS B 115 24.53 -16.07 19.94
C CYS B 115 24.39 -14.55 20.11
N VAL B 116 24.14 -13.80 19.03
CA VAL B 116 24.10 -12.33 19.01
C VAL B 116 23.03 -11.79 18.06
N PRO B 117 22.50 -10.57 18.25
CA PRO B 117 21.69 -9.88 17.24
C PRO B 117 22.42 -9.71 15.91
N LEU B 118 21.72 -9.72 14.78
CA LEU B 118 22.35 -9.48 13.47
C LEU B 118 22.81 -8.03 13.27
N ASN B 119 22.10 -7.04 13.81
CA ASN B 119 22.35 -5.62 13.50
C ASN B 119 23.69 -5.09 14.04
N ILE B 120 24.25 -5.74 15.06
CA ILE B 120 25.53 -5.34 15.66
C ILE B 120 26.75 -5.91 14.92
N ILE B 121 26.58 -6.85 13.98
CA ILE B 121 27.70 -7.40 13.22
C ILE B 121 28.31 -6.33 12.32
N PRO B 122 27.58 -5.63 11.43
CA PRO B 122 28.19 -4.56 10.65
C PRO B 122 28.71 -3.40 11.53
N LEU B 123 28.06 -3.03 12.64
CA LEU B 123 28.58 -1.99 13.54
C LEU B 123 29.95 -2.36 14.12
N THR B 124 30.10 -3.56 14.65
CA THR B 124 31.27 -3.96 15.43
C THR B 124 32.38 -4.65 14.63
N THR B 125 32.10 -5.19 13.43
CA THR B 125 33.08 -5.93 12.62
C THR B 125 33.43 -5.29 11.28
N ALA B 126 32.59 -4.46 10.66
CA ALA B 126 32.87 -3.94 9.31
C ALA B 126 34.11 -3.04 9.28
N ALA B 127 35.01 -3.26 8.33
CA ALA B 127 36.21 -2.44 8.11
C ALA B 127 35.96 -1.11 7.37
N LYS B 128 34.81 -0.98 6.71
CA LYS B 128 34.47 0.10 5.77
C LYS B 128 33.06 0.65 6.01
N LEU B 129 32.92 1.96 5.91
CA LEU B 129 31.67 2.71 6.14
C LEU B 129 31.32 3.52 4.89
N MET B 130 30.03 3.60 4.55
CA MET B 130 29.52 4.56 3.58
C MET B 130 28.52 5.50 4.23
N VAL B 131 28.71 6.81 4.08
CA VAL B 131 27.78 7.85 4.56
C VAL B 131 27.11 8.50 3.35
N VAL B 132 25.77 8.57 3.31
CA VAL B 132 25.03 9.23 2.22
C VAL B 132 24.39 10.51 2.75
N ILE B 133 24.74 11.66 2.16
CA ILE B 133 24.50 12.99 2.74
C ILE B 133 23.67 13.87 1.81
N PRO B 134 22.49 14.38 2.23
CA PRO B 134 21.58 15.11 1.34
C PRO B 134 21.87 16.61 1.16
N ASP B 135 22.57 17.28 2.06
CA ASP B 135 22.84 18.73 2.03
C ASP B 135 24.08 19.15 2.84
N TYR B 136 24.56 20.38 2.64
CA TYR B 136 25.80 20.86 3.28
C TYR B 136 25.70 20.97 4.81
N ASN B 137 24.55 21.37 5.36
CA ASN B 137 24.36 21.38 6.81
C ASN B 137 24.55 19.98 7.40
N THR B 138 24.05 18.93 6.76
CA THR B 138 24.27 17.55 7.20
C THR B 138 25.72 17.10 7.00
N TYR B 139 26.41 17.57 5.95
CA TYR B 139 27.83 17.30 5.75
C TYR B 139 28.66 17.87 6.91
N LYS B 140 28.45 19.14 7.26
CA LYS B 140 29.14 19.80 8.38
C LYS B 140 28.90 19.09 9.72
N ASN B 141 27.69 18.56 9.95
CA ASN B 141 27.38 17.83 11.17
C ASN B 141 28.01 16.42 11.27
N THR B 142 28.22 15.71 10.16
CA THR B 142 28.63 14.30 10.18
C THR B 142 30.08 14.02 9.77
N CYS B 143 30.67 14.78 8.85
CA CYS B 143 31.92 14.39 8.17
C CYS B 143 32.99 15.48 8.07
N ASP B 144 32.87 16.60 8.79
CA ASP B 144 33.77 17.74 8.62
C ASP B 144 35.25 17.37 8.84
N GLY B 145 36.14 17.87 7.98
CA GLY B 145 37.57 17.51 8.00
C GLY B 145 37.87 16.23 7.21
N THR B 146 38.74 15.38 7.77
CA THR B 146 39.26 14.15 7.12
C THR B 146 39.15 12.88 7.97
N THR B 147 38.90 13.01 9.28
CA THR B 147 38.56 11.91 10.19
C THR B 147 37.36 12.28 11.05
N PHE B 148 36.47 11.32 11.32
CA PHE B 148 35.27 11.53 12.13
C PHE B 148 34.96 10.29 12.98
N THR B 149 34.20 10.46 14.06
CA THR B 149 33.81 9.36 14.95
C THR B 149 32.35 8.97 14.74
N TYR B 150 32.07 7.67 14.61
CA TYR B 150 30.73 7.09 14.52
C TYR B 150 30.74 5.66 15.07
N ALA B 151 29.62 5.18 15.63
CA ALA B 151 29.50 3.84 16.20
C ALA B 151 30.54 3.52 17.28
N SER B 152 30.94 4.51 18.08
CA SER B 152 32.00 4.41 19.10
C SER B 152 33.37 3.98 18.56
N ALA B 153 33.66 4.33 17.30
CA ALA B 153 34.94 4.10 16.62
C ALA B 153 35.34 5.34 15.80
N LEU B 154 36.61 5.37 15.37
CA LEU B 154 37.20 6.44 14.57
C LEU B 154 37.36 6.00 13.11
N TRP B 155 36.99 6.84 12.15
CA TRP B 155 36.99 6.54 10.72
C TRP B 155 37.78 7.60 9.95
N GLU B 156 38.54 7.19 8.93
CA GLU B 156 39.30 8.10 8.06
C GLU B 156 38.80 8.05 6.61
N ILE B 157 38.53 9.21 6.02
CA ILE B 157 37.89 9.30 4.68
C ILE B 157 38.89 8.90 3.60
N GLN B 158 38.55 7.92 2.76
CA GLN B 158 39.37 7.53 1.62
C GLN B 158 38.91 8.14 0.28
N GLN B 159 37.63 8.50 0.15
CA GLN B 159 37.03 8.99 -1.10
C GLN B 159 35.71 9.72 -0.84
N VAL B 160 35.31 10.64 -1.71
CA VAL B 160 33.95 11.20 -1.80
C VAL B 160 33.51 11.19 -3.26
N VAL B 161 32.27 10.80 -3.55
CA VAL B 161 31.68 10.85 -4.89
C VAL B 161 30.31 11.51 -4.85
N ASP B 162 29.89 12.12 -5.95
CA ASP B 162 28.57 12.73 -6.07
C ASP B 162 27.51 11.75 -6.64
N ALA B 163 26.27 12.19 -6.86
CA ALA B 163 25.22 11.33 -7.38
C ALA B 163 25.44 10.83 -8.81
N ASP B 164 26.33 11.44 -9.59
CA ASP B 164 26.74 10.98 -10.94
C ASP B 164 27.91 9.98 -10.90
N SER B 165 28.41 9.64 -9.72
CA SER B 165 29.64 8.85 -9.49
C SER B 165 30.93 9.54 -9.97
N LYS B 166 30.93 10.87 -10.12
CA LYS B 166 32.16 11.66 -10.29
C LYS B 166 32.85 11.83 -8.93
N ILE B 167 34.18 11.78 -8.88
CA ILE B 167 34.96 12.02 -7.66
C ILE B 167 34.93 13.49 -7.26
N VAL B 168 34.67 13.79 -6.00
CA VAL B 168 34.66 15.14 -5.40
C VAL B 168 35.85 15.28 -4.46
N GLN B 169 36.62 16.36 -4.56
CA GLN B 169 37.72 16.65 -3.62
C GLN B 169 37.21 17.41 -2.39
N LEU B 170 37.78 17.18 -1.22
CA LEU B 170 37.28 17.77 0.04
C LEU B 170 37.30 19.30 0.05
N SER B 171 38.16 19.93 -0.74
CA SER B 171 38.23 21.39 -0.93
C SER B 171 37.03 21.97 -1.70
N GLU B 172 36.30 21.17 -2.47
CA GLU B 172 35.14 21.61 -3.26
C GLU B 172 33.87 21.74 -2.42
N ILE B 173 33.82 21.13 -1.24
CA ILE B 173 32.62 21.04 -0.40
C ILE B 173 32.62 22.22 0.57
N SER B 174 31.95 23.32 0.20
CA SER B 174 31.87 24.56 0.98
C SER B 174 30.51 25.24 0.83
N MET B 175 30.15 26.14 1.75
CA MET B 175 28.87 26.87 1.71
C MET B 175 28.73 27.70 0.42
N ASP B 176 29.84 28.23 -0.10
CA ASP B 176 29.88 29.01 -1.34
C ASP B 176 29.68 28.13 -2.59
N ASN B 177 30.36 26.99 -2.67
CA ASN B 177 30.32 26.11 -3.85
C ASN B 177 29.18 25.08 -3.84
N SER B 178 28.49 24.86 -2.72
CA SER B 178 27.45 23.82 -2.58
C SER B 178 26.34 23.81 -3.65
N PRO B 179 25.88 24.93 -4.23
CA PRO B 179 24.93 24.91 -5.35
C PRO B 179 25.45 24.24 -6.64
N ASN B 180 26.77 24.09 -6.80
CA ASN B 180 27.37 23.54 -8.02
C ASN B 180 27.50 22.01 -8.03
N LEU B 181 27.50 21.35 -6.86
CA LEU B 181 27.63 19.90 -6.70
C LEU B 181 26.32 19.16 -6.96
N ALA B 182 26.39 17.89 -7.34
CA ALA B 182 25.23 17.00 -7.53
C ALA B 182 24.95 16.16 -6.27
N TRP B 183 24.23 16.73 -5.31
CA TRP B 183 23.79 16.04 -4.08
C TRP B 183 22.80 14.91 -4.37
N PRO B 184 22.76 13.81 -3.59
CA PRO B 184 23.56 13.56 -2.39
C PRO B 184 25.01 13.15 -2.68
N LEU B 185 25.94 13.51 -1.79
CA LEU B 185 27.29 12.97 -1.81
C LEU B 185 27.35 11.66 -1.04
N ILE B 186 28.19 10.72 -1.50
CA ILE B 186 28.52 9.50 -0.78
C ILE B 186 29.99 9.58 -0.34
N VAL B 187 30.22 9.46 0.98
CA VAL B 187 31.56 9.48 1.60
C VAL B 187 31.93 8.05 2.00
N THR B 188 33.12 7.60 1.61
CA THR B 188 33.62 6.26 1.94
C THR B 188 34.82 6.34 2.88
N ALA B 189 34.80 5.61 3.98
CA ALA B 189 35.80 5.71 5.04
C ALA B 189 36.27 4.34 5.51
N LEU B 190 37.48 4.27 6.04
CA LEU B 190 38.09 3.07 6.61
C LEU B 190 38.20 3.18 8.13
N ARG B 191 38.01 2.07 8.85
CA ARG B 191 38.11 2.01 10.31
C ARG B 191 39.55 2.24 10.74
N ALA B 192 39.81 3.20 11.62
CA ALA B 192 41.16 3.54 12.03
C ALA B 192 41.73 2.51 13.03
N SER C 2 -7.98 24.21 -28.81
CA SER C 2 -7.47 23.06 -28.02
C SER C 2 -6.10 23.29 -27.36
N LYS C 3 -5.53 24.49 -27.25
CA LYS C 3 -4.09 24.64 -26.98
C LYS C 3 -3.60 24.06 -25.65
N MET C 4 -4.43 24.01 -24.60
CA MET C 4 -4.02 23.37 -23.35
C MET C 4 -3.73 21.87 -23.50
N SER C 5 -4.53 21.12 -24.27
CA SER C 5 -4.26 19.71 -24.52
C SER C 5 -3.04 19.48 -25.41
N ASP C 6 -2.85 20.33 -26.42
CA ASP C 6 -1.69 20.25 -27.31
C ASP C 6 -0.37 20.58 -26.59
N VAL C 7 -0.35 21.51 -25.63
CA VAL C 7 0.83 21.79 -24.81
C VAL C 7 1.19 20.61 -23.93
N LYS C 8 0.21 20.02 -23.23
CA LYS C 8 0.45 18.83 -22.40
C LYS C 8 0.93 17.63 -23.21
N CYS C 9 0.39 17.38 -24.40
CA CYS C 9 0.88 16.33 -25.28
C CYS C 9 2.28 16.63 -25.85
N THR C 10 2.59 17.88 -26.20
CA THR C 10 3.93 18.27 -26.64
C THR C 10 4.97 18.09 -25.53
N SER C 11 4.61 18.30 -24.27
CA SER C 11 5.50 18.08 -23.12
C SER C 11 5.89 16.61 -22.92
N VAL C 12 4.99 15.67 -23.20
CA VAL C 12 5.24 14.22 -23.14
C VAL C 12 6.23 13.79 -24.23
N VAL C 13 6.11 14.33 -25.45
CA VAL C 13 7.07 14.06 -26.53
C VAL C 13 8.42 14.72 -26.28
N LEU C 14 8.45 15.97 -25.80
CA LEU C 14 9.70 16.69 -25.52
C LEU C 14 10.55 16.02 -24.43
N LEU C 15 9.99 15.60 -23.28
CA LEU C 15 10.79 14.83 -22.32
C LEU C 15 11.20 13.46 -22.88
N SER C 16 10.42 12.83 -23.75
CA SER C 16 10.83 11.58 -24.41
C SER C 16 12.01 11.75 -25.37
N VAL C 17 12.16 12.92 -26.01
CA VAL C 17 13.37 13.27 -26.78
C VAL C 17 14.57 13.54 -25.86
N LEU C 18 14.40 14.24 -24.74
CA LEU C 18 15.50 14.46 -23.77
C LEU C 18 15.98 13.16 -23.14
N GLN C 19 15.10 12.21 -22.81
CA GLN C 19 15.49 10.92 -22.25
C GLN C 19 16.31 10.08 -23.23
N GLN C 20 16.01 10.11 -24.52
CA GLN C 20 16.77 9.42 -25.59
C GLN C 20 18.13 10.05 -25.88
N LEU C 21 18.33 11.34 -25.59
CA LEU C 21 19.64 12.02 -25.65
C LEU C 21 20.51 11.78 -24.39
N ARG C 22 20.13 10.83 -23.54
CA ARG C 22 20.84 10.43 -22.30
C ARG C 22 20.96 11.54 -21.25
N VAL C 23 19.99 12.45 -21.15
CA VAL C 23 19.94 13.48 -20.09
C VAL C 23 19.82 12.86 -18.69
N GLU C 24 19.33 11.62 -18.55
CA GLU C 24 19.34 10.89 -17.24
C GLU C 24 20.75 10.71 -16.66
N SER C 25 21.79 10.77 -17.51
CA SER C 25 23.21 10.69 -17.15
C SER C 25 23.77 11.97 -16.52
N SER C 26 22.91 12.91 -16.12
CA SER C 26 23.25 14.08 -15.31
C SER C 26 22.15 14.32 -14.27
N SER C 27 22.35 13.80 -13.06
CA SER C 27 21.36 13.80 -11.97
C SER C 27 20.83 15.21 -11.65
N LYS C 28 21.72 16.19 -11.72
CA LYS C 28 21.49 17.62 -11.48
C LYS C 28 20.55 18.28 -12.51
N LEU C 29 20.53 17.78 -13.75
CA LEU C 29 19.75 18.32 -14.86
C LEU C 29 18.44 17.56 -15.10
N TRP C 30 18.43 16.24 -14.99
CA TRP C 30 17.21 15.44 -15.10
C TRP C 30 16.17 15.81 -14.04
N ALA C 31 16.58 16.09 -12.80
CA ALA C 31 15.68 16.51 -11.73
C ALA C 31 14.96 17.84 -11.99
N GLN C 32 15.46 18.69 -12.89
CA GLN C 32 14.80 19.93 -13.33
C GLN C 32 13.85 19.67 -14.49
N CYS C 33 14.23 18.85 -15.45
CA CYS C 33 13.37 18.46 -16.57
C CYS C 33 12.12 17.69 -16.11
N VAL C 34 12.27 16.78 -15.14
CA VAL C 34 11.15 16.07 -14.50
C VAL C 34 10.19 17.03 -13.80
N GLN C 35 10.68 18.05 -13.10
CA GLN C 35 9.83 19.03 -12.41
C GLN C 35 9.08 19.93 -13.40
N LEU C 36 9.73 20.41 -14.46
CA LEU C 36 9.08 21.15 -15.54
C LEU C 36 8.00 20.32 -16.24
N HIS C 37 8.29 19.07 -16.62
CA HIS C 37 7.30 18.15 -17.20
C HIS C 37 6.11 17.92 -16.27
N ASN C 38 6.33 17.52 -15.02
CA ASN C 38 5.25 17.21 -14.08
C ASN C 38 4.41 18.44 -13.71
N ASP C 39 4.95 19.66 -13.75
CA ASP C 39 4.16 20.88 -13.59
C ASP C 39 3.31 21.21 -14.82
N ILE C 40 3.81 21.06 -16.05
CA ILE C 40 3.02 21.35 -17.26
C ILE C 40 1.79 20.44 -17.34
N LEU C 41 1.86 19.18 -16.91
CA LEU C 41 0.73 18.27 -16.88
C LEU C 41 -0.33 18.63 -15.83
N LEU C 42 0.06 19.16 -14.68
CA LEU C 42 -0.84 19.58 -13.60
C LEU C 42 -1.39 21.03 -13.75
N ALA C 43 -0.83 21.84 -14.65
CA ALA C 43 -1.26 23.22 -14.89
C ALA C 43 -2.72 23.33 -15.35
N LYS C 44 -3.34 24.48 -15.06
CA LYS C 44 -4.71 24.84 -15.47
C LYS C 44 -4.84 26.19 -16.20
N ASP C 45 -3.81 27.02 -16.17
CA ASP C 45 -3.69 28.23 -16.99
C ASP C 45 -2.67 28.02 -18.12
N THR C 46 -3.02 28.31 -19.37
CA THR C 46 -2.10 28.15 -20.51
C THR C 46 -0.89 29.08 -20.42
N THR C 47 -1.01 30.25 -19.81
CA THR C 47 0.11 31.17 -19.62
C THR C 47 1.19 30.64 -18.67
N GLU C 48 0.83 29.84 -17.65
CA GLU C 48 1.82 29.10 -16.84
C GLU C 48 2.48 27.99 -17.68
N ALA C 49 1.68 27.19 -18.38
CA ALA C 49 2.19 26.08 -19.17
C ALA C 49 3.13 26.51 -20.30
N PHE C 50 2.83 27.58 -21.02
CA PHE C 50 3.72 28.11 -22.07
C PHE C 50 5.00 28.75 -21.53
N GLU C 51 5.03 29.30 -20.31
CA GLU C 51 6.30 29.71 -19.70
C GLU C 51 7.17 28.50 -19.35
N LYS C 52 6.62 27.49 -18.67
CA LYS C 52 7.38 26.27 -18.32
C LYS C 52 7.82 25.47 -19.55
N MET C 53 7.09 25.53 -20.67
CA MET C 53 7.51 24.96 -21.95
C MET C 53 8.72 25.70 -22.57
N VAL C 54 8.85 27.02 -22.42
CA VAL C 54 10.03 27.77 -22.88
C VAL C 54 11.29 27.36 -22.11
N SER C 55 11.23 27.19 -20.79
CA SER C 55 12.36 26.64 -20.02
C SER C 55 12.66 25.20 -20.42
N LEU C 56 11.68 24.32 -20.57
CA LEU C 56 11.92 22.92 -20.92
C LEU C 56 12.52 22.76 -22.31
N LEU C 57 12.06 23.49 -23.33
CA LEU C 57 12.64 23.45 -24.67
C LEU C 57 14.06 24.05 -24.70
N SER C 58 14.38 25.03 -23.85
CA SER C 58 15.73 25.58 -23.78
C SER C 58 16.79 24.58 -23.34
N VAL C 59 16.43 23.48 -22.67
CA VAL C 59 17.35 22.36 -22.41
C VAL C 59 17.80 21.75 -23.74
N LEU C 60 16.88 21.32 -24.60
CA LEU C 60 17.18 20.71 -25.89
C LEU C 60 18.00 21.63 -26.79
N LEU C 61 17.66 22.92 -26.87
CA LEU C 61 18.41 23.89 -27.68
C LEU C 61 19.81 24.19 -27.14
N SER C 62 20.07 24.04 -25.83
CA SER C 62 21.41 24.24 -25.26
C SER C 62 22.38 23.09 -25.55
N MET C 63 21.90 21.89 -25.86
CA MET C 63 22.73 20.72 -26.20
C MET C 63 23.25 20.81 -27.64
N GLN C 64 24.30 21.58 -27.86
CA GLN C 64 24.85 21.83 -29.21
C GLN C 64 25.33 20.52 -29.87
N GLY C 65 24.90 20.28 -31.11
CA GLY C 65 25.22 19.07 -31.87
C GLY C 65 24.40 17.81 -31.51
N ALA C 66 23.49 17.87 -30.54
CA ALA C 66 22.63 16.73 -30.19
C ALA C 66 21.53 16.47 -31.24
N VAL C 67 21.01 17.52 -31.87
CA VAL C 67 20.01 17.47 -32.94
C VAL C 67 20.43 18.36 -34.12
N ASP C 68 20.21 17.90 -35.35
CA ASP C 68 20.47 18.66 -36.56
C ASP C 68 19.30 19.63 -36.86
N ILE C 69 19.18 20.69 -36.07
CA ILE C 69 17.98 21.55 -36.04
C ILE C 69 17.62 22.14 -37.41
N ASN C 70 18.60 22.48 -38.25
CA ASN C 70 18.35 22.98 -39.60
C ASN C 70 17.71 21.93 -40.53
N LYS C 71 17.86 20.62 -40.22
CA LYS C 71 17.20 19.51 -40.92
C LYS C 71 15.83 19.17 -40.33
N LEU C 72 15.63 19.35 -39.02
CA LEU C 72 14.33 19.15 -38.35
C LEU C 72 13.32 20.29 -38.60
N CYS C 73 13.78 21.48 -38.97
CA CYS C 73 12.95 22.63 -39.34
C CYS C 73 12.40 22.59 -40.79
N GLU C 74 12.60 21.49 -41.52
CA GLU C 74 12.06 21.25 -42.87
C GLU C 74 10.97 20.15 -42.88
N SER D 8 -16.82 -24.21 -57.09
CA SER D 8 -15.67 -24.58 -56.23
C SER D 8 -14.57 -25.25 -57.05
N SER D 9 -13.31 -25.07 -56.63
CA SER D 9 -12.18 -25.72 -57.32
C SER D 9 -12.14 -27.20 -56.94
N LEU D 10 -12.66 -27.55 -55.76
CA LEU D 10 -12.63 -28.96 -55.28
C LEU D 10 -13.14 -29.89 -56.39
N PRO D 11 -12.36 -30.91 -56.79
CA PRO D 11 -12.78 -31.80 -57.88
C PRO D 11 -14.03 -32.57 -57.51
N SER D 12 -14.10 -33.08 -56.27
CA SER D 12 -15.26 -33.89 -55.84
C SER D 12 -16.56 -33.09 -56.00
N TYR D 13 -16.49 -31.76 -55.93
CA TYR D 13 -17.70 -30.91 -56.14
C TYR D 13 -18.36 -31.30 -57.45
N ALA D 14 -17.59 -31.34 -58.54
CA ALA D 14 -18.15 -31.72 -59.86
C ALA D 14 -18.95 -33.02 -59.72
N ALA D 15 -18.31 -34.08 -59.22
CA ALA D 15 -19.04 -35.35 -58.98
C ALA D 15 -20.28 -35.06 -58.13
N PHE D 16 -20.07 -34.52 -56.93
CA PHE D 16 -21.20 -34.17 -56.06
C PHE D 16 -22.35 -33.49 -56.83
N ALA D 17 -22.05 -32.48 -57.65
CA ALA D 17 -23.05 -31.74 -58.43
C ALA D 17 -23.76 -32.63 -59.48
N THR D 18 -23.01 -33.43 -60.23
CA THR D 18 -23.61 -34.39 -61.19
C THR D 18 -24.37 -35.51 -60.51
N ALA D 19 -23.95 -35.96 -59.31
CA ALA D 19 -24.70 -36.95 -58.53
C ALA D 19 -26.04 -36.40 -58.04
N GLN D 20 -26.09 -35.19 -57.47
CA GLN D 20 -27.38 -34.60 -57.04
C GLN D 20 -28.28 -34.26 -58.24
N GLU D 21 -27.71 -33.87 -59.39
CA GLU D 21 -28.47 -33.66 -60.62
C GLU D 21 -29.14 -34.95 -61.10
N ALA D 22 -28.43 -36.08 -61.10
CA ALA D 22 -29.00 -37.39 -61.44
C ALA D 22 -30.08 -37.85 -60.43
N TYR D 23 -29.89 -37.60 -59.14
CA TYR D 23 -30.89 -37.89 -58.11
C TYR D 23 -32.17 -37.05 -58.26
N GLU D 24 -32.05 -35.74 -58.52
CA GLU D 24 -33.19 -34.86 -58.82
C GLU D 24 -33.89 -35.25 -60.14
N GLN D 25 -33.13 -35.63 -61.17
CA GLN D 25 -33.67 -36.11 -62.45
C GLN D 25 -34.52 -37.37 -62.26
N ALA D 26 -34.06 -38.34 -61.48
CA ALA D 26 -34.79 -39.59 -61.28
C ALA D 26 -36.14 -39.39 -60.55
N VAL D 27 -36.19 -38.58 -59.48
CA VAL D 27 -37.47 -38.26 -58.81
C VAL D 27 -38.37 -37.39 -59.69
N ALA D 28 -37.82 -36.45 -60.47
CA ALA D 28 -38.59 -35.65 -61.42
C ALA D 28 -39.19 -36.48 -62.58
N ASN D 29 -38.49 -37.53 -63.01
CA ASN D 29 -38.99 -38.52 -63.98
C ASN D 29 -39.97 -39.53 -63.37
N GLY D 30 -40.09 -39.61 -62.04
CA GLY D 30 -40.95 -40.57 -61.36
C GLY D 30 -40.42 -42.01 -61.32
N ASP D 31 -39.10 -42.20 -61.37
CA ASP D 31 -38.47 -43.53 -61.30
C ASP D 31 -38.73 -44.27 -59.97
N SER D 32 -38.56 -45.59 -59.98
CA SER D 32 -38.80 -46.47 -58.83
C SER D 32 -37.87 -46.14 -57.65
N GLU D 33 -38.38 -46.22 -56.42
CA GLU D 33 -37.66 -45.77 -55.22
C GLU D 33 -36.30 -46.47 -54.97
N VAL D 34 -36.13 -47.72 -55.43
CA VAL D 34 -34.83 -48.43 -55.36
C VAL D 34 -33.75 -47.76 -56.22
N VAL D 35 -34.13 -47.12 -57.33
CA VAL D 35 -33.22 -46.33 -58.17
C VAL D 35 -32.86 -45.01 -57.47
N LEU D 36 -33.85 -44.34 -56.88
CA LEU D 36 -33.64 -43.13 -56.07
C LEU D 36 -32.71 -43.42 -54.89
N LYS D 37 -32.87 -44.54 -54.18
CA LYS D 37 -31.94 -44.97 -53.13
C LYS D 37 -30.52 -45.19 -53.66
N LYS D 38 -30.33 -45.90 -54.79
CA LYS D 38 -29.00 -46.10 -55.40
C LYS D 38 -28.32 -44.78 -55.78
N LEU D 39 -29.07 -43.84 -56.36
CA LEU D 39 -28.58 -42.49 -56.66
C LEU D 39 -28.31 -41.66 -55.40
N LYS D 40 -29.16 -41.71 -54.39
CA LYS D 40 -28.94 -41.05 -53.09
C LYS D 40 -27.69 -41.62 -52.39
N LYS D 41 -27.43 -42.92 -52.50
CA LYS D 41 -26.26 -43.59 -51.91
C LYS D 41 -24.95 -43.20 -52.59
N SER D 42 -24.91 -43.15 -53.93
CA SER D 42 -23.75 -42.65 -54.65
C SER D 42 -23.52 -41.14 -54.41
N LEU D 43 -24.61 -40.36 -54.28
CA LEU D 43 -24.55 -38.98 -53.79
C LEU D 43 -23.97 -38.89 -52.37
N ASN D 44 -24.38 -39.74 -51.42
CA ASN D 44 -23.87 -39.69 -50.06
C ASN D 44 -22.35 -39.92 -49.97
N VAL D 45 -21.78 -40.85 -50.75
CA VAL D 45 -20.31 -41.00 -50.79
C VAL D 45 -19.63 -39.84 -51.53
N ALA D 46 -20.18 -39.36 -52.65
CA ALA D 46 -19.63 -38.21 -53.38
C ALA D 46 -19.62 -36.94 -52.52
N LYS D 47 -20.71 -36.69 -51.78
CA LYS D 47 -20.80 -35.63 -50.76
C LYS D 47 -19.74 -35.82 -49.68
N SER D 48 -19.59 -37.03 -49.15
CA SER D 48 -18.62 -37.30 -48.08
C SER D 48 -17.18 -37.06 -48.53
N GLU D 49 -16.82 -37.42 -49.76
CA GLU D 49 -15.51 -37.11 -50.33
C GLU D 49 -15.33 -35.60 -50.64
N PHE D 50 -16.37 -34.91 -51.12
CA PHE D 50 -16.35 -33.45 -51.26
C PHE D 50 -16.17 -32.74 -49.91
N ASP D 51 -16.86 -33.18 -48.86
CA ASP D 51 -16.67 -32.65 -47.50
C ASP D 51 -15.26 -32.93 -46.96
N ARG D 52 -14.66 -34.09 -47.27
CA ARG D 52 -13.28 -34.40 -46.89
C ARG D 52 -12.25 -33.50 -47.60
N ASP D 53 -12.46 -33.21 -48.88
CA ASP D 53 -11.64 -32.22 -49.59
C ASP D 53 -11.85 -30.80 -49.02
N ALA D 54 -13.09 -30.43 -48.68
CA ALA D 54 -13.38 -29.14 -48.06
C ALA D 54 -12.76 -29.00 -46.66
N ALA D 55 -12.70 -30.07 -45.86
CA ALA D 55 -12.00 -30.04 -44.57
C ALA D 55 -10.50 -29.75 -44.73
N MET D 56 -9.85 -30.29 -45.76
CA MET D 56 -8.46 -29.97 -46.07
C MET D 56 -8.28 -28.52 -46.55
N GLN D 57 -9.21 -28.00 -47.38
CA GLN D 57 -9.23 -26.58 -47.72
C GLN D 57 -9.34 -25.69 -46.47
N ARG D 58 -10.27 -26.00 -45.55
CA ARG D 58 -10.49 -25.24 -44.30
C ARG D 58 -9.24 -25.20 -43.43
N LYS D 59 -8.47 -26.29 -43.34
CA LYS D 59 -7.19 -26.31 -42.59
C LYS D 59 -6.05 -25.58 -43.31
N LEU D 60 -5.92 -25.73 -44.63
CA LEU D 60 -4.88 -25.04 -45.41
C LEU D 60 -5.08 -23.52 -45.45
N GLU D 61 -6.31 -23.02 -45.56
CA GLU D 61 -6.59 -21.58 -45.55
C GLU D 61 -6.23 -20.93 -44.20
N LYS D 62 -6.61 -21.52 -43.05
CA LYS D 62 -6.16 -21.05 -41.75
C LYS D 62 -4.64 -21.09 -41.59
N MET D 63 -3.99 -22.18 -41.97
CA MET D 63 -2.55 -22.35 -41.79
C MET D 63 -1.74 -21.25 -42.52
N ALA D 64 -2.13 -20.91 -43.75
CA ALA D 64 -1.51 -19.81 -44.49
C ALA D 64 -1.83 -18.42 -43.89
N ASP D 65 -3.08 -18.16 -43.49
CA ASP D 65 -3.47 -16.86 -42.91
C ASP D 65 -2.84 -16.58 -41.53
N GLN D 66 -2.64 -17.62 -40.71
CA GLN D 66 -1.91 -17.50 -39.44
C GLN D 66 -0.43 -17.12 -39.67
N ALA D 67 0.26 -17.78 -40.61
CA ALA D 67 1.64 -17.46 -40.94
C ALA D 67 1.80 -16.06 -41.56
N MET D 68 0.88 -15.66 -42.43
CA MET D 68 0.85 -14.32 -43.02
C MET D 68 0.61 -13.24 -41.95
N THR D 69 -0.30 -13.47 -41.00
CA THR D 69 -0.55 -12.55 -39.88
C THR D 69 0.66 -12.44 -38.96
N GLN D 70 1.29 -13.56 -38.58
CA GLN D 70 2.48 -13.54 -37.73
C GLN D 70 3.67 -12.83 -38.40
N MET D 71 3.90 -13.01 -39.71
CA MET D 71 4.95 -12.28 -40.42
C MET D 71 4.70 -10.78 -40.46
N TYR D 72 3.46 -10.33 -40.65
CA TYR D 72 3.12 -8.90 -40.59
C TYR D 72 3.45 -8.31 -39.21
N LYS D 73 2.99 -8.95 -38.13
CA LYS D 73 3.26 -8.49 -36.76
C LYS D 73 4.75 -8.50 -36.42
N GLN D 74 5.49 -9.51 -36.87
CA GLN D 74 6.93 -9.61 -36.64
C GLN D 74 7.72 -8.51 -37.35
N ALA D 75 7.48 -8.29 -38.64
CA ALA D 75 8.22 -7.31 -39.44
C ALA D 75 7.91 -5.86 -39.02
N ARG D 76 6.64 -5.55 -38.75
CA ARG D 76 6.20 -4.18 -38.43
C ARG D 76 6.49 -3.76 -36.97
N SER D 77 6.59 -4.70 -36.04
CA SER D 77 7.07 -4.40 -34.68
C SER D 77 8.55 -3.97 -34.67
N GLU D 78 9.38 -4.61 -35.51
CA GLU D 78 10.81 -4.29 -35.64
C GLU D 78 11.03 -2.91 -36.26
N ASP D 79 10.26 -2.52 -37.27
CA ASP D 79 10.28 -1.18 -37.87
C ASP D 79 9.91 -0.07 -36.86
N LYS D 80 8.87 -0.27 -36.04
CA LYS D 80 8.49 0.65 -34.94
C LYS D 80 9.60 0.83 -33.91
N ARG D 81 10.36 -0.23 -33.63
CA ARG D 81 11.38 -0.26 -32.56
C ARG D 81 12.75 0.25 -33.02
N ALA D 82 13.12 0.08 -34.28
CA ALA D 82 14.41 0.54 -34.82
C ALA D 82 14.46 2.05 -35.10
N LYS D 83 13.42 2.63 -35.71
CA LYS D 83 13.36 4.05 -36.12
C LYS D 83 12.97 5.04 -35.01
N VAL D 84 12.89 4.60 -33.75
CA VAL D 84 12.25 5.35 -32.64
C VAL D 84 12.89 6.71 -32.35
N THR D 85 14.21 6.86 -32.46
CA THR D 85 14.87 8.17 -32.22
C THR D 85 14.55 9.17 -33.34
N SER D 86 14.61 8.76 -34.60
CA SER D 86 14.30 9.62 -35.75
C SER D 86 12.82 10.04 -35.78
N ALA D 87 11.92 9.12 -35.41
CA ALA D 87 10.48 9.37 -35.32
C ALA D 87 10.12 10.38 -34.24
N MET D 88 10.66 10.25 -33.02
CA MET D 88 10.37 11.18 -31.91
C MET D 88 10.85 12.60 -32.19
N GLN D 89 12.03 12.80 -32.77
CA GLN D 89 12.52 14.15 -33.12
C GLN D 89 11.69 14.77 -34.24
N THR D 90 11.28 14.00 -35.24
CA THR D 90 10.41 14.48 -36.32
C THR D 90 8.99 14.81 -35.82
N MET D 91 8.48 14.06 -34.85
CA MET D 91 7.19 14.30 -34.21
C MET D 91 7.19 15.57 -33.37
N LEU D 92 8.19 15.78 -32.52
CA LEU D 92 8.33 16.99 -31.70
C LEU D 92 8.35 18.26 -32.56
N PHE D 93 9.23 18.34 -33.54
CA PHE D 93 9.34 19.53 -34.39
C PHE D 93 8.18 19.68 -35.40
N THR D 94 7.28 18.70 -35.50
CA THR D 94 5.98 18.88 -36.16
C THR D 94 4.95 19.49 -35.22
N MET D 95 4.86 19.05 -33.96
CA MET D 95 3.92 19.59 -32.96
C MET D 95 4.23 21.03 -32.55
N LEU D 96 5.51 21.41 -32.40
CA LEU D 96 5.91 22.78 -32.06
C LEU D 96 5.51 23.82 -33.11
N ARG D 97 5.25 23.43 -34.37
CA ARG D 97 4.70 24.32 -35.42
C ARG D 97 3.22 24.65 -35.18
N LYS D 98 2.41 23.66 -34.79
CA LYS D 98 0.96 23.82 -34.56
C LYS D 98 0.61 24.71 -33.37
N LEU D 99 1.42 24.71 -32.31
CA LEU D 99 1.20 25.57 -31.15
C LEU D 99 1.30 27.07 -31.52
N ASP D 100 2.21 27.40 -32.43
CA ASP D 100 2.45 28.73 -32.98
C ASP D 100 2.61 29.85 -31.91
N ASN D 101 3.18 29.50 -30.76
CA ASN D 101 3.46 30.44 -29.68
C ASN D 101 4.66 31.32 -30.03
N ASP D 102 4.58 32.63 -29.80
CA ASP D 102 5.63 33.57 -30.20
C ASP D 102 6.97 33.39 -29.47
N ALA D 103 6.97 32.96 -28.21
CA ALA D 103 8.20 32.71 -27.47
C ALA D 103 8.88 31.41 -27.92
N LEU D 104 8.13 30.33 -28.16
CA LEU D 104 8.68 29.08 -28.72
C LEU D 104 9.20 29.29 -30.14
N ASN D 105 8.48 30.02 -30.99
CA ASN D 105 8.98 30.40 -32.33
C ASN D 105 10.29 31.20 -32.25
N ASN D 106 10.38 32.17 -31.33
CA ASN D 106 11.54 33.04 -31.22
C ASN D 106 12.82 32.29 -30.81
N ILE D 107 12.78 31.37 -29.86
CA ILE D 107 13.99 30.60 -29.49
C ILE D 107 14.36 29.58 -30.58
N ILE D 108 13.42 28.95 -31.27
CA ILE D 108 13.72 28.02 -32.37
C ILE D 108 14.36 28.75 -33.55
N ASN D 109 13.80 29.87 -34.00
CA ASN D 109 14.38 30.65 -35.09
C ASN D 109 15.80 31.17 -34.78
N ASN D 110 16.07 31.60 -33.54
CA ASN D 110 17.42 31.96 -33.10
C ASN D 110 18.38 30.77 -33.11
N ALA D 111 17.95 29.57 -32.71
CA ALA D 111 18.82 28.39 -32.66
C ALA D 111 19.24 27.84 -34.04
N ARG D 112 18.47 28.09 -35.12
CA ARG D 112 18.92 27.81 -36.50
C ARG D 112 20.17 28.60 -36.88
N ASP D 113 20.22 29.87 -36.50
CA ASP D 113 21.35 30.79 -36.74
C ASP D 113 22.54 30.54 -35.79
N GLY D 114 22.35 29.75 -34.73
CA GLY D 114 23.36 29.45 -33.71
C GLY D 114 23.29 30.33 -32.45
N CYS D 115 22.24 31.13 -32.27
CA CYS D 115 22.06 32.02 -31.10
C CYS D 115 21.50 31.27 -29.87
N VAL D 116 22.23 30.23 -29.46
CA VAL D 116 21.89 29.22 -28.45
C VAL D 116 22.14 29.70 -27.01
N PRO D 117 21.27 29.37 -26.03
CA PRO D 117 21.53 29.67 -24.61
C PRO D 117 22.51 28.66 -23.98
N LEU D 118 23.33 29.09 -23.03
CA LEU D 118 24.21 28.22 -22.24
C LEU D 118 23.52 27.64 -20.98
N ASN D 119 22.49 28.31 -20.47
CA ASN D 119 21.68 27.91 -19.31
C ASN D 119 20.28 27.42 -19.73
N ILE D 120 19.50 26.88 -18.78
CA ILE D 120 18.04 26.87 -18.88
C ILE D 120 17.54 28.32 -18.79
N ILE D 121 16.60 28.73 -19.66
CA ILE D 121 16.00 30.08 -19.64
C ILE D 121 15.19 30.27 -18.35
N PRO D 122 15.47 31.26 -17.49
CA PRO D 122 14.81 31.45 -16.20
C PRO D 122 13.49 32.25 -16.31
N LEU D 123 12.58 32.03 -15.36
CA LEU D 123 11.23 32.63 -15.35
C LEU D 123 11.05 33.77 -14.33
N THR D 124 11.74 33.73 -13.20
CA THR D 124 11.69 34.78 -12.15
C THR D 124 12.40 36.06 -12.56
N THR D 125 11.92 37.22 -12.10
CA THR D 125 12.56 38.53 -12.33
C THR D 125 13.95 38.62 -11.70
N ALA D 126 14.84 39.43 -12.28
CA ALA D 126 16.23 39.59 -11.88
C ALA D 126 17.07 38.28 -11.83
N ALA D 127 16.65 37.24 -12.55
CA ALA D 127 17.45 36.03 -12.79
C ALA D 127 18.43 36.19 -13.97
N LYS D 128 19.56 35.48 -13.92
CA LYS D 128 20.68 35.53 -14.88
C LYS D 128 20.46 34.58 -16.07
N LEU D 129 20.70 35.07 -17.29
CA LEU D 129 20.73 34.30 -18.54
C LEU D 129 22.05 34.54 -19.27
N MET D 130 22.58 33.52 -19.96
CA MET D 130 23.75 33.62 -20.84
C MET D 130 23.46 33.04 -22.22
N VAL D 131 23.79 33.79 -23.28
CA VAL D 131 23.50 33.40 -24.69
C VAL D 131 24.70 33.64 -25.58
N VAL D 132 24.99 32.70 -26.49
CA VAL D 132 26.03 32.84 -27.52
C VAL D 132 25.55 33.74 -28.66
N ILE D 133 26.34 34.71 -29.11
CA ILE D 133 26.04 35.52 -30.31
C ILE D 133 27.05 35.17 -31.43
N PRO D 134 26.61 34.58 -32.56
CA PRO D 134 27.51 34.10 -33.61
C PRO D 134 28.31 35.16 -34.36
N ASP D 135 27.67 36.27 -34.73
CA ASP D 135 28.20 37.30 -35.62
C ASP D 135 27.41 38.62 -35.48
N TYR D 136 27.95 39.74 -35.96
CA TYR D 136 27.32 41.05 -35.84
C TYR D 136 25.92 41.12 -36.48
N ASN D 137 25.65 40.35 -37.53
CA ASN D 137 24.32 40.25 -38.14
C ASN D 137 23.24 39.78 -37.14
N THR D 138 23.58 38.88 -36.21
CA THR D 138 22.68 38.47 -35.12
C THR D 138 22.63 39.53 -34.02
N TYR D 139 23.77 40.13 -33.66
CA TYR D 139 23.83 41.18 -32.64
C TYR D 139 22.93 42.37 -33.01
N LYS D 140 22.94 42.79 -34.27
CA LYS D 140 22.15 43.91 -34.79
C LYS D 140 20.64 43.71 -34.62
N ASN D 141 20.16 42.50 -34.87
CA ASN D 141 18.74 42.17 -34.67
C ASN D 141 18.39 42.06 -33.17
N THR D 142 19.20 41.34 -32.40
CA THR D 142 18.92 41.01 -30.99
C THR D 142 19.08 42.15 -29.97
N CYS D 143 20.15 42.95 -30.06
CA CYS D 143 20.51 43.95 -29.05
C CYS D 143 20.01 45.36 -29.39
N ASP D 144 19.69 46.15 -28.36
CA ASP D 144 19.26 47.54 -28.46
C ASP D 144 19.73 48.33 -27.23
N GLY D 145 20.80 49.13 -27.39
CA GLY D 145 21.41 49.90 -26.30
C GLY D 145 21.93 49.02 -25.17
N THR D 146 21.39 49.19 -23.96
CA THR D 146 21.68 48.36 -22.77
C THR D 146 20.89 47.04 -22.73
N THR D 147 20.01 46.79 -23.71
CA THR D 147 19.04 45.67 -23.68
C THR D 147 19.25 44.62 -24.76
N PHE D 148 18.75 43.43 -24.47
CA PHE D 148 18.72 42.25 -25.33
C PHE D 148 17.27 41.71 -25.37
N THR D 149 16.79 41.27 -26.53
CA THR D 149 15.42 40.74 -26.70
C THR D 149 15.41 39.27 -27.11
N TYR D 150 14.81 38.41 -26.29
CA TYR D 150 14.85 36.95 -26.46
C TYR D 150 13.67 36.28 -25.74
N ALA D 151 13.07 35.25 -26.34
CA ALA D 151 11.93 34.52 -25.79
C ALA D 151 10.72 35.41 -25.44
N SER D 152 10.46 36.43 -26.26
CA SER D 152 9.41 37.45 -26.04
C SER D 152 9.52 38.19 -24.69
N ALA D 153 10.75 38.40 -24.23
CA ALA D 153 11.07 39.07 -22.98
C ALA D 153 12.27 40.02 -23.18
N LEU D 154 12.35 41.06 -22.34
CA LEU D 154 13.45 42.03 -22.36
C LEU D 154 14.42 41.69 -21.23
N TRP D 155 15.71 41.74 -21.57
CA TRP D 155 16.82 41.44 -20.67
C TRP D 155 17.79 42.62 -20.71
N GLU D 156 18.40 42.98 -19.58
CA GLU D 156 19.41 44.05 -19.52
C GLU D 156 20.81 43.43 -19.42
N ILE D 157 21.73 43.84 -20.31
CA ILE D 157 23.06 43.25 -20.41
C ILE D 157 23.91 43.69 -19.21
N GLN D 158 24.56 42.75 -18.52
CA GLN D 158 25.49 43.07 -17.43
C GLN D 158 26.97 42.82 -17.77
N GLN D 159 27.30 41.98 -18.75
CA GLN D 159 28.62 41.94 -19.39
C GLN D 159 28.57 41.25 -20.76
N VAL D 160 29.59 41.49 -21.60
CA VAL D 160 29.84 40.78 -22.86
C VAL D 160 31.28 40.30 -22.90
N VAL D 161 31.52 39.08 -23.38
CA VAL D 161 32.81 38.38 -23.33
C VAL D 161 33.15 37.76 -24.68
N ASP D 162 34.40 37.87 -25.13
CA ASP D 162 34.84 37.29 -26.42
C ASP D 162 35.28 35.81 -26.34
N ALA D 163 35.64 35.21 -27.48
CA ALA D 163 36.06 33.81 -27.54
C ALA D 163 37.36 33.50 -26.75
N ASP D 164 38.16 34.52 -26.44
CA ASP D 164 39.38 34.41 -25.63
C ASP D 164 39.15 34.74 -24.13
N SER D 165 37.89 34.88 -23.71
CA SER D 165 37.43 35.21 -22.35
C SER D 165 37.74 36.63 -21.86
N LYS D 166 38.03 37.57 -22.77
CA LYS D 166 38.23 39.00 -22.43
C LYS D 166 36.90 39.77 -22.43
N ILE D 167 36.71 40.70 -21.50
CA ILE D 167 35.51 41.56 -21.44
C ILE D 167 35.51 42.59 -22.59
N VAL D 168 34.37 42.74 -23.26
CA VAL D 168 34.13 43.72 -24.35
C VAL D 168 33.14 44.77 -23.88
N GLN D 169 33.46 46.06 -24.02
CA GLN D 169 32.53 47.15 -23.71
C GLN D 169 31.48 47.36 -24.82
N LEU D 170 30.27 47.79 -24.44
CA LEU D 170 29.16 47.95 -25.38
C LEU D 170 29.39 49.02 -26.47
N SER D 171 30.33 49.93 -26.26
CA SER D 171 30.78 50.91 -27.26
C SER D 171 31.65 50.30 -28.37
N GLU D 172 32.25 49.12 -28.16
CA GLU D 172 33.16 48.48 -29.13
C GLU D 172 32.42 47.74 -30.26
N ILE D 173 31.22 47.22 -29.98
CA ILE D 173 30.48 46.36 -30.89
C ILE D 173 29.69 47.24 -31.88
N SER D 174 30.26 47.46 -33.06
CA SER D 174 29.67 48.22 -34.17
C SER D 174 30.18 47.62 -35.49
N MET D 175 29.43 47.82 -36.59
CA MET D 175 29.69 47.13 -37.87
C MET D 175 31.12 47.33 -38.36
N ASP D 176 31.61 48.57 -38.38
CA ASP D 176 32.94 48.93 -38.87
C ASP D 176 34.07 48.30 -38.04
N ASN D 177 33.94 48.29 -36.71
CA ASN D 177 34.92 47.68 -35.80
C ASN D 177 34.78 46.14 -35.69
N SER D 178 33.65 45.56 -36.11
CA SER D 178 33.32 44.16 -35.84
C SER D 178 34.35 43.11 -36.30
N PRO D 179 35.12 43.26 -37.40
CA PRO D 179 36.16 42.28 -37.77
C PRO D 179 37.33 42.16 -36.79
N ASN D 180 37.50 43.12 -35.88
CA ASN D 180 38.56 43.12 -34.87
C ASN D 180 38.24 42.25 -33.64
N LEU D 181 36.97 41.90 -33.42
CA LEU D 181 36.51 41.12 -32.27
C LEU D 181 36.66 39.60 -32.48
N ALA D 182 36.91 38.85 -31.42
CA ALA D 182 36.98 37.39 -31.44
C ALA D 182 35.59 36.74 -31.26
N TRP D 183 34.80 36.71 -32.34
CA TRP D 183 33.51 35.99 -32.41
C TRP D 183 33.69 34.47 -32.25
N PRO D 184 32.68 33.74 -31.73
CA PRO D 184 31.39 34.22 -31.22
C PRO D 184 31.51 34.82 -29.81
N LEU D 185 30.71 35.85 -29.53
CA LEU D 185 30.64 36.47 -28.20
C LEU D 185 29.72 35.67 -27.27
N ILE D 186 29.89 35.79 -25.96
CA ILE D 186 28.88 35.41 -24.97
C ILE D 186 28.33 36.68 -24.33
N VAL D 187 27.00 36.83 -24.32
CA VAL D 187 26.29 37.93 -23.65
C VAL D 187 25.70 37.39 -22.35
N THR D 188 25.94 38.08 -21.24
CA THR D 188 25.26 37.80 -19.95
C THR D 188 24.25 38.91 -19.66
N ALA D 189 23.00 38.55 -19.41
CA ALA D 189 21.90 39.47 -19.23
C ALA D 189 20.99 39.07 -18.08
N LEU D 190 20.13 39.98 -17.63
CA LEU D 190 19.32 39.82 -16.43
C LEU D 190 17.84 40.13 -16.77
N ARG D 191 16.88 39.33 -16.30
CA ARG D 191 15.45 39.50 -16.69
C ARG D 191 14.86 40.80 -16.17
N ALA D 192 14.33 41.63 -17.06
CA ALA D 192 13.68 42.91 -16.75
C ALA D 192 12.15 42.86 -16.95
N ASN D 193 11.41 43.45 -16.00
CA ASN D 193 9.95 43.58 -16.02
C ASN D 193 9.48 44.78 -15.19
#